data_2O9X
# 
_entry.id   2O9X 
# 
_audit_conform.dict_name       mmcif_pdbx.dic 
_audit_conform.dict_version    5.398 
_audit_conform.dict_location   http://mmcif.pdb.org/dictionaries/ascii/mmcif_pdbx.dic 
# 
loop_
_database_2.database_id 
_database_2.database_code 
_database_2.pdbx_database_accession 
_database_2.pdbx_DOI 
PDB   2O9X         pdb_00002o9x 10.2210/pdb2o9x/pdb 
RCSB  RCSB040871   ?            ?                   
WWPDB D_1000040871 ?            ?                   
# 
loop_
_pdbx_audit_revision_history.ordinal 
_pdbx_audit_revision_history.data_content_type 
_pdbx_audit_revision_history.major_revision 
_pdbx_audit_revision_history.minor_revision 
_pdbx_audit_revision_history.revision_date 
1 'Structure model' 1 0 2007-01-16 
2 'Structure model' 1 1 2008-05-01 
3 'Structure model' 1 2 2011-07-13 
4 'Structure model' 1 3 2017-10-18 
5 'Structure model' 1 4 2022-04-13 
6 'Structure model' 1 5 2023-12-27 
7 'Structure model' 1 6 2024-11-06 
# 
_pdbx_audit_revision_details.ordinal             1 
_pdbx_audit_revision_details.revision_ordinal    1 
_pdbx_audit_revision_details.data_content_type   'Structure model' 
_pdbx_audit_revision_details.provider            repository 
_pdbx_audit_revision_details.type                'Initial release' 
_pdbx_audit_revision_details.description         ? 
_pdbx_audit_revision_details.details             ? 
# 
loop_
_pdbx_audit_revision_group.ordinal 
_pdbx_audit_revision_group.revision_ordinal 
_pdbx_audit_revision_group.data_content_type 
_pdbx_audit_revision_group.group 
1  2 'Structure model' 'Version format compliance' 
2  3 'Structure model' Advisory                    
3  3 'Structure model' 'Derived calculations'      
4  3 'Structure model' 'Version format compliance' 
5  4 'Structure model' 'Refinement description'    
6  5 'Structure model' 'Database references'       
7  5 'Structure model' 'Derived calculations'      
8  5 'Structure model' 'Structure summary'         
9  6 'Structure model' 'Data collection'           
10 7 'Structure model' 'Structure summary'         
# 
loop_
_pdbx_audit_revision_category.ordinal 
_pdbx_audit_revision_category.revision_ordinal 
_pdbx_audit_revision_category.data_content_type 
_pdbx_audit_revision_category.category 
1  4 'Structure model' software                  
2  5 'Structure model' audit_author              
3  5 'Structure model' citation_author           
4  5 'Structure model' database_2                
5  5 'Structure model' struct_conn               
6  5 'Structure model' struct_ref_seq_dif        
7  6 'Structure model' chem_comp_atom            
8  6 'Structure model' chem_comp_bond            
9  7 'Structure model' pdbx_entry_details        
10 7 'Structure model' pdbx_modification_feature 
# 
loop_
_pdbx_audit_revision_item.ordinal 
_pdbx_audit_revision_item.revision_ordinal 
_pdbx_audit_revision_item.data_content_type 
_pdbx_audit_revision_item.item 
1 5 'Structure model' '_audit_author.identifier_ORCID'      
2 5 'Structure model' '_citation_author.identifier_ORCID'   
3 5 'Structure model' '_database_2.pdbx_DOI'                
4 5 'Structure model' '_database_2.pdbx_database_accession' 
5 5 'Structure model' '_struct_conn.pdbx_leaving_atom_flag' 
6 5 'Structure model' '_struct_ref_seq_dif.details'         
# 
_pdbx_database_PDB_obs_spr.id               SPRSDE 
_pdbx_database_PDB_obs_spr.date             2007-03-13 
_pdbx_database_PDB_obs_spr.pdb_id           2O9X 
_pdbx_database_PDB_obs_spr.replace_pdb_id   1ZE0 
_pdbx_database_PDB_obs_spr.details          ? 
# 
_pdbx_database_status.status_code                     REL 
_pdbx_database_status.entry_id                        2O9X 
_pdbx_database_status.recvd_initial_deposition_date   2006-12-14 
_pdbx_database_status.deposit_site                    RCSB 
_pdbx_database_status.process_site                    RCSB 
_pdbx_database_status.status_code_sf                  REL 
_pdbx_database_status.status_code_mr                  ? 
_pdbx_database_status.SG_entry                        Y 
_pdbx_database_status.pdb_format_compatible           Y 
_pdbx_database_status.status_code_cs                  ? 
_pdbx_database_status.methods_development_category    ? 
_pdbx_database_status.status_code_nmr_data            ? 
# 
_pdbx_database_related.db_name        TargetDB 
_pdbx_database_related.db_id          APC5565 
_pdbx_database_related.details        . 
_pdbx_database_related.content_type   unspecified 
# 
loop_
_audit_author.name 
_audit_author.pdbx_ordinal 
_audit_author.identifier_ORCID 
'Kirillova, O.'                                 1  ?                   
'Chruszcz, M.'                                  2  ?                   
'Skarina, T.'                                   3  ?                   
'Gorodichtchenskaia, E.'                        4  ?                   
'Cymborowski, M.'                               5  ?                   
'Shumilin, I.'                                  6  ?                   
'Savchenko, A.'                                 7  ?                   
'Edwards, A.'                                   8  ?                   
'Minor, W.'                                     9  0000-0001-7075-7090 
'Midwest Center for Structural Genomics (MCSG)' 10 ?                   
# 
_citation.id                        primary 
_citation.title                     
'An extremely SAD case: structure of a putative redox-enzyme maturation protein from Archaeoglobus fulgidus at 3.4 A resolution.' 
_citation.journal_abbrev            'Acta Crystallogr.,Sect.D' 
_citation.journal_volume            63 
_citation.page_first                348 
_citation.page_last                 354 
_citation.year                      2007 
_citation.journal_id_ASTM           ABCRE6 
_citation.country                   DK 
_citation.journal_id_ISSN           0907-4449 
_citation.journal_id_CSD            0766 
_citation.book_publisher            ? 
_citation.pdbx_database_id_PubMed   17327672 
_citation.pdbx_database_id_DOI      10.1107/S0907444906055065 
# 
loop_
_citation_author.citation_id 
_citation_author.name 
_citation_author.ordinal 
_citation_author.identifier_ORCID 
primary 'Kirillova, O.'          1 ?                   
primary 'Chruszcz, M.'           2 ?                   
primary 'Shumilin, I.A.'         3 ?                   
primary 'Skarina, T.'            4 ?                   
primary 'Gorodichtchenskaia, E.' 5 ?                   
primary 'Cymborowski, M.'        6 ?                   
primary 'Savchenko, A.'          7 ?                   
primary 'Edwards, A.'            8 ?                   
primary 'Minor, W.'              9 0000-0001-7075-7090 
# 
_entity.id                         1 
_entity.type                       polymer 
_entity.src_method                 man 
_entity.pdbx_description           'Reductase, assembly protein' 
_entity.formula_weight             20957.082 
_entity.pdbx_number_of_molecules   1 
_entity.pdbx_ec                    ? 
_entity.pdbx_mutation              ? 
_entity.pdbx_fragment              ? 
_entity.details                    ? 
# 
_entity_poly.entity_id                      1 
_entity_poly.type                           'polypeptide(L)' 
_entity_poly.nstd_linkage                   no 
_entity_poly.nstd_monomer                   yes 
_entity_poly.pdbx_seq_one_letter_code       
;(MSE)GSSHHHHHHSSGRENLYFQGH(MSE)REHLKLFSLIFSYPDEDKLGKAIALAEGIGLTEIAQTLKQVDIEALQVE
YTSLFISSHPSVPCPPYQSYFEEGSVYGKASLRAAELYSKYGLNYVYESEPPDHISVELEFLS(MSE)NPELLSDFRDWF
LEFAKCVEEKSEIYATFARAFRKFLEKPSKVQS
;
_entity_poly.pdbx_seq_one_letter_code_can   
;MGSSHHHHHHSSGRENLYFQGHMREHLKLFSLIFSYPDEDKLGKAIALAEGIGLTEIAQTLKQVDIEALQVEYTSLFISS
HPSVPCPPYQSYFEEGSVYGKASLRAAELYSKYGLNYVYESEPPDHISVELEFLSMNPELLSDFRDWFLEFAKCVEEKSE
IYATFARAFRKFLEKPSKVQS
;
_entity_poly.pdbx_strand_id                 A 
_entity_poly.pdbx_target_identifier         APC5565 
# 
loop_
_entity_poly_seq.entity_id 
_entity_poly_seq.num 
_entity_poly_seq.mon_id 
_entity_poly_seq.hetero 
1 1   MSE n 
1 2   GLY n 
1 3   SER n 
1 4   SER n 
1 5   HIS n 
1 6   HIS n 
1 7   HIS n 
1 8   HIS n 
1 9   HIS n 
1 10  HIS n 
1 11  SER n 
1 12  SER n 
1 13  GLY n 
1 14  ARG n 
1 15  GLU n 
1 16  ASN n 
1 17  LEU n 
1 18  TYR n 
1 19  PHE n 
1 20  GLN n 
1 21  GLY n 
1 22  HIS n 
1 23  MSE n 
1 24  ARG n 
1 25  GLU n 
1 26  HIS n 
1 27  LEU n 
1 28  LYS n 
1 29  LEU n 
1 30  PHE n 
1 31  SER n 
1 32  LEU n 
1 33  ILE n 
1 34  PHE n 
1 35  SER n 
1 36  TYR n 
1 37  PRO n 
1 38  ASP n 
1 39  GLU n 
1 40  ASP n 
1 41  LYS n 
1 42  LEU n 
1 43  GLY n 
1 44  LYS n 
1 45  ALA n 
1 46  ILE n 
1 47  ALA n 
1 48  LEU n 
1 49  ALA n 
1 50  GLU n 
1 51  GLY n 
1 52  ILE n 
1 53  GLY n 
1 54  LEU n 
1 55  THR n 
1 56  GLU n 
1 57  ILE n 
1 58  ALA n 
1 59  GLN n 
1 60  THR n 
1 61  LEU n 
1 62  LYS n 
1 63  GLN n 
1 64  VAL n 
1 65  ASP n 
1 66  ILE n 
1 67  GLU n 
1 68  ALA n 
1 69  LEU n 
1 70  GLN n 
1 71  VAL n 
1 72  GLU n 
1 73  TYR n 
1 74  THR n 
1 75  SER n 
1 76  LEU n 
1 77  PHE n 
1 78  ILE n 
1 79  SER n 
1 80  SER n 
1 81  HIS n 
1 82  PRO n 
1 83  SER n 
1 84  VAL n 
1 85  PRO n 
1 86  CYS n 
1 87  PRO n 
1 88  PRO n 
1 89  TYR n 
1 90  GLN n 
1 91  SER n 
1 92  TYR n 
1 93  PHE n 
1 94  GLU n 
1 95  GLU n 
1 96  GLY n 
1 97  SER n 
1 98  VAL n 
1 99  TYR n 
1 100 GLY n 
1 101 LYS n 
1 102 ALA n 
1 103 SER n 
1 104 LEU n 
1 105 ARG n 
1 106 ALA n 
1 107 ALA n 
1 108 GLU n 
1 109 LEU n 
1 110 TYR n 
1 111 SER n 
1 112 LYS n 
1 113 TYR n 
1 114 GLY n 
1 115 LEU n 
1 116 ASN n 
1 117 TYR n 
1 118 VAL n 
1 119 TYR n 
1 120 GLU n 
1 121 SER n 
1 122 GLU n 
1 123 PRO n 
1 124 PRO n 
1 125 ASP n 
1 126 HIS n 
1 127 ILE n 
1 128 SER n 
1 129 VAL n 
1 130 GLU n 
1 131 LEU n 
1 132 GLU n 
1 133 PHE n 
1 134 LEU n 
1 135 SER n 
1 136 MSE n 
1 137 ASN n 
1 138 PRO n 
1 139 GLU n 
1 140 LEU n 
1 141 LEU n 
1 142 SER n 
1 143 ASP n 
1 144 PHE n 
1 145 ARG n 
1 146 ASP n 
1 147 TRP n 
1 148 PHE n 
1 149 LEU n 
1 150 GLU n 
1 151 PHE n 
1 152 ALA n 
1 153 LYS n 
1 154 CYS n 
1 155 VAL n 
1 156 GLU n 
1 157 GLU n 
1 158 LYS n 
1 159 SER n 
1 160 GLU n 
1 161 ILE n 
1 162 TYR n 
1 163 ALA n 
1 164 THR n 
1 165 PHE n 
1 166 ALA n 
1 167 ARG n 
1 168 ALA n 
1 169 PHE n 
1 170 ARG n 
1 171 LYS n 
1 172 PHE n 
1 173 LEU n 
1 174 GLU n 
1 175 LYS n 
1 176 PRO n 
1 177 SER n 
1 178 LYS n 
1 179 VAL n 
1 180 GLN n 
1 181 SER n 
# 
_entity_src_gen.entity_id                          1 
_entity_src_gen.pdbx_src_id                        1 
_entity_src_gen.pdbx_alt_source_flag               sample 
_entity_src_gen.pdbx_seq_type                      ? 
_entity_src_gen.pdbx_beg_seq_num                   ? 
_entity_src_gen.pdbx_end_seq_num                   ? 
_entity_src_gen.gene_src_common_name               ? 
_entity_src_gen.gene_src_genus                     Archaeoglobus 
_entity_src_gen.pdbx_gene_src_gene                 AF0173 
_entity_src_gen.gene_src_species                   ? 
_entity_src_gen.gene_src_strain                    ? 
_entity_src_gen.gene_src_tissue                    ? 
_entity_src_gen.gene_src_tissue_fraction           ? 
_entity_src_gen.gene_src_details                   ? 
_entity_src_gen.pdbx_gene_src_fragment             ? 
_entity_src_gen.pdbx_gene_src_scientific_name      'Archaeoglobus fulgidus' 
_entity_src_gen.pdbx_gene_src_ncbi_taxonomy_id     2234 
_entity_src_gen.pdbx_gene_src_variant              ? 
_entity_src_gen.pdbx_gene_src_cell_line            ? 
_entity_src_gen.pdbx_gene_src_atcc                 ? 
_entity_src_gen.pdbx_gene_src_organ                ? 
_entity_src_gen.pdbx_gene_src_organelle            ? 
_entity_src_gen.pdbx_gene_src_cell                 ? 
_entity_src_gen.pdbx_gene_src_cellular_location    ? 
_entity_src_gen.host_org_common_name               ? 
_entity_src_gen.pdbx_host_org_scientific_name      'Escherichia coli' 
_entity_src_gen.pdbx_host_org_ncbi_taxonomy_id     562 
_entity_src_gen.host_org_genus                     Escherichia 
_entity_src_gen.pdbx_host_org_gene                 ? 
_entity_src_gen.pdbx_host_org_organ                ? 
_entity_src_gen.host_org_species                   ? 
_entity_src_gen.pdbx_host_org_tissue               ? 
_entity_src_gen.pdbx_host_org_tissue_fraction      ? 
_entity_src_gen.pdbx_host_org_strain               'BL21-GOLD (DE3)' 
_entity_src_gen.pdbx_host_org_variant              ? 
_entity_src_gen.pdbx_host_org_cell_line            ? 
_entity_src_gen.pdbx_host_org_atcc                 ? 
_entity_src_gen.pdbx_host_org_culture_collection   ? 
_entity_src_gen.pdbx_host_org_cell                 ? 
_entity_src_gen.pdbx_host_org_organelle            ? 
_entity_src_gen.pdbx_host_org_cellular_location    ? 
_entity_src_gen.pdbx_host_org_vector_type          PLASMID 
_entity_src_gen.pdbx_host_org_vector               ? 
_entity_src_gen.host_org_details                   ? 
_entity_src_gen.expression_system_id               ? 
_entity_src_gen.plasmid_name                       PET15B 
_entity_src_gen.plasmid_details                    ? 
_entity_src_gen.pdbx_description                   ? 
# 
loop_
_chem_comp.id 
_chem_comp.type 
_chem_comp.mon_nstd_flag 
_chem_comp.name 
_chem_comp.pdbx_synonyms 
_chem_comp.formula 
_chem_comp.formula_weight 
ALA 'L-peptide linking' y ALANINE          ? 'C3 H7 N O2'     89.093  
ARG 'L-peptide linking' y ARGININE         ? 'C6 H15 N4 O2 1' 175.209 
ASN 'L-peptide linking' y ASPARAGINE       ? 'C4 H8 N2 O3'    132.118 
ASP 'L-peptide linking' y 'ASPARTIC ACID'  ? 'C4 H7 N O4'     133.103 
CYS 'L-peptide linking' y CYSTEINE         ? 'C3 H7 N O2 S'   121.158 
GLN 'L-peptide linking' y GLUTAMINE        ? 'C5 H10 N2 O3'   146.144 
GLU 'L-peptide linking' y 'GLUTAMIC ACID'  ? 'C5 H9 N O4'     147.129 
GLY 'peptide linking'   y GLYCINE          ? 'C2 H5 N O2'     75.067  
HIS 'L-peptide linking' y HISTIDINE        ? 'C6 H10 N3 O2 1' 156.162 
ILE 'L-peptide linking' y ISOLEUCINE       ? 'C6 H13 N O2'    131.173 
LEU 'L-peptide linking' y LEUCINE          ? 'C6 H13 N O2'    131.173 
LYS 'L-peptide linking' y LYSINE           ? 'C6 H15 N2 O2 1' 147.195 
MET 'L-peptide linking' y METHIONINE       ? 'C5 H11 N O2 S'  149.211 
MSE 'L-peptide linking' n SELENOMETHIONINE ? 'C5 H11 N O2 Se' 196.106 
PHE 'L-peptide linking' y PHENYLALANINE    ? 'C9 H11 N O2'    165.189 
PRO 'L-peptide linking' y PROLINE          ? 'C5 H9 N O2'     115.130 
SER 'L-peptide linking' y SERINE           ? 'C3 H7 N O3'     105.093 
THR 'L-peptide linking' y THREONINE        ? 'C4 H9 N O3'     119.119 
TRP 'L-peptide linking' y TRYPTOPHAN       ? 'C11 H12 N2 O2'  204.225 
TYR 'L-peptide linking' y TYROSINE         ? 'C9 H11 N O3'    181.189 
VAL 'L-peptide linking' y VALINE           ? 'C5 H11 N O2'    117.146 
# 
loop_
_pdbx_poly_seq_scheme.asym_id 
_pdbx_poly_seq_scheme.entity_id 
_pdbx_poly_seq_scheme.seq_id 
_pdbx_poly_seq_scheme.mon_id 
_pdbx_poly_seq_scheme.ndb_seq_num 
_pdbx_poly_seq_scheme.pdb_seq_num 
_pdbx_poly_seq_scheme.auth_seq_num 
_pdbx_poly_seq_scheme.pdb_mon_id 
_pdbx_poly_seq_scheme.auth_mon_id 
_pdbx_poly_seq_scheme.pdb_strand_id 
_pdbx_poly_seq_scheme.pdb_ins_code 
_pdbx_poly_seq_scheme.hetero 
A 1 1   MSE 1   -21 ?   ?   ?   A . n 
A 1 2   GLY 2   -20 ?   ?   ?   A . n 
A 1 3   SER 3   -19 ?   ?   ?   A . n 
A 1 4   SER 4   -18 ?   ?   ?   A . n 
A 1 5   HIS 5   -17 ?   ?   ?   A . n 
A 1 6   HIS 6   -16 ?   ?   ?   A . n 
A 1 7   HIS 7   -15 ?   ?   ?   A . n 
A 1 8   HIS 8   -14 ?   ?   ?   A . n 
A 1 9   HIS 9   -13 ?   ?   ?   A . n 
A 1 10  HIS 10  -12 ?   ?   ?   A . n 
A 1 11  SER 11  -11 ?   ?   ?   A . n 
A 1 12  SER 12  -10 ?   ?   ?   A . n 
A 1 13  GLY 13  -9  ?   ?   ?   A . n 
A 1 14  ARG 14  -8  -8  ARG ARG A . n 
A 1 15  GLU 15  -7  -7  GLU GLU A . n 
A 1 16  ASN 16  -6  -6  ASN ASN A . n 
A 1 17  LEU 17  -5  -5  LEU LEU A . n 
A 1 18  TYR 18  -4  -4  TYR TYR A . n 
A 1 19  PHE 19  -3  -3  PHE PHE A . n 
A 1 20  GLN 20  -2  -2  GLN GLN A . n 
A 1 21  GLY 21  -1  -1  GLY GLY A . n 
A 1 22  HIS 22  0   0   HIS HIS A . n 
A 1 23  MSE 23  1   1   MSE MSE A . n 
A 1 24  ARG 24  2   2   ARG ARG A . n 
A 1 25  GLU 25  3   3   GLU GLU A . n 
A 1 26  HIS 26  4   4   HIS HIS A . n 
A 1 27  LEU 27  5   5   LEU LEU A . n 
A 1 28  LYS 28  6   6   LYS LYS A . n 
A 1 29  LEU 29  7   7   LEU LEU A . n 
A 1 30  PHE 30  8   8   PHE PHE A . n 
A 1 31  SER 31  9   9   SER SER A . n 
A 1 32  LEU 32  10  10  LEU LEU A . n 
A 1 33  ILE 33  11  11  ILE ILE A . n 
A 1 34  PHE 34  12  12  PHE PHE A . n 
A 1 35  SER 35  13  13  SER SER A . n 
A 1 36  TYR 36  14  14  TYR TYR A . n 
A 1 37  PRO 37  15  15  PRO PRO A . n 
A 1 38  ASP 38  16  16  ASP ASP A . n 
A 1 39  GLU 39  17  17  GLU GLU A . n 
A 1 40  ASP 40  18  18  ASP ASP A . n 
A 1 41  LYS 41  19  19  LYS LYS A . n 
A 1 42  LEU 42  20  20  LEU LEU A . n 
A 1 43  GLY 43  21  21  GLY GLY A . n 
A 1 44  LYS 44  22  22  LYS LYS A . n 
A 1 45  ALA 45  23  23  ALA ALA A . n 
A 1 46  ILE 46  24  24  ILE ILE A . n 
A 1 47  ALA 47  25  25  ALA ALA A . n 
A 1 48  LEU 48  26  26  LEU LEU A . n 
A 1 49  ALA 49  27  27  ALA ALA A . n 
A 1 50  GLU 50  28  28  GLU GLU A . n 
A 1 51  GLY 51  29  29  GLY GLY A . n 
A 1 52  ILE 52  30  30  ILE ILE A . n 
A 1 53  GLY 53  31  31  GLY GLY A . n 
A 1 54  LEU 54  32  32  LEU LEU A . n 
A 1 55  THR 55  33  33  THR THR A . n 
A 1 56  GLU 56  34  34  GLU GLU A . n 
A 1 57  ILE 57  35  35  ILE ILE A . n 
A 1 58  ALA 58  36  36  ALA ALA A . n 
A 1 59  GLN 59  37  37  GLN GLN A . n 
A 1 60  THR 60  38  38  THR THR A . n 
A 1 61  LEU 61  39  39  LEU LEU A . n 
A 1 62  LYS 62  40  40  LYS LYS A . n 
A 1 63  GLN 63  41  41  GLN GLN A . n 
A 1 64  VAL 64  42  42  VAL VAL A . n 
A 1 65  ASP 65  43  43  ASP ASP A . n 
A 1 66  ILE 66  44  44  ILE ILE A . n 
A 1 67  GLU 67  45  45  GLU GLU A . n 
A 1 68  ALA 68  46  46  ALA ALA A . n 
A 1 69  LEU 69  47  47  LEU LEU A . n 
A 1 70  GLN 70  48  48  GLN GLN A . n 
A 1 71  VAL 71  49  49  VAL VAL A . n 
A 1 72  GLU 72  50  50  GLU GLU A . n 
A 1 73  TYR 73  51  51  TYR TYR A . n 
A 1 74  THR 74  52  52  THR THR A . n 
A 1 75  SER 75  53  53  SER SER A . n 
A 1 76  LEU 76  54  54  LEU LEU A . n 
A 1 77  PHE 77  55  55  PHE PHE A . n 
A 1 78  ILE 78  56  56  ILE ILE A . n 
A 1 79  SER 79  57  57  SER SER A . n 
A 1 80  SER 80  58  58  SER SER A . n 
A 1 81  HIS 81  59  59  HIS HIS A . n 
A 1 82  PRO 82  60  60  PRO PRO A . n 
A 1 83  SER 83  61  61  SER SER A . n 
A 1 84  VAL 84  62  62  VAL VAL A . n 
A 1 85  PRO 85  63  63  PRO PRO A . n 
A 1 86  CYS 86  64  64  CYS CYS A . n 
A 1 87  PRO 87  65  65  PRO PRO A . n 
A 1 88  PRO 88  66  66  PRO PRO A . n 
A 1 89  TYR 89  67  67  TYR TYR A . n 
A 1 90  GLN 90  68  68  GLN GLN A . n 
A 1 91  SER 91  69  69  SER SER A . n 
A 1 92  TYR 92  70  70  TYR TYR A . n 
A 1 93  PHE 93  71  71  PHE PHE A . n 
A 1 94  GLU 94  72  72  GLU GLU A . n 
A 1 95  GLU 95  73  73  GLU GLU A . n 
A 1 96  GLY 96  74  74  GLY GLY A . n 
A 1 97  SER 97  75  75  SER SER A . n 
A 1 98  VAL 98  76  76  VAL VAL A . n 
A 1 99  TYR 99  77  77  TYR TYR A . n 
A 1 100 GLY 100 78  78  GLY GLY A . n 
A 1 101 LYS 101 79  79  LYS LYS A . n 
A 1 102 ALA 102 80  80  ALA ALA A . n 
A 1 103 SER 103 81  81  SER SER A . n 
A 1 104 LEU 104 82  82  LEU LEU A . n 
A 1 105 ARG 105 83  83  ARG ARG A . n 
A 1 106 ALA 106 84  84  ALA ALA A . n 
A 1 107 ALA 107 85  85  ALA ALA A . n 
A 1 108 GLU 108 86  86  GLU GLU A . n 
A 1 109 LEU 109 87  87  LEU LEU A . n 
A 1 110 TYR 110 88  88  TYR TYR A . n 
A 1 111 SER 111 89  89  SER SER A . n 
A 1 112 LYS 112 90  90  LYS LYS A . n 
A 1 113 TYR 113 91  91  TYR TYR A . n 
A 1 114 GLY 114 92  92  GLY GLY A . n 
A 1 115 LEU 115 93  93  LEU LEU A . n 
A 1 116 ASN 116 94  94  ASN ASN A . n 
A 1 117 TYR 117 95  95  TYR TYR A . n 
A 1 118 VAL 118 96  96  VAL VAL A . n 
A 1 119 TYR 119 97  97  TYR TYR A . n 
A 1 120 GLU 120 98  98  GLU GLU A . n 
A 1 121 SER 121 99  99  SER SER A . n 
A 1 122 GLU 122 100 100 GLU GLU A . n 
A 1 123 PRO 123 101 101 PRO PRO A . n 
A 1 124 PRO 124 102 102 PRO PRO A . n 
A 1 125 ASP 125 103 103 ASP ASP A . n 
A 1 126 HIS 126 104 104 HIS HIS A . n 
A 1 127 ILE 127 105 105 ILE ILE A . n 
A 1 128 SER 128 106 106 SER SER A . n 
A 1 129 VAL 129 107 107 VAL VAL A . n 
A 1 130 GLU 130 108 108 GLU GLU A . n 
A 1 131 LEU 131 109 109 LEU LEU A . n 
A 1 132 GLU 132 110 110 GLU GLU A . n 
A 1 133 PHE 133 111 111 PHE PHE A . n 
A 1 134 LEU 134 112 112 LEU LEU A . n 
A 1 135 SER 135 113 113 SER SER A . n 
A 1 136 MSE 136 114 114 MSE MSE A . n 
A 1 137 ASN 137 115 115 ASN ASN A . n 
A 1 138 PRO 138 116 116 PRO PRO A . n 
A 1 139 GLU 139 117 117 GLU GLU A . n 
A 1 140 LEU 140 118 118 LEU LEU A . n 
A 1 141 LEU 141 119 119 LEU LEU A . n 
A 1 142 SER 142 120 120 SER SER A . n 
A 1 143 ASP 143 121 121 ASP ASP A . n 
A 1 144 PHE 144 122 122 PHE PHE A . n 
A 1 145 ARG 145 123 123 ARG ARG A . n 
A 1 146 ASP 146 124 124 ASP ASP A . n 
A 1 147 TRP 147 125 125 TRP TRP A . n 
A 1 148 PHE 148 126 126 PHE PHE A . n 
A 1 149 LEU 149 127 127 LEU LEU A . n 
A 1 150 GLU 150 128 128 GLU GLU A . n 
A 1 151 PHE 151 129 129 PHE PHE A . n 
A 1 152 ALA 152 130 130 ALA ALA A . n 
A 1 153 LYS 153 131 131 LYS LYS A . n 
A 1 154 CYS 154 132 132 CYS CYS A . n 
A 1 155 VAL 155 133 133 VAL VAL A . n 
A 1 156 GLU 156 134 134 GLU GLU A . n 
A 1 157 GLU 157 135 135 GLU GLU A . n 
A 1 158 LYS 158 136 136 LYS LYS A . n 
A 1 159 SER 159 137 137 SER SER A . n 
A 1 160 GLU 160 138 138 GLU GLU A . n 
A 1 161 ILE 161 139 139 ILE ILE A . n 
A 1 162 TYR 162 140 140 TYR TYR A . n 
A 1 163 ALA 163 141 141 ALA ALA A . n 
A 1 164 THR 164 142 142 THR THR A . n 
A 1 165 PHE 165 143 143 PHE PHE A . n 
A 1 166 ALA 166 144 144 ALA ALA A . n 
A 1 167 ARG 167 145 145 ARG ARG A . n 
A 1 168 ALA 168 146 146 ALA ALA A . n 
A 1 169 PHE 169 147 147 PHE PHE A . n 
A 1 170 ARG 170 148 148 ARG ARG A . n 
A 1 171 LYS 171 149 149 LYS LYS A . n 
A 1 172 PHE 172 150 150 PHE PHE A . n 
A 1 173 LEU 173 151 151 LEU LEU A . n 
A 1 174 GLU 174 152 152 GLU GLU A . n 
A 1 175 LYS 175 153 153 LYS LYS A . n 
A 1 176 PRO 176 154 ?   ?   ?   A . n 
A 1 177 SER 177 155 ?   ?   ?   A . n 
A 1 178 LYS 178 156 ?   ?   ?   A . n 
A 1 179 VAL 179 157 ?   ?   ?   A . n 
A 1 180 GLN 180 158 ?   ?   ?   A . n 
A 1 181 SER 181 159 ?   ?   ?   A . n 
# 
loop_
_pdbx_unobs_or_zero_occ_atoms.id 
_pdbx_unobs_or_zero_occ_atoms.PDB_model_num 
_pdbx_unobs_or_zero_occ_atoms.polymer_flag 
_pdbx_unobs_or_zero_occ_atoms.occupancy_flag 
_pdbx_unobs_or_zero_occ_atoms.auth_asym_id 
_pdbx_unobs_or_zero_occ_atoms.auth_comp_id 
_pdbx_unobs_or_zero_occ_atoms.auth_seq_id 
_pdbx_unobs_or_zero_occ_atoms.PDB_ins_code 
_pdbx_unobs_or_zero_occ_atoms.auth_atom_id 
_pdbx_unobs_or_zero_occ_atoms.label_alt_id 
_pdbx_unobs_or_zero_occ_atoms.label_asym_id 
_pdbx_unobs_or_zero_occ_atoms.label_comp_id 
_pdbx_unobs_or_zero_occ_atoms.label_seq_id 
_pdbx_unobs_or_zero_occ_atoms.label_atom_id 
1   1 Y 1 A ARG -8  ? CG  ? A ARG 14  CG  
2   1 Y 1 A ARG -8  ? CD  ? A ARG 14  CD  
3   1 Y 1 A ARG -8  ? NE  ? A ARG 14  NE  
4   1 Y 1 A ARG -8  ? CZ  ? A ARG 14  CZ  
5   1 Y 1 A ARG -8  ? NH1 ? A ARG 14  NH1 
6   1 Y 1 A ARG -8  ? NH2 ? A ARG 14  NH2 
7   1 Y 1 A GLU -7  ? CG  ? A GLU 15  CG  
8   1 Y 1 A GLU -7  ? CD  ? A GLU 15  CD  
9   1 Y 1 A GLU -7  ? OE1 ? A GLU 15  OE1 
10  1 Y 1 A GLU -7  ? OE2 ? A GLU 15  OE2 
11  1 Y 1 A LEU -5  ? CD1 ? A LEU 17  CD1 
12  1 Y 1 A LEU -5  ? CD2 ? A LEU 17  CD2 
13  1 Y 1 A GLN -2  ? CD  ? A GLN 20  CD  
14  1 Y 1 A GLN -2  ? OE1 ? A GLN 20  OE1 
15  1 Y 1 A GLN -2  ? NE2 ? A GLN 20  NE2 
16  1 Y 1 A GLU 3   ? CD  ? A GLU 25  CD  
17  1 Y 1 A GLU 3   ? OE1 ? A GLU 25  OE1 
18  1 Y 1 A GLU 3   ? OE2 ? A GLU 25  OE2 
19  1 Y 1 A LYS 6   ? CG  ? A LYS 28  CG  
20  1 Y 1 A LYS 6   ? CD  ? A LYS 28  CD  
21  1 Y 1 A LYS 6   ? CE  ? A LYS 28  CE  
22  1 Y 1 A LYS 6   ? NZ  ? A LYS 28  NZ  
23  1 Y 1 A LEU 7   ? CD1 ? A LEU 29  CD1 
24  1 Y 1 A LEU 7   ? CD2 ? A LEU 29  CD2 
25  1 Y 1 A ILE 11  ? CD1 ? A ILE 33  CD1 
26  1 Y 1 A GLU 17  ? CG  ? A GLU 39  CG  
27  1 Y 1 A GLU 17  ? CD  ? A GLU 39  CD  
28  1 Y 1 A GLU 17  ? OE1 ? A GLU 39  OE1 
29  1 Y 1 A GLU 17  ? OE2 ? A GLU 39  OE2 
30  1 Y 1 A ASP 18  ? OD1 ? A ASP 40  OD1 
31  1 Y 1 A ASP 18  ? OD2 ? A ASP 40  OD2 
32  1 Y 1 A LYS 19  ? CE  ? A LYS 41  CE  
33  1 Y 1 A LYS 19  ? NZ  ? A LYS 41  NZ  
34  1 Y 1 A LEU 20  ? CG  ? A LEU 42  CG  
35  1 Y 1 A LEU 20  ? CD1 ? A LEU 42  CD1 
36  1 Y 1 A LEU 20  ? CD2 ? A LEU 42  CD2 
37  1 Y 1 A LYS 22  ? CG  ? A LYS 44  CG  
38  1 Y 1 A LYS 22  ? CD  ? A LYS 44  CD  
39  1 Y 1 A LYS 22  ? CE  ? A LYS 44  CE  
40  1 Y 1 A LYS 22  ? NZ  ? A LYS 44  NZ  
41  1 Y 1 A ILE 24  ? CG1 ? A ILE 46  CG1 
42  1 Y 1 A ILE 24  ? CG2 ? A ILE 46  CG2 
43  1 Y 1 A ILE 24  ? CD1 ? A ILE 46  CD1 
44  1 Y 1 A LEU 26  ? CD1 ? A LEU 48  CD1 
45  1 Y 1 A LEU 26  ? CD2 ? A LEU 48  CD2 
46  1 Y 1 A GLU 28  ? CG  ? A GLU 50  CG  
47  1 Y 1 A GLU 28  ? CD  ? A GLU 50  CD  
48  1 Y 1 A GLU 28  ? OE1 ? A GLU 50  OE1 
49  1 Y 1 A GLU 28  ? OE2 ? A GLU 50  OE2 
50  1 Y 1 A ILE 30  ? CG1 ? A ILE 52  CG1 
51  1 Y 1 A ILE 30  ? CG2 ? A ILE 52  CG2 
52  1 Y 1 A ILE 30  ? CD1 ? A ILE 52  CD1 
53  1 Y 1 A LEU 32  ? CG  ? A LEU 54  CG  
54  1 Y 1 A LEU 32  ? CD1 ? A LEU 54  CD1 
55  1 Y 1 A LEU 32  ? CD2 ? A LEU 54  CD2 
56  1 Y 1 A GLU 34  ? CG  ? A GLU 56  CG  
57  1 Y 1 A GLU 34  ? CD  ? A GLU 56  CD  
58  1 Y 1 A GLU 34  ? OE1 ? A GLU 56  OE1 
59  1 Y 1 A GLU 34  ? OE2 ? A GLU 56  OE2 
60  1 Y 1 A ILE 35  ? CG1 ? A ILE 57  CG1 
61  1 Y 1 A ILE 35  ? CG2 ? A ILE 57  CG2 
62  1 Y 1 A ILE 35  ? CD1 ? A ILE 57  CD1 
63  1 Y 1 A GLN 37  ? CG  ? A GLN 59  CG  
64  1 Y 1 A GLN 37  ? CD  ? A GLN 59  CD  
65  1 Y 1 A GLN 37  ? OE1 ? A GLN 59  OE1 
66  1 Y 1 A GLN 37  ? NE2 ? A GLN 59  NE2 
67  1 Y 1 A THR 38  ? OG1 ? A THR 60  OG1 
68  1 Y 1 A THR 38  ? CG2 ? A THR 60  CG2 
69  1 Y 1 A LEU 39  ? CG  ? A LEU 61  CG  
70  1 Y 1 A LEU 39  ? CD1 ? A LEU 61  CD1 
71  1 Y 1 A LEU 39  ? CD2 ? A LEU 61  CD2 
72  1 Y 1 A LYS 40  ? CD  ? A LYS 62  CD  
73  1 Y 1 A LYS 40  ? CE  ? A LYS 62  CE  
74  1 Y 1 A LYS 40  ? NZ  ? A LYS 62  NZ  
75  1 Y 1 A GLN 41  ? CG  ? A GLN 63  CG  
76  1 Y 1 A GLN 41  ? CD  ? A GLN 63  CD  
77  1 Y 1 A GLN 41  ? OE1 ? A GLN 63  OE1 
78  1 Y 1 A GLN 41  ? NE2 ? A GLN 63  NE2 
79  1 Y 1 A ILE 44  ? CD1 ? A ILE 66  CD1 
80  1 Y 1 A GLU 45  ? CG  ? A GLU 67  CG  
81  1 Y 1 A GLU 45  ? CD  ? A GLU 67  CD  
82  1 Y 1 A GLU 45  ? OE1 ? A GLU 67  OE1 
83  1 Y 1 A GLU 45  ? OE2 ? A GLU 67  OE2 
84  1 Y 1 A ILE 56  ? CG1 ? A ILE 78  CG1 
85  1 Y 1 A ILE 56  ? CG2 ? A ILE 78  CG2 
86  1 Y 1 A ILE 56  ? CD1 ? A ILE 78  CD1 
87  1 Y 1 A SER 57  ? OG  ? A SER 79  OG  
88  1 Y 1 A SER 58  ? OG  ? A SER 80  OG  
89  1 Y 1 A HIS 59  ? CG  ? A HIS 81  CG  
90  1 Y 1 A HIS 59  ? ND1 ? A HIS 81  ND1 
91  1 Y 1 A HIS 59  ? CD2 ? A HIS 81  CD2 
92  1 Y 1 A HIS 59  ? CE1 ? A HIS 81  CE1 
93  1 Y 1 A HIS 59  ? NE2 ? A HIS 81  NE2 
94  1 Y 1 A SER 61  ? OG  ? A SER 83  OG  
95  1 Y 1 A VAL 62  ? CG1 ? A VAL 84  CG1 
96  1 Y 1 A VAL 62  ? CG2 ? A VAL 84  CG2 
97  1 Y 1 A TYR 70  ? CE1 ? A TYR 92  CE1 
98  1 Y 1 A TYR 70  ? CE2 ? A TYR 92  CE2 
99  1 Y 1 A TYR 70  ? CZ  ? A TYR 92  CZ  
100 1 Y 1 A TYR 70  ? OH  ? A TYR 92  OH  
101 1 Y 1 A PHE 71  ? CD1 ? A PHE 93  CD1 
102 1 Y 1 A PHE 71  ? CE1 ? A PHE 93  CE1 
103 1 Y 1 A PHE 71  ? CZ  ? A PHE 93  CZ  
104 1 Y 1 A SER 75  ? OG  ? A SER 97  OG  
105 1 Y 1 A LYS 79  ? CG  ? A LYS 101 CG  
106 1 Y 1 A LYS 79  ? CD  ? A LYS 101 CD  
107 1 Y 1 A LYS 79  ? CE  ? A LYS 101 CE  
108 1 Y 1 A LYS 79  ? NZ  ? A LYS 101 NZ  
109 1 Y 1 A LEU 82  ? CG  ? A LEU 104 CG  
110 1 Y 1 A LEU 82  ? CD1 ? A LEU 104 CD1 
111 1 Y 1 A LEU 82  ? CD2 ? A LEU 104 CD2 
112 1 Y 1 A GLU 86  ? CG  ? A GLU 108 CG  
113 1 Y 1 A GLU 86  ? CD  ? A GLU 108 CD  
114 1 Y 1 A GLU 86  ? OE1 ? A GLU 108 OE1 
115 1 Y 1 A GLU 86  ? OE2 ? A GLU 108 OE2 
116 1 Y 1 A LYS 90  ? CG  ? A LYS 112 CG  
117 1 Y 1 A LYS 90  ? CD  ? A LYS 112 CD  
118 1 Y 1 A LYS 90  ? CE  ? A LYS 112 CE  
119 1 Y 1 A LYS 90  ? NZ  ? A LYS 112 NZ  
120 1 Y 1 A LEU 93  ? CG  ? A LEU 115 CG  
121 1 Y 1 A LEU 93  ? CD1 ? A LEU 115 CD1 
122 1 Y 1 A LEU 93  ? CD2 ? A LEU 115 CD2 
123 1 Y 1 A VAL 96  ? CG1 ? A VAL 118 CG1 
124 1 Y 1 A VAL 96  ? CG2 ? A VAL 118 CG2 
125 1 Y 1 A GLU 98  ? CG  ? A GLU 120 CG  
126 1 Y 1 A GLU 98  ? CD  ? A GLU 120 CD  
127 1 Y 1 A GLU 98  ? OE1 ? A GLU 120 OE1 
128 1 Y 1 A GLU 98  ? OE2 ? A GLU 120 OE2 
129 1 Y 1 A SER 99  ? OG  ? A SER 121 OG  
130 1 Y 1 A ILE 105 ? CD1 ? A ILE 127 CD1 
131 1 Y 1 A GLU 110 ? CG  ? A GLU 132 CG  
132 1 Y 1 A GLU 110 ? CD  ? A GLU 132 CD  
133 1 Y 1 A GLU 110 ? OE1 ? A GLU 132 OE1 
134 1 Y 1 A GLU 110 ? OE2 ? A GLU 132 OE2 
135 1 Y 1 A LEU 112 ? CD1 ? A LEU 134 CD1 
136 1 Y 1 A LEU 112 ? CD2 ? A LEU 134 CD2 
137 1 Y 1 A SER 120 ? OG  ? A SER 142 OG  
138 1 Y 1 A PHE 122 ? CD1 ? A PHE 144 CD1 
139 1 Y 1 A PHE 122 ? CD2 ? A PHE 144 CD2 
140 1 Y 1 A PHE 122 ? CE1 ? A PHE 144 CE1 
141 1 Y 1 A PHE 122 ? CE2 ? A PHE 144 CE2 
142 1 Y 1 A PHE 122 ? CZ  ? A PHE 144 CZ  
143 1 Y 1 A PHE 126 ? CE1 ? A PHE 148 CE1 
144 1 Y 1 A PHE 126 ? CE2 ? A PHE 148 CE2 
145 1 Y 1 A PHE 126 ? CZ  ? A PHE 148 CZ  
146 1 Y 1 A GLU 128 ? CG  ? A GLU 150 CG  
147 1 Y 1 A GLU 128 ? CD  ? A GLU 150 CD  
148 1 Y 1 A GLU 128 ? OE1 ? A GLU 150 OE1 
149 1 Y 1 A GLU 128 ? OE2 ? A GLU 150 OE2 
150 1 Y 1 A LYS 131 ? CG  ? A LYS 153 CG  
151 1 Y 1 A LYS 131 ? CD  ? A LYS 153 CD  
152 1 Y 1 A LYS 131 ? CE  ? A LYS 153 CE  
153 1 Y 1 A LYS 131 ? NZ  ? A LYS 153 NZ  
154 1 Y 1 A VAL 133 ? CG1 ? A VAL 155 CG1 
155 1 Y 1 A VAL 133 ? CG2 ? A VAL 155 CG2 
156 1 Y 1 A GLU 134 ? CG  ? A GLU 156 CG  
157 1 Y 1 A GLU 134 ? CD  ? A GLU 156 CD  
158 1 Y 1 A GLU 134 ? OE1 ? A GLU 156 OE1 
159 1 Y 1 A GLU 134 ? OE2 ? A GLU 156 OE2 
160 1 Y 1 A GLU 135 ? CG  ? A GLU 157 CG  
161 1 Y 1 A GLU 135 ? CD  ? A GLU 157 CD  
162 1 Y 1 A GLU 135 ? OE1 ? A GLU 157 OE1 
163 1 Y 1 A GLU 135 ? OE2 ? A GLU 157 OE2 
164 1 Y 1 A LYS 136 ? CG  ? A LYS 158 CG  
165 1 Y 1 A LYS 136 ? CD  ? A LYS 158 CD  
166 1 Y 1 A LYS 136 ? CE  ? A LYS 158 CE  
167 1 Y 1 A LYS 136 ? NZ  ? A LYS 158 NZ  
168 1 Y 1 A SER 137 ? OG  ? A SER 159 OG  
169 1 Y 1 A GLU 138 ? CG  ? A GLU 160 CG  
170 1 Y 1 A GLU 138 ? CD  ? A GLU 160 CD  
171 1 Y 1 A GLU 138 ? OE1 ? A GLU 160 OE1 
172 1 Y 1 A GLU 138 ? OE2 ? A GLU 160 OE2 
173 1 Y 1 A ILE 139 ? CD1 ? A ILE 161 CD1 
174 1 Y 1 A ARG 145 ? CG  ? A ARG 167 CG  
175 1 Y 1 A ARG 145 ? CD  ? A ARG 167 CD  
176 1 Y 1 A ARG 145 ? NE  ? A ARG 167 NE  
177 1 Y 1 A ARG 145 ? CZ  ? A ARG 167 CZ  
178 1 Y 1 A ARG 145 ? NH1 ? A ARG 167 NH1 
179 1 Y 1 A ARG 145 ? NH2 ? A ARG 167 NH2 
180 1 Y 1 A ARG 148 ? CD  ? A ARG 170 CD  
181 1 Y 1 A ARG 148 ? NE  ? A ARG 170 NE  
182 1 Y 1 A ARG 148 ? CZ  ? A ARG 170 CZ  
183 1 Y 1 A ARG 148 ? NH1 ? A ARG 170 NH1 
184 1 Y 1 A ARG 148 ? NH2 ? A ARG 170 NH2 
185 1 Y 1 A LYS 149 ? CG  ? A LYS 171 CG  
186 1 Y 1 A LYS 149 ? CD  ? A LYS 171 CD  
187 1 Y 1 A LYS 149 ? CE  ? A LYS 171 CE  
188 1 Y 1 A LYS 149 ? NZ  ? A LYS 171 NZ  
189 1 Y 1 A GLU 152 ? CG  ? A GLU 174 CG  
190 1 Y 1 A GLU 152 ? CD  ? A GLU 174 CD  
191 1 Y 1 A GLU 152 ? OE1 ? A GLU 174 OE1 
192 1 Y 1 A GLU 152 ? OE2 ? A GLU 174 OE2 
193 1 Y 1 A LYS 153 ? CG  ? A LYS 175 CG  
194 1 Y 1 A LYS 153 ? CD  ? A LYS 175 CD  
195 1 Y 1 A LYS 153 ? CE  ? A LYS 175 CE  
196 1 Y 1 A LYS 153 ? NZ  ? A LYS 175 NZ  
# 
loop_
_software.name 
_software.classification 
_software.version 
_software.citation_id 
_software.pdbx_ordinal 
HKL-2000    'data scaling'    .        ? 1  
SHELXD      phasing           .        ? 2  
SHELXE      'model building'  .        ? 3  
MLPHARE     phasing           .        ? 4  
DM          'model building'  .        ? 5  
SOLVE       phasing           RESOLVE  ? 6  
O           'model building'  .        ? 7  
Coot        'model building'  .        ? 8  
CCP4        'model building'  .        ? 9  
REFMAC      refinement        5.2.0005 ? 10 
SBC-Collect 'data collection' .        ? 11 
HKL-3000    phasing           .        ? 12 
DM          phasing           .        ? 13 
CCP4        phasing           .        ? 14 
# 
_cell.entry_id           2O9X 
_cell.length_a           137.510 
_cell.length_b           137.510 
_cell.length_c           64.282 
_cell.angle_alpha        90.00 
_cell.angle_beta         90.00 
_cell.angle_gamma        120.00 
_cell.Z_PDB              12 
_cell.pdbx_unique_axis   ? 
_cell.length_a_esd       ? 
_cell.length_b_esd       ? 
_cell.length_c_esd       ? 
_cell.angle_alpha_esd    ? 
_cell.angle_beta_esd     ? 
_cell.angle_gamma_esd    ? 
# 
_symmetry.entry_id                         2O9X 
_symmetry.space_group_name_H-M             'P 65 2 2' 
_symmetry.pdbx_full_space_group_name_H-M   ? 
_symmetry.cell_setting                     ? 
_symmetry.Int_Tables_number                179 
_symmetry.space_group_name_Hall            ? 
# 
_exptl.entry_id          2O9X 
_exptl.method            'X-RAY DIFFRACTION' 
_exptl.crystals_number   1 
# 
_exptl_crystal.id                    1 
_exptl_crystal.density_meas          ? 
_exptl_crystal.density_Matthews      4.60 
_exptl_crystal.density_percent_sol   74.00 
_exptl_crystal.description           ? 
_exptl_crystal.F_000                 ? 
_exptl_crystal.preparation           ? 
# 
_exptl_crystal_grow.crystal_id      1 
_exptl_crystal_grow.method          'VAPOR DIFFUSION, HANGING DROP' 
_exptl_crystal_grow.temp            294 
_exptl_crystal_grow.temp_details    ? 
_exptl_crystal_grow.pH              3.90 
_exptl_crystal_grow.pdbx_details    
'2.5 M AMMONIUM ACETATE, 0.1 M SODIUM ACETATE, VAPOR DIFFUSION, HANGING DROP, TEMPERATURE 294K, pH 3.90' 
_exptl_crystal_grow.pdbx_pH_range   . 
# 
_diffrn.id                     1 
_diffrn.ambient_temp           100.0 
_diffrn.ambient_temp_details   ? 
_diffrn.crystal_id             1 
# 
_diffrn_detector.diffrn_id              1 
_diffrn_detector.detector               CCD 
_diffrn_detector.type                   'ADSC QUANTUM 315' 
_diffrn_detector.pdbx_collection_date   2004-10-25 
_diffrn_detector.details                'SI 111 CHANNEL' 
# 
_diffrn_radiation.diffrn_id                        1 
_diffrn_radiation.wavelength_id                    1 
_diffrn_radiation.pdbx_monochromatic_or_laue_m_l   M 
_diffrn_radiation.monochromator                    'SI 111 CHANNEL' 
_diffrn_radiation.pdbx_diffrn_protocol             'SINGLE WAVELENGTH' 
_diffrn_radiation.pdbx_scattering_type             x-ray 
# 
loop_
_diffrn_radiation_wavelength.id 
_diffrn_radiation_wavelength.wavelength 
_diffrn_radiation_wavelength.wt 
1 0.97926 1.0 
2 0.9793  1.0 
# 
_diffrn_source.diffrn_id                   1 
_diffrn_source.source                      SYNCHROTRON 
_diffrn_source.type                        'APS BEAMLINE 19-ID' 
_diffrn_source.pdbx_synchrotron_site       APS 
_diffrn_source.pdbx_synchrotron_beamline   19-ID 
_diffrn_source.pdbx_wavelength             0.97926 
_diffrn_source.pdbx_wavelength_list        0.9793 
# 
_reflns.entry_id                     2O9X 
_reflns.observed_criterion_sigma_I   -3.000 
_reflns.observed_criterion_sigma_F   0 
_reflns.d_resolution_low             50.000 
_reflns.d_resolution_high            3.400 
_reflns.number_obs                   5292 
_reflns.number_all                   5295 
_reflns.percent_possible_obs         99.8 
_reflns.pdbx_Rmerge_I_obs            0.07 
_reflns.pdbx_Rsym_value              ? 
_reflns.pdbx_netI_over_sigmaI        36.9500 
_reflns.B_iso_Wilson_estimate        ? 
_reflns.pdbx_redundancy              24.900 
_reflns.R_free_details               ? 
_reflns.limit_h_max                  ? 
_reflns.limit_h_min                  ? 
_reflns.limit_k_max                  ? 
_reflns.limit_k_min                  ? 
_reflns.limit_l_max                  ? 
_reflns.limit_l_min                  ? 
_reflns.observed_criterion_F_max     ? 
_reflns.observed_criterion_F_min     ? 
_reflns.pdbx_chi_squared             ? 
_reflns.pdbx_scaling_rejects         ? 
_reflns.pdbx_ordinal                 1 
_reflns.pdbx_diffrn_id               1 
# 
_reflns_shell.d_res_high             3.40 
_reflns_shell.d_res_low              3.52 
_reflns_shell.percent_possible_all   100.0 
_reflns_shell.Rmerge_I_obs           0.507 
_reflns_shell.pdbx_Rsym_value        ? 
_reflns_shell.meanI_over_sigI_obs    5.180 
_reflns_shell.pdbx_redundancy        26.10 
_reflns_shell.percent_possible_obs   ? 
_reflns_shell.number_unique_all      ? 
_reflns_shell.number_measured_all    ? 
_reflns_shell.number_measured_obs    ? 
_reflns_shell.number_unique_obs      ? 
_reflns_shell.pdbx_chi_squared       ? 
_reflns_shell.pdbx_ordinal           1 
_reflns_shell.pdbx_diffrn_id         1 
# 
_refine.entry_id                                 2O9X 
_refine.ls_number_reflns_obs                     5008 
_refine.ls_number_reflns_all                     5008 
_refine.pdbx_ls_sigma_I                          ? 
_refine.pdbx_ls_sigma_F                          0.000 
_refine.pdbx_data_cutoff_high_absF               ? 
_refine.pdbx_data_cutoff_low_absF                ? 
_refine.pdbx_data_cutoff_high_rms_absF           ? 
_refine.ls_d_res_low                             34.38 
_refine.ls_d_res_high                            3.40 
_refine.ls_percent_reflns_obs                    100.0 
_refine.ls_R_factor_obs                          0.239 
_refine.ls_R_factor_all                          0.239 
_refine.ls_R_factor_R_work                       0.237 
_refine.ls_R_factor_R_free                       0.285 
_refine.ls_R_factor_R_free_error                 ? 
_refine.ls_R_factor_R_free_error_details         ? 
_refine.ls_percent_reflns_R_free                 4.800 
_refine.ls_number_reflns_R_free                  254 
_refine.ls_number_parameters                     ? 
_refine.ls_number_restraints                     ? 
_refine.occupancy_min                            ? 
_refine.occupancy_max                            ? 
_refine.correlation_coeff_Fo_to_Fc               0.929 
_refine.correlation_coeff_Fo_to_Fc_free          0.910 
_refine.B_iso_mean                               77.98 
_refine.aniso_B[1][1]                            -2.01000 
_refine.aniso_B[2][2]                            -2.01000 
_refine.aniso_B[3][3]                            3.01000 
_refine.aniso_B[1][2]                            -1.00000 
_refine.aniso_B[1][3]                            0.00000 
_refine.aniso_B[2][3]                            0.00000 
_refine.solvent_model_details                    'BABINET MODEL WITH MASK' 
_refine.solvent_model_param_ksol                 ? 
_refine.solvent_model_param_bsol                 ? 
_refine.pdbx_solvent_vdw_probe_radii             1.20 
_refine.pdbx_solvent_ion_probe_radii             0.80 
_refine.pdbx_solvent_shrinkage_radii             0.80 
_refine.pdbx_ls_cross_valid_method               THROUGHOUT 
_refine.details                                  'HYDROGENS HAVE BEEN ADDED IN THE RIDING POSITIONS' 
_refine.pdbx_starting_model                      ? 
_refine.pdbx_method_to_determine_struct          SAD 
_refine.pdbx_isotropic_thermal_model             ? 
_refine.pdbx_stereochemistry_target_values       'MAXIMUM LIKELIHOOD WITH PHASES' 
_refine.pdbx_stereochem_target_val_spec_case     ? 
_refine.pdbx_R_Free_selection_details            RANDOM 
_refine.pdbx_overall_ESU_R                       1.245 
_refine.pdbx_overall_ESU_R_Free                  0.468 
_refine.overall_SU_ML                            0.324 
_refine.overall_SU_B                             42.823 
_refine.ls_redundancy_reflns_obs                 ? 
_refine.B_iso_min                                ? 
_refine.B_iso_max                                ? 
_refine.overall_SU_R_Cruickshank_DPI             ? 
_refine.overall_SU_R_free                        ? 
_refine.ls_wR_factor_R_free                      ? 
_refine.ls_wR_factor_R_work                      ? 
_refine.overall_FOM_free_R_set                   ? 
_refine.overall_FOM_work_R_set                   ? 
_refine.pdbx_refine_id                           'X-RAY DIFFRACTION' 
_refine.pdbx_TLS_residual_ADP_flag               'LIKELY RESIDUAL' 
_refine.pdbx_diffrn_id                           1 
_refine.pdbx_overall_phase_error                 ? 
_refine.pdbx_overall_SU_R_free_Cruickshank_DPI   ? 
_refine.pdbx_overall_SU_R_Blow_DPI               ? 
_refine.pdbx_overall_SU_R_free_Blow_DPI          ? 
# 
_refine_hist.pdbx_refine_id                   'X-RAY DIFFRACTION' 
_refine_hist.cycle_id                         LAST 
_refine_hist.pdbx_number_atoms_protein        1130 
_refine_hist.pdbx_number_atoms_nucleic_acid   0 
_refine_hist.pdbx_number_atoms_ligand         0 
_refine_hist.number_atoms_solvent             0 
_refine_hist.number_atoms_total               1130 
_refine_hist.d_res_high                       3.40 
_refine_hist.d_res_low                        34.38 
# 
loop_
_refine_ls_restr.type 
_refine_ls_restr.dev_ideal 
_refine_ls_restr.dev_ideal_target 
_refine_ls_restr.weight 
_refine_ls_restr.number 
_refine_ls_restr.pdbx_refine_id 
_refine_ls_restr.pdbx_restraint_function 
r_bond_refined_d         0.022  0.021  ? 1162 'X-RAY DIFFRACTION' ? 
r_angle_refined_deg      2.510  1.944  ? 1595 'X-RAY DIFFRACTION' ? 
r_dihedral_angle_1_deg   10.411 5.000  ? 161  'X-RAY DIFFRACTION' ? 
r_dihedral_angle_2_deg   34.232 22.955 ? 44   'X-RAY DIFFRACTION' ? 
r_dihedral_angle_3_deg   24.848 15.000 ? 118  'X-RAY DIFFRACTION' ? 
r_dihedral_angle_4_deg   7.100  15.000 ? 3    'X-RAY DIFFRACTION' ? 
r_chiral_restr           0.154  0.200  ? 176  'X-RAY DIFFRACTION' ? 
r_gen_planes_refined     0.009  0.020  ? 938  'X-RAY DIFFRACTION' ? 
r_nbd_refined            0.308  0.200  ? 725  'X-RAY DIFFRACTION' ? 
r_nbtor_refined          0.354  0.200  ? 808  'X-RAY DIFFRACTION' ? 
r_xyhbond_nbd_refined    0.194  0.200  ? 85   'X-RAY DIFFRACTION' ? 
r_symmetry_vdw_refined   0.301  0.200  ? 22   'X-RAY DIFFRACTION' ? 
r_symmetry_hbond_refined 0.161  0.200  ? 2    'X-RAY DIFFRACTION' ? 
r_mcbond_it              3.265  3.000  ? 824  'X-RAY DIFFRACTION' ? 
r_mcangle_it             6.021  5.000  ? 1249 'X-RAY DIFFRACTION' ? 
r_scbond_it              9.256  8.000  ? 398  'X-RAY DIFFRACTION' ? 
r_scangle_it             13.274 11.000 ? 346  'X-RAY DIFFRACTION' ? 
# 
_refine_ls_shell.pdbx_total_number_of_bins_used   20 
_refine_ls_shell.d_res_high                       3.40 
_refine_ls_shell.d_res_low                        3.49 
_refine_ls_shell.number_reflns_R_work             363 
_refine_ls_shell.R_factor_R_work                  0.326 
_refine_ls_shell.percent_reflns_obs               100.00 
_refine_ls_shell.R_factor_R_free                  0.536 
_refine_ls_shell.R_factor_R_free_error            ? 
_refine_ls_shell.percent_reflns_R_free            ? 
_refine_ls_shell.number_reflns_R_free             13 
_refine_ls_shell.number_reflns_all                ? 
_refine_ls_shell.R_factor_all                     ? 
_refine_ls_shell.number_reflns_obs                ? 
_refine_ls_shell.redundancy_reflns_obs            ? 
_refine_ls_shell.pdbx_refine_id                   'X-RAY DIFFRACTION' 
# 
_struct.entry_id                  2O9X 
_struct.title                     'Crystal Structure Of A Putative Redox Enzyme Maturation Protein From Archaeoglobus Fulgidus' 
_struct.pdbx_model_details        ? 
_struct.pdbx_CASP_flag            ? 
_struct.pdbx_model_type_details   ? 
# 
_struct_keywords.entry_id        2O9X 
_struct_keywords.pdbx_keywords   'STRUCTURAL GENOMICS, UNKNOWN FUNCTION' 
_struct_keywords.text            
;SAD, RAMP, HELICAL PROTEIN, STRUCTURAL GENOMICS, PSI, PROTEIN STRUCTURE INITIATIVE, MIDWEST CENTER FOR STRUCTURAL GENOMICS, MCSG, UNKNOWN FUNCTION
;
# 
_struct_asym.id                            A 
_struct_asym.pdbx_blank_PDB_chainid_flag   N 
_struct_asym.pdbx_modified                 N 
_struct_asym.entity_id                     1 
_struct_asym.details                       ? 
# 
_struct_ref.id                         1 
_struct_ref.db_name                    UNP 
_struct_ref.db_code                    O30064_ARCFU 
_struct_ref.pdbx_db_accession          O30064 
_struct_ref.entity_id                  1 
_struct_ref.pdbx_seq_one_letter_code   
;MREHLKLFSLIFSYPDEDKLGKAIALAEGIGLTEIAQTLKQVDIEALQVEYTSLFISSHPSVPCPPYQSYFEEGSVYGKA
SLRAAELYSKYGLNYVYESEPPDHISVELEFLSMNPELLSDFRDWFLEFAKCVEEKSEIYATFARAFRKFLEKPSKVQS
;
_struct_ref.pdbx_align_begin           1 
_struct_ref.pdbx_db_isoform            ? 
# 
_struct_ref_seq.align_id                      1 
_struct_ref_seq.ref_id                        1 
_struct_ref_seq.pdbx_PDB_id_code              2O9X 
_struct_ref_seq.pdbx_strand_id                A 
_struct_ref_seq.seq_align_beg                 23 
_struct_ref_seq.pdbx_seq_align_beg_ins_code   ? 
_struct_ref_seq.seq_align_end                 181 
_struct_ref_seq.pdbx_seq_align_end_ins_code   ? 
_struct_ref_seq.pdbx_db_accession             O30064 
_struct_ref_seq.db_align_beg                  1 
_struct_ref_seq.pdbx_db_align_beg_ins_code    ? 
_struct_ref_seq.db_align_end                  159 
_struct_ref_seq.pdbx_db_align_end_ins_code    ? 
_struct_ref_seq.pdbx_auth_seq_align_beg       1 
_struct_ref_seq.pdbx_auth_seq_align_end       159 
# 
loop_
_struct_ref_seq_dif.align_id 
_struct_ref_seq_dif.pdbx_pdb_id_code 
_struct_ref_seq_dif.mon_id 
_struct_ref_seq_dif.pdbx_pdb_strand_id 
_struct_ref_seq_dif.seq_num 
_struct_ref_seq_dif.pdbx_pdb_ins_code 
_struct_ref_seq_dif.pdbx_seq_db_name 
_struct_ref_seq_dif.pdbx_seq_db_accession_code 
_struct_ref_seq_dif.db_mon_id 
_struct_ref_seq_dif.pdbx_seq_db_seq_num 
_struct_ref_seq_dif.details 
_struct_ref_seq_dif.pdbx_auth_seq_num 
_struct_ref_seq_dif.pdbx_ordinal 
1 2O9X MSE A 1   ? UNP O30064 ?   ?   'cloning artifact' -21 1  
1 2O9X GLY A 2   ? UNP O30064 ?   ?   'cloning artifact' -20 2  
1 2O9X SER A 3   ? UNP O30064 ?   ?   'cloning artifact' -19 3  
1 2O9X SER A 4   ? UNP O30064 ?   ?   'cloning artifact' -18 4  
1 2O9X HIS A 5   ? UNP O30064 ?   ?   'expression tag'   -17 5  
1 2O9X HIS A 6   ? UNP O30064 ?   ?   'expression tag'   -16 6  
1 2O9X HIS A 7   ? UNP O30064 ?   ?   'expression tag'   -15 7  
1 2O9X HIS A 8   ? UNP O30064 ?   ?   'expression tag'   -14 8  
1 2O9X HIS A 9   ? UNP O30064 ?   ?   'expression tag'   -13 9  
1 2O9X HIS A 10  ? UNP O30064 ?   ?   'expression tag'   -12 10 
1 2O9X SER A 11  ? UNP O30064 ?   ?   'cloning artifact' -11 11 
1 2O9X SER A 12  ? UNP O30064 ?   ?   'cloning artifact' -10 12 
1 2O9X GLY A 13  ? UNP O30064 ?   ?   'cloning artifact' -9  13 
1 2O9X ARG A 14  ? UNP O30064 ?   ?   'cloning artifact' -8  14 
1 2O9X GLU A 15  ? UNP O30064 ?   ?   'cloning artifact' -7  15 
1 2O9X ASN A 16  ? UNP O30064 ?   ?   'cloning artifact' -6  16 
1 2O9X LEU A 17  ? UNP O30064 ?   ?   'cloning artifact' -5  17 
1 2O9X TYR A 18  ? UNP O30064 ?   ?   'cloning artifact' -4  18 
1 2O9X PHE A 19  ? UNP O30064 ?   ?   'cloning artifact' -3  19 
1 2O9X GLN A 20  ? UNP O30064 ?   ?   'cloning artifact' -2  20 
1 2O9X GLY A 21  ? UNP O30064 ?   ?   'cloning artifact' -1  21 
1 2O9X HIS A 22  ? UNP O30064 ?   ?   'cloning artifact' 0   22 
1 2O9X MSE A 23  ? UNP O30064 MET 1   'modified residue' 1   23 
1 2O9X MSE A 136 ? UNP O30064 MET 114 'modified residue' 114 24 
# 
loop_
_pdbx_struct_assembly.id 
_pdbx_struct_assembly.details 
_pdbx_struct_assembly.method_details 
_pdbx_struct_assembly.oligomeric_details 
_pdbx_struct_assembly.oligomeric_count 
1 author_defined_assembly   ?        monomeric 1 
2 software_defined_assembly PISA,PQS dimeric   2 
# 
loop_
_pdbx_struct_assembly_prop.biol_id 
_pdbx_struct_assembly_prop.type 
_pdbx_struct_assembly_prop.value 
_pdbx_struct_assembly_prop.details 
2 'ABSA (A^2)' 2160  ? 
2 MORE         -18   ? 
2 'SSA (A^2)'  14550 ? 
# 
loop_
_pdbx_struct_assembly_gen.assembly_id 
_pdbx_struct_assembly_gen.oper_expression 
_pdbx_struct_assembly_gen.asym_id_list 
1 1   A 
2 1,2 A 
# 
loop_
_pdbx_struct_oper_list.id 
_pdbx_struct_oper_list.type 
_pdbx_struct_oper_list.name 
_pdbx_struct_oper_list.symmetry_operation 
_pdbx_struct_oper_list.matrix[1][1] 
_pdbx_struct_oper_list.matrix[1][2] 
_pdbx_struct_oper_list.matrix[1][3] 
_pdbx_struct_oper_list.vector[1] 
_pdbx_struct_oper_list.matrix[2][1] 
_pdbx_struct_oper_list.matrix[2][2] 
_pdbx_struct_oper_list.matrix[2][3] 
_pdbx_struct_oper_list.vector[2] 
_pdbx_struct_oper_list.matrix[3][1] 
_pdbx_struct_oper_list.matrix[3][2] 
_pdbx_struct_oper_list.matrix[3][3] 
_pdbx_struct_oper_list.vector[3] 
1 'identity operation'         1_555  x,y,z            1.0000000000 0.0000000000 0.0000000000  0.0000000000   0.0000000000 1.0000000000  0.0000000000  0.0000000000  0.0000000000  0.0000000000  1.0000000000  0.0000000000   
2 'crystal symmetry operation' 10_666 -y+1,-x+1,-z+7/6 0.0265299689 0.9786162484 -0.2039764670 -20.7718645655 0.9786162484 -0.0670610789 -0.1944557791 18.3346246207 -0.2039764670 -0.1944557791 -0.9594688900 -16.5724015770 
# 
_struct_biol.id   1 
# 
loop_
_struct_conf.conf_type_id 
_struct_conf.id 
_struct_conf.pdbx_PDB_helix_id 
_struct_conf.beg_label_comp_id 
_struct_conf.beg_label_asym_id 
_struct_conf.beg_label_seq_id 
_struct_conf.pdbx_beg_PDB_ins_code 
_struct_conf.end_label_comp_id 
_struct_conf.end_label_asym_id 
_struct_conf.end_label_seq_id 
_struct_conf.pdbx_end_PDB_ins_code 
_struct_conf.beg_auth_comp_id 
_struct_conf.beg_auth_asym_id 
_struct_conf.beg_auth_seq_id 
_struct_conf.end_auth_comp_id 
_struct_conf.end_auth_asym_id 
_struct_conf.end_auth_seq_id 
_struct_conf.pdbx_PDB_helix_class 
_struct_conf.details 
_struct_conf.pdbx_PDB_helix_length 
HELX_P HELX_P1  1  HIS A 22  ? PHE A 34  ? HIS A 0   PHE A 12  1 ? 13 
HELX_P HELX_P2  2  ASP A 38  ? ILE A 52  ? ASP A 16  ILE A 30  1 ? 15 
HELX_P HELX_P3  3  THR A 55  ? GLN A 63  ? THR A 33  GLN A 41  1 ? 9  
HELX_P HELX_P4  4  ASP A 65  ? PHE A 77  ? ASP A 43  PHE A 55  1 ? 13 
HELX_P HELX_P5  5  TYR A 89  ? GLY A 96  ? TYR A 67  GLY A 74  1 ? 8  
HELX_P HELX_P6  6  GLY A 100 ? TYR A 113 ? GLY A 78  TYR A 91  1 ? 14 
HELX_P HELX_P7  7  HIS A 126 ? SER A 135 ? HIS A 104 SER A 113 1 ? 10 
HELX_P HELX_P8  8  ASN A 137 ? GLU A 139 ? ASN A 115 GLU A 117 5 ? 3  
HELX_P HELX_P9  9  LEU A 140 ? ARG A 145 ? LEU A 118 ARG A 123 1 ? 6  
HELX_P HELX_P10 10 ASP A 146 ? SER A 159 ? ASP A 124 SER A 137 1 ? 14 
HELX_P HELX_P11 11 SER A 159 ? LYS A 175 ? SER A 137 LYS A 153 1 ? 17 
# 
_struct_conf_type.id          HELX_P 
_struct_conf_type.criteria    ? 
_struct_conf_type.reference   ? 
# 
loop_
_struct_conn.id 
_struct_conn.conn_type_id 
_struct_conn.pdbx_leaving_atom_flag 
_struct_conn.pdbx_PDB_id 
_struct_conn.ptnr1_label_asym_id 
_struct_conn.ptnr1_label_comp_id 
_struct_conn.ptnr1_label_seq_id 
_struct_conn.ptnr1_label_atom_id 
_struct_conn.pdbx_ptnr1_label_alt_id 
_struct_conn.pdbx_ptnr1_PDB_ins_code 
_struct_conn.pdbx_ptnr1_standard_comp_id 
_struct_conn.ptnr1_symmetry 
_struct_conn.ptnr2_label_asym_id 
_struct_conn.ptnr2_label_comp_id 
_struct_conn.ptnr2_label_seq_id 
_struct_conn.ptnr2_label_atom_id 
_struct_conn.pdbx_ptnr2_label_alt_id 
_struct_conn.pdbx_ptnr2_PDB_ins_code 
_struct_conn.ptnr1_auth_asym_id 
_struct_conn.ptnr1_auth_comp_id 
_struct_conn.ptnr1_auth_seq_id 
_struct_conn.ptnr2_auth_asym_id 
_struct_conn.ptnr2_auth_comp_id 
_struct_conn.ptnr2_auth_seq_id 
_struct_conn.ptnr2_symmetry 
_struct_conn.pdbx_ptnr3_label_atom_id 
_struct_conn.pdbx_ptnr3_label_seq_id 
_struct_conn.pdbx_ptnr3_label_comp_id 
_struct_conn.pdbx_ptnr3_label_asym_id 
_struct_conn.pdbx_ptnr3_label_alt_id 
_struct_conn.pdbx_ptnr3_PDB_ins_code 
_struct_conn.details 
_struct_conn.pdbx_dist_value 
_struct_conn.pdbx_value_order 
_struct_conn.pdbx_role 
disulf1 disulf ?    ? A CYS 86  SG ? ? ? 1_555 A CYS 154 SG ? ? A CYS 64  A CYS 132 1_555 ? ? ? ? ? ? ? 2.088 ? ? 
covale1 covale both ? A HIS 22  C  ? ? ? 1_555 A MSE 23  N  ? ? A HIS 0   A MSE 1   1_555 ? ? ? ? ? ? ? 1.308 ? ? 
covale2 covale both ? A MSE 23  C  ? ? ? 1_555 A ARG 24  N  ? ? A MSE 1   A ARG 2   1_555 ? ? ? ? ? ? ? 1.329 ? ? 
covale3 covale both ? A SER 135 C  ? ? ? 1_555 A MSE 136 N  ? ? A SER 113 A MSE 114 1_555 ? ? ? ? ? ? ? 1.311 ? ? 
covale4 covale both ? A MSE 136 C  ? ? ? 1_555 A ASN 137 N  ? ? A MSE 114 A ASN 115 1_555 ? ? ? ? ? ? ? 1.325 ? ? 
# 
loop_
_struct_conn_type.id 
_struct_conn_type.criteria 
_struct_conn_type.reference 
disulf ? ? 
covale ? ? 
# 
loop_
_pdbx_modification_feature.ordinal 
_pdbx_modification_feature.label_comp_id 
_pdbx_modification_feature.label_asym_id 
_pdbx_modification_feature.label_seq_id 
_pdbx_modification_feature.label_alt_id 
_pdbx_modification_feature.modified_residue_label_comp_id 
_pdbx_modification_feature.modified_residue_label_asym_id 
_pdbx_modification_feature.modified_residue_label_seq_id 
_pdbx_modification_feature.modified_residue_label_alt_id 
_pdbx_modification_feature.auth_comp_id 
_pdbx_modification_feature.auth_asym_id 
_pdbx_modification_feature.auth_seq_id 
_pdbx_modification_feature.PDB_ins_code 
_pdbx_modification_feature.symmetry 
_pdbx_modification_feature.modified_residue_auth_comp_id 
_pdbx_modification_feature.modified_residue_auth_asym_id 
_pdbx_modification_feature.modified_residue_auth_seq_id 
_pdbx_modification_feature.modified_residue_PDB_ins_code 
_pdbx_modification_feature.modified_residue_symmetry 
_pdbx_modification_feature.comp_id_linking_atom 
_pdbx_modification_feature.modified_residue_id_linking_atom 
_pdbx_modification_feature.modified_residue_id 
_pdbx_modification_feature.ref_pcm_id 
_pdbx_modification_feature.ref_comp_id 
_pdbx_modification_feature.type 
_pdbx_modification_feature.category 
1 MSE A 23  ? .   . .   . MSE A 1   ? 1_555 .   . .   . .     .  .  MET 1 MSE Selenomethionine 'Named protein modification' 
2 MSE A 136 ? .   . .   . MSE A 114 ? 1_555 .   . .   . .     .  .  MET 1 MSE Selenomethionine 'Named protein modification' 
3 CYS A 86  ? CYS A 154 ? CYS A 64  ? 1_555 CYS A 132 ? 1_555 SG SG .   . .   None             'Disulfide bridge'           
# 
_pdbx_entry_details.entry_id                   2O9X 
_pdbx_entry_details.compound_details           ? 
_pdbx_entry_details.source_details             ? 
_pdbx_entry_details.nonpolymer_details         ? 
_pdbx_entry_details.sequence_details           ? 
_pdbx_entry_details.has_ligand_of_interest     ? 
_pdbx_entry_details.has_protein_modification   Y 
# 
_pdbx_validate_rmsd_bond.id                        1 
_pdbx_validate_rmsd_bond.PDB_model_num             1 
_pdbx_validate_rmsd_bond.auth_atom_id_1            CG 
_pdbx_validate_rmsd_bond.auth_asym_id_1            A 
_pdbx_validate_rmsd_bond.auth_comp_id_1            MSE 
_pdbx_validate_rmsd_bond.auth_seq_id_1             1 
_pdbx_validate_rmsd_bond.PDB_ins_code_1            ? 
_pdbx_validate_rmsd_bond.label_alt_id_1            ? 
_pdbx_validate_rmsd_bond.auth_atom_id_2            SE 
_pdbx_validate_rmsd_bond.auth_asym_id_2            A 
_pdbx_validate_rmsd_bond.auth_comp_id_2            MSE 
_pdbx_validate_rmsd_bond.auth_seq_id_2             1 
_pdbx_validate_rmsd_bond.PDB_ins_code_2            ? 
_pdbx_validate_rmsd_bond.label_alt_id_2            ? 
_pdbx_validate_rmsd_bond.bond_value                1.722 
_pdbx_validate_rmsd_bond.bond_target_value         1.950 
_pdbx_validate_rmsd_bond.bond_deviation            -0.228 
_pdbx_validate_rmsd_bond.bond_standard_deviation   0.034 
_pdbx_validate_rmsd_bond.linker_flag               N 
# 
loop_
_pdbx_validate_rmsd_angle.id 
_pdbx_validate_rmsd_angle.PDB_model_num 
_pdbx_validate_rmsd_angle.auth_atom_id_1 
_pdbx_validate_rmsd_angle.auth_asym_id_1 
_pdbx_validate_rmsd_angle.auth_comp_id_1 
_pdbx_validate_rmsd_angle.auth_seq_id_1 
_pdbx_validate_rmsd_angle.PDB_ins_code_1 
_pdbx_validate_rmsd_angle.label_alt_id_1 
_pdbx_validate_rmsd_angle.auth_atom_id_2 
_pdbx_validate_rmsd_angle.auth_asym_id_2 
_pdbx_validate_rmsd_angle.auth_comp_id_2 
_pdbx_validate_rmsd_angle.auth_seq_id_2 
_pdbx_validate_rmsd_angle.PDB_ins_code_2 
_pdbx_validate_rmsd_angle.label_alt_id_2 
_pdbx_validate_rmsd_angle.auth_atom_id_3 
_pdbx_validate_rmsd_angle.auth_asym_id_3 
_pdbx_validate_rmsd_angle.auth_comp_id_3 
_pdbx_validate_rmsd_angle.auth_seq_id_3 
_pdbx_validate_rmsd_angle.PDB_ins_code_3 
_pdbx_validate_rmsd_angle.label_alt_id_3 
_pdbx_validate_rmsd_angle.angle_value 
_pdbx_validate_rmsd_angle.angle_target_value 
_pdbx_validate_rmsd_angle.angle_deviation 
_pdbx_validate_rmsd_angle.angle_standard_deviation 
_pdbx_validate_rmsd_angle.linker_flag 
1 1 CA A LEU -5 ? ? CB A LEU -5 ? ? CG A LEU -5 ? ? 132.82 115.30 17.52 2.30 N 
2 1 C  A TYR 14 ? ? N  A PRO 15 ? ? CA A PRO 15 ? ? 129.61 119.30 10.31 1.50 Y 
3 1 C  A PRO 65 ? ? N  A PRO 66 ? ? CA A PRO 66 ? ? 129.10 119.30 9.80  1.50 Y 
# 
loop_
_pdbx_validate_torsion.id 
_pdbx_validate_torsion.PDB_model_num 
_pdbx_validate_torsion.auth_comp_id 
_pdbx_validate_torsion.auth_asym_id 
_pdbx_validate_torsion.auth_seq_id 
_pdbx_validate_torsion.PDB_ins_code 
_pdbx_validate_torsion.label_alt_id 
_pdbx_validate_torsion.phi 
_pdbx_validate_torsion.psi 
1  1 TYR A -4  ? ? -141.89 22.44  
2  1 ILE A 24  ? ? -40.92  -18.50 
3  1 ALA A 27  ? ? -29.00  -55.24 
4  1 THR A 33  ? ? -97.86  -61.80 
5  1 ILE A 35  ? ? -54.18  -6.85  
6  1 LYS A 40  ? ? -27.37  -46.65 
7  1 GLN A 41  ? ? -113.19 60.40  
8  1 PHE A 55  ? ? -133.66 -42.15 
9  1 HIS A 59  ? ? -61.23  -71.96 
10 1 PRO A 60  ? ? -85.84  -75.71 
11 1 PRO A 63  ? ? -35.93  -82.19 
12 1 CYS A 64  ? ? -112.70 75.25  
13 1 TYR A 77  ? ? 71.91   50.81  
14 1 ALA A 84  ? ? -41.84  -71.07 
15 1 VAL A 96  ? ? -85.51  39.95  
16 1 GLU A 98  ? ? -112.02 -86.71 
17 1 SER A 120 ? ? -32.52  -35.16 
18 1 PHE A 126 ? ? -57.74  24.48  
19 1 LEU A 127 ? ? -153.96 -54.73 
20 1 LYS A 136 ? ? -68.09  3.92   
21 1 SER A 137 ? ? 167.57  160.43 
22 1 ALA A 141 ? ? -21.95  -51.57 
23 1 ARG A 145 ? ? -64.31  -82.94 
24 1 ALA A 146 ? ? -10.84  -46.03 
# 
loop_
_pdbx_validate_peptide_omega.id 
_pdbx_validate_peptide_omega.PDB_model_num 
_pdbx_validate_peptide_omega.auth_comp_id_1 
_pdbx_validate_peptide_omega.auth_asym_id_1 
_pdbx_validate_peptide_omega.auth_seq_id_1 
_pdbx_validate_peptide_omega.PDB_ins_code_1 
_pdbx_validate_peptide_omega.label_alt_id_1 
_pdbx_validate_peptide_omega.auth_comp_id_2 
_pdbx_validate_peptide_omega.auth_asym_id_2 
_pdbx_validate_peptide_omega.auth_seq_id_2 
_pdbx_validate_peptide_omega.PDB_ins_code_2 
_pdbx_validate_peptide_omega.label_alt_id_2 
_pdbx_validate_peptide_omega.omega 
1 1 GLU A -7  ? ? ASN A -6  ? ? -142.58 
2 1 GLY A -1  ? ? HIS A 0   ? ? -140.79 
3 1 HIS A 59  ? ? PRO A 60  ? ? 144.49  
4 1 SER A 137 ? ? GLU A 138 ? ? -146.02 
# 
_pdbx_SG_project.id                    1 
_pdbx_SG_project.project_name          'PSI, Protein Structure Initiative' 
_pdbx_SG_project.full_name_of_center   'Midwest Center for Structural Genomics' 
_pdbx_SG_project.initial_of_center     MCSG 
# 
loop_
_pdbx_struct_mod_residue.id 
_pdbx_struct_mod_residue.label_asym_id 
_pdbx_struct_mod_residue.label_comp_id 
_pdbx_struct_mod_residue.label_seq_id 
_pdbx_struct_mod_residue.auth_asym_id 
_pdbx_struct_mod_residue.auth_comp_id 
_pdbx_struct_mod_residue.auth_seq_id 
_pdbx_struct_mod_residue.PDB_ins_code 
_pdbx_struct_mod_residue.parent_comp_id 
_pdbx_struct_mod_residue.details 
1 A MSE 23  A MSE 1   ? MET SELENOMETHIONINE 
2 A MSE 136 A MSE 114 ? MET SELENOMETHIONINE 
# 
_pdbx_refine_tls.id               1 
_pdbx_refine_tls.details          ? 
_pdbx_refine_tls.method           refined 
_pdbx_refine_tls.origin_x         -0.7807 
_pdbx_refine_tls.origin_y         -0.2132 
_pdbx_refine_tls.origin_z         -0.4298 
_pdbx_refine_tls.T[1][1]          -0.0305 
_pdbx_refine_tls.T[2][2]          0.1190 
_pdbx_refine_tls.T[3][3]          -0.1437 
_pdbx_refine_tls.T[1][2]          -0.1736 
_pdbx_refine_tls.T[1][3]          0.0055 
_pdbx_refine_tls.T[2][3]          -0.0696 
_pdbx_refine_tls.L[1][1]          2.1820 
_pdbx_refine_tls.L[2][2]          3.8879 
_pdbx_refine_tls.L[3][3]          1.3047 
_pdbx_refine_tls.L[1][2]          -1.9734 
_pdbx_refine_tls.L[1][3]          -0.3844 
_pdbx_refine_tls.L[2][3]          0.6979 
_pdbx_refine_tls.S[1][1]          -0.0896 
_pdbx_refine_tls.S[1][2]          -0.2676 
_pdbx_refine_tls.S[1][3]          -0.0109 
_pdbx_refine_tls.S[2][1]          0.4056 
_pdbx_refine_tls.S[2][2]          0.3802 
_pdbx_refine_tls.S[2][3]          -0.1210 
_pdbx_refine_tls.S[3][1]          0.0574 
_pdbx_refine_tls.S[3][2]          0.1294 
_pdbx_refine_tls.S[3][3]          -0.2906 
_pdbx_refine_tls.pdbx_refine_id   'X-RAY DIFFRACTION' 
# 
loop_
_pdbx_refine_tls_group.id 
_pdbx_refine_tls_group.refine_tls_id 
_pdbx_refine_tls_group.beg_auth_asym_id 
_pdbx_refine_tls_group.beg_auth_seq_id 
_pdbx_refine_tls_group.beg_label_asym_id 
_pdbx_refine_tls_group.beg_label_seq_id 
_pdbx_refine_tls_group.end_auth_asym_id 
_pdbx_refine_tls_group.end_auth_seq_id 
_pdbx_refine_tls_group.end_label_asym_id 
_pdbx_refine_tls_group.end_label_seq_id 
_pdbx_refine_tls_group.selection 
_pdbx_refine_tls_group.pdbx_refine_id 
_pdbx_refine_tls_group.selection_details 
1 1 A -5 A 17 A 55  A 77  ? 'X-RAY DIFFRACTION' ? 
2 1 A 65 A 87 A 151 A 173 ? 'X-RAY DIFFRACTION' ? 
# 
loop_
_pdbx_unobs_or_zero_occ_residues.id 
_pdbx_unobs_or_zero_occ_residues.PDB_model_num 
_pdbx_unobs_or_zero_occ_residues.polymer_flag 
_pdbx_unobs_or_zero_occ_residues.occupancy_flag 
_pdbx_unobs_or_zero_occ_residues.auth_asym_id 
_pdbx_unobs_or_zero_occ_residues.auth_comp_id 
_pdbx_unobs_or_zero_occ_residues.auth_seq_id 
_pdbx_unobs_or_zero_occ_residues.PDB_ins_code 
_pdbx_unobs_or_zero_occ_residues.label_asym_id 
_pdbx_unobs_or_zero_occ_residues.label_comp_id 
_pdbx_unobs_or_zero_occ_residues.label_seq_id 
1  1 Y 1 A MSE -21 ? A MSE 1   
2  1 Y 1 A GLY -20 ? A GLY 2   
3  1 Y 1 A SER -19 ? A SER 3   
4  1 Y 1 A SER -18 ? A SER 4   
5  1 Y 1 A HIS -17 ? A HIS 5   
6  1 Y 1 A HIS -16 ? A HIS 6   
7  1 Y 1 A HIS -15 ? A HIS 7   
8  1 Y 1 A HIS -14 ? A HIS 8   
9  1 Y 1 A HIS -13 ? A HIS 9   
10 1 Y 1 A HIS -12 ? A HIS 10  
11 1 Y 1 A SER -11 ? A SER 11  
12 1 Y 1 A SER -10 ? A SER 12  
13 1 Y 1 A GLY -9  ? A GLY 13  
14 1 Y 1 A PRO 154 ? A PRO 176 
15 1 Y 1 A SER 155 ? A SER 177 
16 1 Y 1 A LYS 156 ? A LYS 178 
17 1 Y 1 A VAL 157 ? A VAL 179 
18 1 Y 1 A GLN 158 ? A GLN 180 
19 1 Y 1 A SER 159 ? A SER 181 
# 
loop_
_chem_comp_atom.comp_id 
_chem_comp_atom.atom_id 
_chem_comp_atom.type_symbol 
_chem_comp_atom.pdbx_aromatic_flag 
_chem_comp_atom.pdbx_stereo_config 
_chem_comp_atom.pdbx_ordinal 
ALA N    N  N N 1   
ALA CA   C  N S 2   
ALA C    C  N N 3   
ALA O    O  N N 4   
ALA CB   C  N N 5   
ALA OXT  O  N N 6   
ALA H    H  N N 7   
ALA H2   H  N N 8   
ALA HA   H  N N 9   
ALA HB1  H  N N 10  
ALA HB2  H  N N 11  
ALA HB3  H  N N 12  
ALA HXT  H  N N 13  
ARG N    N  N N 14  
ARG CA   C  N S 15  
ARG C    C  N N 16  
ARG O    O  N N 17  
ARG CB   C  N N 18  
ARG CG   C  N N 19  
ARG CD   C  N N 20  
ARG NE   N  N N 21  
ARG CZ   C  N N 22  
ARG NH1  N  N N 23  
ARG NH2  N  N N 24  
ARG OXT  O  N N 25  
ARG H    H  N N 26  
ARG H2   H  N N 27  
ARG HA   H  N N 28  
ARG HB2  H  N N 29  
ARG HB3  H  N N 30  
ARG HG2  H  N N 31  
ARG HG3  H  N N 32  
ARG HD2  H  N N 33  
ARG HD3  H  N N 34  
ARG HE   H  N N 35  
ARG HH11 H  N N 36  
ARG HH12 H  N N 37  
ARG HH21 H  N N 38  
ARG HH22 H  N N 39  
ARG HXT  H  N N 40  
ASN N    N  N N 41  
ASN CA   C  N S 42  
ASN C    C  N N 43  
ASN O    O  N N 44  
ASN CB   C  N N 45  
ASN CG   C  N N 46  
ASN OD1  O  N N 47  
ASN ND2  N  N N 48  
ASN OXT  O  N N 49  
ASN H    H  N N 50  
ASN H2   H  N N 51  
ASN HA   H  N N 52  
ASN HB2  H  N N 53  
ASN HB3  H  N N 54  
ASN HD21 H  N N 55  
ASN HD22 H  N N 56  
ASN HXT  H  N N 57  
ASP N    N  N N 58  
ASP CA   C  N S 59  
ASP C    C  N N 60  
ASP O    O  N N 61  
ASP CB   C  N N 62  
ASP CG   C  N N 63  
ASP OD1  O  N N 64  
ASP OD2  O  N N 65  
ASP OXT  O  N N 66  
ASP H    H  N N 67  
ASP H2   H  N N 68  
ASP HA   H  N N 69  
ASP HB2  H  N N 70  
ASP HB3  H  N N 71  
ASP HD2  H  N N 72  
ASP HXT  H  N N 73  
CYS N    N  N N 74  
CYS CA   C  N R 75  
CYS C    C  N N 76  
CYS O    O  N N 77  
CYS CB   C  N N 78  
CYS SG   S  N N 79  
CYS OXT  O  N N 80  
CYS H    H  N N 81  
CYS H2   H  N N 82  
CYS HA   H  N N 83  
CYS HB2  H  N N 84  
CYS HB3  H  N N 85  
CYS HG   H  N N 86  
CYS HXT  H  N N 87  
GLN N    N  N N 88  
GLN CA   C  N S 89  
GLN C    C  N N 90  
GLN O    O  N N 91  
GLN CB   C  N N 92  
GLN CG   C  N N 93  
GLN CD   C  N N 94  
GLN OE1  O  N N 95  
GLN NE2  N  N N 96  
GLN OXT  O  N N 97  
GLN H    H  N N 98  
GLN H2   H  N N 99  
GLN HA   H  N N 100 
GLN HB2  H  N N 101 
GLN HB3  H  N N 102 
GLN HG2  H  N N 103 
GLN HG3  H  N N 104 
GLN HE21 H  N N 105 
GLN HE22 H  N N 106 
GLN HXT  H  N N 107 
GLU N    N  N N 108 
GLU CA   C  N S 109 
GLU C    C  N N 110 
GLU O    O  N N 111 
GLU CB   C  N N 112 
GLU CG   C  N N 113 
GLU CD   C  N N 114 
GLU OE1  O  N N 115 
GLU OE2  O  N N 116 
GLU OXT  O  N N 117 
GLU H    H  N N 118 
GLU H2   H  N N 119 
GLU HA   H  N N 120 
GLU HB2  H  N N 121 
GLU HB3  H  N N 122 
GLU HG2  H  N N 123 
GLU HG3  H  N N 124 
GLU HE2  H  N N 125 
GLU HXT  H  N N 126 
GLY N    N  N N 127 
GLY CA   C  N N 128 
GLY C    C  N N 129 
GLY O    O  N N 130 
GLY OXT  O  N N 131 
GLY H    H  N N 132 
GLY H2   H  N N 133 
GLY HA2  H  N N 134 
GLY HA3  H  N N 135 
GLY HXT  H  N N 136 
HIS N    N  N N 137 
HIS CA   C  N S 138 
HIS C    C  N N 139 
HIS O    O  N N 140 
HIS CB   C  N N 141 
HIS CG   C  Y N 142 
HIS ND1  N  Y N 143 
HIS CD2  C  Y N 144 
HIS CE1  C  Y N 145 
HIS NE2  N  Y N 146 
HIS OXT  O  N N 147 
HIS H    H  N N 148 
HIS H2   H  N N 149 
HIS HA   H  N N 150 
HIS HB2  H  N N 151 
HIS HB3  H  N N 152 
HIS HD1  H  N N 153 
HIS HD2  H  N N 154 
HIS HE1  H  N N 155 
HIS HE2  H  N N 156 
HIS HXT  H  N N 157 
ILE N    N  N N 158 
ILE CA   C  N S 159 
ILE C    C  N N 160 
ILE O    O  N N 161 
ILE CB   C  N S 162 
ILE CG1  C  N N 163 
ILE CG2  C  N N 164 
ILE CD1  C  N N 165 
ILE OXT  O  N N 166 
ILE H    H  N N 167 
ILE H2   H  N N 168 
ILE HA   H  N N 169 
ILE HB   H  N N 170 
ILE HG12 H  N N 171 
ILE HG13 H  N N 172 
ILE HG21 H  N N 173 
ILE HG22 H  N N 174 
ILE HG23 H  N N 175 
ILE HD11 H  N N 176 
ILE HD12 H  N N 177 
ILE HD13 H  N N 178 
ILE HXT  H  N N 179 
LEU N    N  N N 180 
LEU CA   C  N S 181 
LEU C    C  N N 182 
LEU O    O  N N 183 
LEU CB   C  N N 184 
LEU CG   C  N N 185 
LEU CD1  C  N N 186 
LEU CD2  C  N N 187 
LEU OXT  O  N N 188 
LEU H    H  N N 189 
LEU H2   H  N N 190 
LEU HA   H  N N 191 
LEU HB2  H  N N 192 
LEU HB3  H  N N 193 
LEU HG   H  N N 194 
LEU HD11 H  N N 195 
LEU HD12 H  N N 196 
LEU HD13 H  N N 197 
LEU HD21 H  N N 198 
LEU HD22 H  N N 199 
LEU HD23 H  N N 200 
LEU HXT  H  N N 201 
LYS N    N  N N 202 
LYS CA   C  N S 203 
LYS C    C  N N 204 
LYS O    O  N N 205 
LYS CB   C  N N 206 
LYS CG   C  N N 207 
LYS CD   C  N N 208 
LYS CE   C  N N 209 
LYS NZ   N  N N 210 
LYS OXT  O  N N 211 
LYS H    H  N N 212 
LYS H2   H  N N 213 
LYS HA   H  N N 214 
LYS HB2  H  N N 215 
LYS HB3  H  N N 216 
LYS HG2  H  N N 217 
LYS HG3  H  N N 218 
LYS HD2  H  N N 219 
LYS HD3  H  N N 220 
LYS HE2  H  N N 221 
LYS HE3  H  N N 222 
LYS HZ1  H  N N 223 
LYS HZ2  H  N N 224 
LYS HZ3  H  N N 225 
LYS HXT  H  N N 226 
MET N    N  N N 227 
MET CA   C  N S 228 
MET C    C  N N 229 
MET O    O  N N 230 
MET CB   C  N N 231 
MET CG   C  N N 232 
MET SD   S  N N 233 
MET CE   C  N N 234 
MET OXT  O  N N 235 
MET H    H  N N 236 
MET H2   H  N N 237 
MET HA   H  N N 238 
MET HB2  H  N N 239 
MET HB3  H  N N 240 
MET HG2  H  N N 241 
MET HG3  H  N N 242 
MET HE1  H  N N 243 
MET HE2  H  N N 244 
MET HE3  H  N N 245 
MET HXT  H  N N 246 
MSE N    N  N N 247 
MSE CA   C  N S 248 
MSE C    C  N N 249 
MSE O    O  N N 250 
MSE OXT  O  N N 251 
MSE CB   C  N N 252 
MSE CG   C  N N 253 
MSE SE   SE N N 254 
MSE CE   C  N N 255 
MSE H    H  N N 256 
MSE H2   H  N N 257 
MSE HA   H  N N 258 
MSE HXT  H  N N 259 
MSE HB2  H  N N 260 
MSE HB3  H  N N 261 
MSE HG2  H  N N 262 
MSE HG3  H  N N 263 
MSE HE1  H  N N 264 
MSE HE2  H  N N 265 
MSE HE3  H  N N 266 
PHE N    N  N N 267 
PHE CA   C  N S 268 
PHE C    C  N N 269 
PHE O    O  N N 270 
PHE CB   C  N N 271 
PHE CG   C  Y N 272 
PHE CD1  C  Y N 273 
PHE CD2  C  Y N 274 
PHE CE1  C  Y N 275 
PHE CE2  C  Y N 276 
PHE CZ   C  Y N 277 
PHE OXT  O  N N 278 
PHE H    H  N N 279 
PHE H2   H  N N 280 
PHE HA   H  N N 281 
PHE HB2  H  N N 282 
PHE HB3  H  N N 283 
PHE HD1  H  N N 284 
PHE HD2  H  N N 285 
PHE HE1  H  N N 286 
PHE HE2  H  N N 287 
PHE HZ   H  N N 288 
PHE HXT  H  N N 289 
PRO N    N  N N 290 
PRO CA   C  N S 291 
PRO C    C  N N 292 
PRO O    O  N N 293 
PRO CB   C  N N 294 
PRO CG   C  N N 295 
PRO CD   C  N N 296 
PRO OXT  O  N N 297 
PRO H    H  N N 298 
PRO HA   H  N N 299 
PRO HB2  H  N N 300 
PRO HB3  H  N N 301 
PRO HG2  H  N N 302 
PRO HG3  H  N N 303 
PRO HD2  H  N N 304 
PRO HD3  H  N N 305 
PRO HXT  H  N N 306 
SER N    N  N N 307 
SER CA   C  N S 308 
SER C    C  N N 309 
SER O    O  N N 310 
SER CB   C  N N 311 
SER OG   O  N N 312 
SER OXT  O  N N 313 
SER H    H  N N 314 
SER H2   H  N N 315 
SER HA   H  N N 316 
SER HB2  H  N N 317 
SER HB3  H  N N 318 
SER HG   H  N N 319 
SER HXT  H  N N 320 
THR N    N  N N 321 
THR CA   C  N S 322 
THR C    C  N N 323 
THR O    O  N N 324 
THR CB   C  N R 325 
THR OG1  O  N N 326 
THR CG2  C  N N 327 
THR OXT  O  N N 328 
THR H    H  N N 329 
THR H2   H  N N 330 
THR HA   H  N N 331 
THR HB   H  N N 332 
THR HG1  H  N N 333 
THR HG21 H  N N 334 
THR HG22 H  N N 335 
THR HG23 H  N N 336 
THR HXT  H  N N 337 
TRP N    N  N N 338 
TRP CA   C  N S 339 
TRP C    C  N N 340 
TRP O    O  N N 341 
TRP CB   C  N N 342 
TRP CG   C  Y N 343 
TRP CD1  C  Y N 344 
TRP CD2  C  Y N 345 
TRP NE1  N  Y N 346 
TRP CE2  C  Y N 347 
TRP CE3  C  Y N 348 
TRP CZ2  C  Y N 349 
TRP CZ3  C  Y N 350 
TRP CH2  C  Y N 351 
TRP OXT  O  N N 352 
TRP H    H  N N 353 
TRP H2   H  N N 354 
TRP HA   H  N N 355 
TRP HB2  H  N N 356 
TRP HB3  H  N N 357 
TRP HD1  H  N N 358 
TRP HE1  H  N N 359 
TRP HE3  H  N N 360 
TRP HZ2  H  N N 361 
TRP HZ3  H  N N 362 
TRP HH2  H  N N 363 
TRP HXT  H  N N 364 
TYR N    N  N N 365 
TYR CA   C  N S 366 
TYR C    C  N N 367 
TYR O    O  N N 368 
TYR CB   C  N N 369 
TYR CG   C  Y N 370 
TYR CD1  C  Y N 371 
TYR CD2  C  Y N 372 
TYR CE1  C  Y N 373 
TYR CE2  C  Y N 374 
TYR CZ   C  Y N 375 
TYR OH   O  N N 376 
TYR OXT  O  N N 377 
TYR H    H  N N 378 
TYR H2   H  N N 379 
TYR HA   H  N N 380 
TYR HB2  H  N N 381 
TYR HB3  H  N N 382 
TYR HD1  H  N N 383 
TYR HD2  H  N N 384 
TYR HE1  H  N N 385 
TYR HE2  H  N N 386 
TYR HH   H  N N 387 
TYR HXT  H  N N 388 
VAL N    N  N N 389 
VAL CA   C  N S 390 
VAL C    C  N N 391 
VAL O    O  N N 392 
VAL CB   C  N N 393 
VAL CG1  C  N N 394 
VAL CG2  C  N N 395 
VAL OXT  O  N N 396 
VAL H    H  N N 397 
VAL H2   H  N N 398 
VAL HA   H  N N 399 
VAL HB   H  N N 400 
VAL HG11 H  N N 401 
VAL HG12 H  N N 402 
VAL HG13 H  N N 403 
VAL HG21 H  N N 404 
VAL HG22 H  N N 405 
VAL HG23 H  N N 406 
VAL HXT  H  N N 407 
# 
loop_
_chem_comp_bond.comp_id 
_chem_comp_bond.atom_id_1 
_chem_comp_bond.atom_id_2 
_chem_comp_bond.value_order 
_chem_comp_bond.pdbx_aromatic_flag 
_chem_comp_bond.pdbx_stereo_config 
_chem_comp_bond.pdbx_ordinal 
ALA N   CA   sing N N 1   
ALA N   H    sing N N 2   
ALA N   H2   sing N N 3   
ALA CA  C    sing N N 4   
ALA CA  CB   sing N N 5   
ALA CA  HA   sing N N 6   
ALA C   O    doub N N 7   
ALA C   OXT  sing N N 8   
ALA CB  HB1  sing N N 9   
ALA CB  HB2  sing N N 10  
ALA CB  HB3  sing N N 11  
ALA OXT HXT  sing N N 12  
ARG N   CA   sing N N 13  
ARG N   H    sing N N 14  
ARG N   H2   sing N N 15  
ARG CA  C    sing N N 16  
ARG CA  CB   sing N N 17  
ARG CA  HA   sing N N 18  
ARG C   O    doub N N 19  
ARG C   OXT  sing N N 20  
ARG CB  CG   sing N N 21  
ARG CB  HB2  sing N N 22  
ARG CB  HB3  sing N N 23  
ARG CG  CD   sing N N 24  
ARG CG  HG2  sing N N 25  
ARG CG  HG3  sing N N 26  
ARG CD  NE   sing N N 27  
ARG CD  HD2  sing N N 28  
ARG CD  HD3  sing N N 29  
ARG NE  CZ   sing N N 30  
ARG NE  HE   sing N N 31  
ARG CZ  NH1  sing N N 32  
ARG CZ  NH2  doub N N 33  
ARG NH1 HH11 sing N N 34  
ARG NH1 HH12 sing N N 35  
ARG NH2 HH21 sing N N 36  
ARG NH2 HH22 sing N N 37  
ARG OXT HXT  sing N N 38  
ASN N   CA   sing N N 39  
ASN N   H    sing N N 40  
ASN N   H2   sing N N 41  
ASN CA  C    sing N N 42  
ASN CA  CB   sing N N 43  
ASN CA  HA   sing N N 44  
ASN C   O    doub N N 45  
ASN C   OXT  sing N N 46  
ASN CB  CG   sing N N 47  
ASN CB  HB2  sing N N 48  
ASN CB  HB3  sing N N 49  
ASN CG  OD1  doub N N 50  
ASN CG  ND2  sing N N 51  
ASN ND2 HD21 sing N N 52  
ASN ND2 HD22 sing N N 53  
ASN OXT HXT  sing N N 54  
ASP N   CA   sing N N 55  
ASP N   H    sing N N 56  
ASP N   H2   sing N N 57  
ASP CA  C    sing N N 58  
ASP CA  CB   sing N N 59  
ASP CA  HA   sing N N 60  
ASP C   O    doub N N 61  
ASP C   OXT  sing N N 62  
ASP CB  CG   sing N N 63  
ASP CB  HB2  sing N N 64  
ASP CB  HB3  sing N N 65  
ASP CG  OD1  doub N N 66  
ASP CG  OD2  sing N N 67  
ASP OD2 HD2  sing N N 68  
ASP OXT HXT  sing N N 69  
CYS N   CA   sing N N 70  
CYS N   H    sing N N 71  
CYS N   H2   sing N N 72  
CYS CA  C    sing N N 73  
CYS CA  CB   sing N N 74  
CYS CA  HA   sing N N 75  
CYS C   O    doub N N 76  
CYS C   OXT  sing N N 77  
CYS CB  SG   sing N N 78  
CYS CB  HB2  sing N N 79  
CYS CB  HB3  sing N N 80  
CYS SG  HG   sing N N 81  
CYS OXT HXT  sing N N 82  
GLN N   CA   sing N N 83  
GLN N   H    sing N N 84  
GLN N   H2   sing N N 85  
GLN CA  C    sing N N 86  
GLN CA  CB   sing N N 87  
GLN CA  HA   sing N N 88  
GLN C   O    doub N N 89  
GLN C   OXT  sing N N 90  
GLN CB  CG   sing N N 91  
GLN CB  HB2  sing N N 92  
GLN CB  HB3  sing N N 93  
GLN CG  CD   sing N N 94  
GLN CG  HG2  sing N N 95  
GLN CG  HG3  sing N N 96  
GLN CD  OE1  doub N N 97  
GLN CD  NE2  sing N N 98  
GLN NE2 HE21 sing N N 99  
GLN NE2 HE22 sing N N 100 
GLN OXT HXT  sing N N 101 
GLU N   CA   sing N N 102 
GLU N   H    sing N N 103 
GLU N   H2   sing N N 104 
GLU CA  C    sing N N 105 
GLU CA  CB   sing N N 106 
GLU CA  HA   sing N N 107 
GLU C   O    doub N N 108 
GLU C   OXT  sing N N 109 
GLU CB  CG   sing N N 110 
GLU CB  HB2  sing N N 111 
GLU CB  HB3  sing N N 112 
GLU CG  CD   sing N N 113 
GLU CG  HG2  sing N N 114 
GLU CG  HG3  sing N N 115 
GLU CD  OE1  doub N N 116 
GLU CD  OE2  sing N N 117 
GLU OE2 HE2  sing N N 118 
GLU OXT HXT  sing N N 119 
GLY N   CA   sing N N 120 
GLY N   H    sing N N 121 
GLY N   H2   sing N N 122 
GLY CA  C    sing N N 123 
GLY CA  HA2  sing N N 124 
GLY CA  HA3  sing N N 125 
GLY C   O    doub N N 126 
GLY C   OXT  sing N N 127 
GLY OXT HXT  sing N N 128 
HIS N   CA   sing N N 129 
HIS N   H    sing N N 130 
HIS N   H2   sing N N 131 
HIS CA  C    sing N N 132 
HIS CA  CB   sing N N 133 
HIS CA  HA   sing N N 134 
HIS C   O    doub N N 135 
HIS C   OXT  sing N N 136 
HIS CB  CG   sing N N 137 
HIS CB  HB2  sing N N 138 
HIS CB  HB3  sing N N 139 
HIS CG  ND1  sing Y N 140 
HIS CG  CD2  doub Y N 141 
HIS ND1 CE1  doub Y N 142 
HIS ND1 HD1  sing N N 143 
HIS CD2 NE2  sing Y N 144 
HIS CD2 HD2  sing N N 145 
HIS CE1 NE2  sing Y N 146 
HIS CE1 HE1  sing N N 147 
HIS NE2 HE2  sing N N 148 
HIS OXT HXT  sing N N 149 
ILE N   CA   sing N N 150 
ILE N   H    sing N N 151 
ILE N   H2   sing N N 152 
ILE CA  C    sing N N 153 
ILE CA  CB   sing N N 154 
ILE CA  HA   sing N N 155 
ILE C   O    doub N N 156 
ILE C   OXT  sing N N 157 
ILE CB  CG1  sing N N 158 
ILE CB  CG2  sing N N 159 
ILE CB  HB   sing N N 160 
ILE CG1 CD1  sing N N 161 
ILE CG1 HG12 sing N N 162 
ILE CG1 HG13 sing N N 163 
ILE CG2 HG21 sing N N 164 
ILE CG2 HG22 sing N N 165 
ILE CG2 HG23 sing N N 166 
ILE CD1 HD11 sing N N 167 
ILE CD1 HD12 sing N N 168 
ILE CD1 HD13 sing N N 169 
ILE OXT HXT  sing N N 170 
LEU N   CA   sing N N 171 
LEU N   H    sing N N 172 
LEU N   H2   sing N N 173 
LEU CA  C    sing N N 174 
LEU CA  CB   sing N N 175 
LEU CA  HA   sing N N 176 
LEU C   O    doub N N 177 
LEU C   OXT  sing N N 178 
LEU CB  CG   sing N N 179 
LEU CB  HB2  sing N N 180 
LEU CB  HB3  sing N N 181 
LEU CG  CD1  sing N N 182 
LEU CG  CD2  sing N N 183 
LEU CG  HG   sing N N 184 
LEU CD1 HD11 sing N N 185 
LEU CD1 HD12 sing N N 186 
LEU CD1 HD13 sing N N 187 
LEU CD2 HD21 sing N N 188 
LEU CD2 HD22 sing N N 189 
LEU CD2 HD23 sing N N 190 
LEU OXT HXT  sing N N 191 
LYS N   CA   sing N N 192 
LYS N   H    sing N N 193 
LYS N   H2   sing N N 194 
LYS CA  C    sing N N 195 
LYS CA  CB   sing N N 196 
LYS CA  HA   sing N N 197 
LYS C   O    doub N N 198 
LYS C   OXT  sing N N 199 
LYS CB  CG   sing N N 200 
LYS CB  HB2  sing N N 201 
LYS CB  HB3  sing N N 202 
LYS CG  CD   sing N N 203 
LYS CG  HG2  sing N N 204 
LYS CG  HG3  sing N N 205 
LYS CD  CE   sing N N 206 
LYS CD  HD2  sing N N 207 
LYS CD  HD3  sing N N 208 
LYS CE  NZ   sing N N 209 
LYS CE  HE2  sing N N 210 
LYS CE  HE3  sing N N 211 
LYS NZ  HZ1  sing N N 212 
LYS NZ  HZ2  sing N N 213 
LYS NZ  HZ3  sing N N 214 
LYS OXT HXT  sing N N 215 
MET N   CA   sing N N 216 
MET N   H    sing N N 217 
MET N   H2   sing N N 218 
MET CA  C    sing N N 219 
MET CA  CB   sing N N 220 
MET CA  HA   sing N N 221 
MET C   O    doub N N 222 
MET C   OXT  sing N N 223 
MET CB  CG   sing N N 224 
MET CB  HB2  sing N N 225 
MET CB  HB3  sing N N 226 
MET CG  SD   sing N N 227 
MET CG  HG2  sing N N 228 
MET CG  HG3  sing N N 229 
MET SD  CE   sing N N 230 
MET CE  HE1  sing N N 231 
MET CE  HE2  sing N N 232 
MET CE  HE3  sing N N 233 
MET OXT HXT  sing N N 234 
MSE N   CA   sing N N 235 
MSE N   H    sing N N 236 
MSE N   H2   sing N N 237 
MSE CA  C    sing N N 238 
MSE CA  CB   sing N N 239 
MSE CA  HA   sing N N 240 
MSE C   O    doub N N 241 
MSE C   OXT  sing N N 242 
MSE OXT HXT  sing N N 243 
MSE CB  CG   sing N N 244 
MSE CB  HB2  sing N N 245 
MSE CB  HB3  sing N N 246 
MSE CG  SE   sing N N 247 
MSE CG  HG2  sing N N 248 
MSE CG  HG3  sing N N 249 
MSE SE  CE   sing N N 250 
MSE CE  HE1  sing N N 251 
MSE CE  HE2  sing N N 252 
MSE CE  HE3  sing N N 253 
PHE N   CA   sing N N 254 
PHE N   H    sing N N 255 
PHE N   H2   sing N N 256 
PHE CA  C    sing N N 257 
PHE CA  CB   sing N N 258 
PHE CA  HA   sing N N 259 
PHE C   O    doub N N 260 
PHE C   OXT  sing N N 261 
PHE CB  CG   sing N N 262 
PHE CB  HB2  sing N N 263 
PHE CB  HB3  sing N N 264 
PHE CG  CD1  doub Y N 265 
PHE CG  CD2  sing Y N 266 
PHE CD1 CE1  sing Y N 267 
PHE CD1 HD1  sing N N 268 
PHE CD2 CE2  doub Y N 269 
PHE CD2 HD2  sing N N 270 
PHE CE1 CZ   doub Y N 271 
PHE CE1 HE1  sing N N 272 
PHE CE2 CZ   sing Y N 273 
PHE CE2 HE2  sing N N 274 
PHE CZ  HZ   sing N N 275 
PHE OXT HXT  sing N N 276 
PRO N   CA   sing N N 277 
PRO N   CD   sing N N 278 
PRO N   H    sing N N 279 
PRO CA  C    sing N N 280 
PRO CA  CB   sing N N 281 
PRO CA  HA   sing N N 282 
PRO C   O    doub N N 283 
PRO C   OXT  sing N N 284 
PRO CB  CG   sing N N 285 
PRO CB  HB2  sing N N 286 
PRO CB  HB3  sing N N 287 
PRO CG  CD   sing N N 288 
PRO CG  HG2  sing N N 289 
PRO CG  HG3  sing N N 290 
PRO CD  HD2  sing N N 291 
PRO CD  HD3  sing N N 292 
PRO OXT HXT  sing N N 293 
SER N   CA   sing N N 294 
SER N   H    sing N N 295 
SER N   H2   sing N N 296 
SER CA  C    sing N N 297 
SER CA  CB   sing N N 298 
SER CA  HA   sing N N 299 
SER C   O    doub N N 300 
SER C   OXT  sing N N 301 
SER CB  OG   sing N N 302 
SER CB  HB2  sing N N 303 
SER CB  HB3  sing N N 304 
SER OG  HG   sing N N 305 
SER OXT HXT  sing N N 306 
THR N   CA   sing N N 307 
THR N   H    sing N N 308 
THR N   H2   sing N N 309 
THR CA  C    sing N N 310 
THR CA  CB   sing N N 311 
THR CA  HA   sing N N 312 
THR C   O    doub N N 313 
THR C   OXT  sing N N 314 
THR CB  OG1  sing N N 315 
THR CB  CG2  sing N N 316 
THR CB  HB   sing N N 317 
THR OG1 HG1  sing N N 318 
THR CG2 HG21 sing N N 319 
THR CG2 HG22 sing N N 320 
THR CG2 HG23 sing N N 321 
THR OXT HXT  sing N N 322 
TRP N   CA   sing N N 323 
TRP N   H    sing N N 324 
TRP N   H2   sing N N 325 
TRP CA  C    sing N N 326 
TRP CA  CB   sing N N 327 
TRP CA  HA   sing N N 328 
TRP C   O    doub N N 329 
TRP C   OXT  sing N N 330 
TRP CB  CG   sing N N 331 
TRP CB  HB2  sing N N 332 
TRP CB  HB3  sing N N 333 
TRP CG  CD1  doub Y N 334 
TRP CG  CD2  sing Y N 335 
TRP CD1 NE1  sing Y N 336 
TRP CD1 HD1  sing N N 337 
TRP CD2 CE2  doub Y N 338 
TRP CD2 CE3  sing Y N 339 
TRP NE1 CE2  sing Y N 340 
TRP NE1 HE1  sing N N 341 
TRP CE2 CZ2  sing Y N 342 
TRP CE3 CZ3  doub Y N 343 
TRP CE3 HE3  sing N N 344 
TRP CZ2 CH2  doub Y N 345 
TRP CZ2 HZ2  sing N N 346 
TRP CZ3 CH2  sing Y N 347 
TRP CZ3 HZ3  sing N N 348 
TRP CH2 HH2  sing N N 349 
TRP OXT HXT  sing N N 350 
TYR N   CA   sing N N 351 
TYR N   H    sing N N 352 
TYR N   H2   sing N N 353 
TYR CA  C    sing N N 354 
TYR CA  CB   sing N N 355 
TYR CA  HA   sing N N 356 
TYR C   O    doub N N 357 
TYR C   OXT  sing N N 358 
TYR CB  CG   sing N N 359 
TYR CB  HB2  sing N N 360 
TYR CB  HB3  sing N N 361 
TYR CG  CD1  doub Y N 362 
TYR CG  CD2  sing Y N 363 
TYR CD1 CE1  sing Y N 364 
TYR CD1 HD1  sing N N 365 
TYR CD2 CE2  doub Y N 366 
TYR CD2 HD2  sing N N 367 
TYR CE1 CZ   doub Y N 368 
TYR CE1 HE1  sing N N 369 
TYR CE2 CZ   sing Y N 370 
TYR CE2 HE2  sing N N 371 
TYR CZ  OH   sing N N 372 
TYR OH  HH   sing N N 373 
TYR OXT HXT  sing N N 374 
VAL N   CA   sing N N 375 
VAL N   H    sing N N 376 
VAL N   H2   sing N N 377 
VAL CA  C    sing N N 378 
VAL CA  CB   sing N N 379 
VAL CA  HA   sing N N 380 
VAL C   O    doub N N 381 
VAL C   OXT  sing N N 382 
VAL CB  CG1  sing N N 383 
VAL CB  CG2  sing N N 384 
VAL CB  HB   sing N N 385 
VAL CG1 HG11 sing N N 386 
VAL CG1 HG12 sing N N 387 
VAL CG1 HG13 sing N N 388 
VAL CG2 HG21 sing N N 389 
VAL CG2 HG22 sing N N 390 
VAL CG2 HG23 sing N N 391 
VAL OXT HXT  sing N N 392 
# 
_atom_sites.entry_id                    2O9X 
_atom_sites.fract_transf_matrix[1][1]   -0.00148105 
_atom_sites.fract_transf_matrix[1][2]   0.00668811 
_atom_sites.fract_transf_matrix[1][3]   -0.00485688 
_atom_sites.fract_transf_matrix[2][1]   -0.00749642 
_atom_sites.fract_transf_matrix[2][2]   0.00095304 
_atom_sites.fract_transf_matrix[2][3]   -0.00366129 
_atom_sites.fract_transf_matrix[3][1]   -0.00505898 
_atom_sites.fract_transf_matrix[3][2]   0.00789395 
_atom_sites.fract_transf_matrix[3][3]   0.01241296 
_atom_sites.fract_transf_vector[1]      0.438681 
_atom_sites.fract_transf_vector[2]      0.327448 
_atom_sites.fract_transf_vector[3]      0.561264 
# 
loop_
_atom_type.symbol 
C  
N  
O  
S  
SE 
# 
loop_
_atom_site.group_PDB 
_atom_site.id 
_atom_site.type_symbol 
_atom_site.label_atom_id 
_atom_site.label_alt_id 
_atom_site.label_comp_id 
_atom_site.label_asym_id 
_atom_site.label_entity_id 
_atom_site.label_seq_id 
_atom_site.pdbx_PDB_ins_code 
_atom_site.Cartn_x 
_atom_site.Cartn_y 
_atom_site.Cartn_z 
_atom_site.occupancy 
_atom_site.B_iso_or_equiv 
_atom_site.pdbx_formal_charge 
_atom_site.auth_seq_id 
_atom_site.auth_comp_id 
_atom_site.auth_asym_id 
_atom_site.auth_atom_id 
_atom_site.pdbx_PDB_model_num 
ATOM   1    N  N   . ARG A 1 14  ? -7.474  17.844  -10.300 1.00 99.46  ? -8  ARG A N   1 
ATOM   2    C  CA  . ARG A 1 14  ? -8.916  17.581  -9.892  1.00 101.56 ? -8  ARG A CA  1 
ATOM   3    C  C   . ARG A 1 14  ? -9.312  16.291  -9.016  1.00 103.85 ? -8  ARG A C   1 
ATOM   4    O  O   . ARG A 1 14  ? -9.175  15.087  -9.408  1.00 99.30  ? -8  ARG A O   1 
ATOM   5    C  CB  . ARG A 1 14  ? -9.879  17.807  -11.067 1.00 97.22  ? -8  ARG A CB  1 
ATOM   6    N  N   . GLU A 1 15  ? -9.740  16.640  -7.791  1.00 105.62 ? -7  GLU A N   1 
ATOM   7    C  CA  . GLU A 1 15  ? -10.388 15.807  -6.775  1.00 103.31 ? -7  GLU A CA  1 
ATOM   8    C  C   . GLU A 1 15  ? -11.541 16.736  -6.377  1.00 101.75 ? -7  GLU A C   1 
ATOM   9    O  O   . GLU A 1 15  ? -11.463 17.926  -6.681  1.00 100.47 ? -7  GLU A O   1 
ATOM   10   C  CB  . GLU A 1 15  ? -9.463  15.517  -5.580  1.00 103.87 ? -7  GLU A CB  1 
ATOM   11   N  N   . ASN A 1 16  ? -12.574 16.216  -5.693  1.00 99.85  ? -6  ASN A N   1 
ATOM   12   C  CA  . ASN A 1 16  ? -13.958 16.685  -5.969  1.00 98.99  ? -6  ASN A CA  1 
ATOM   13   C  C   . ASN A 1 16  ? -14.270 17.940  -5.278  1.00 91.27  ? -6  ASN A C   1 
ATOM   14   O  O   . ASN A 1 16  ? -13.850 18.137  -4.165  1.00 88.90  ? -6  ASN A O   1 
ATOM   15   C  CB  . ASN A 1 16  ? -15.109 15.651  -5.725  1.00 102.20 ? -6  ASN A CB  1 
ATOM   16   C  CG  . ASN A 1 16  ? -14.591 14.314  -5.154  1.00 113.41 ? -6  ASN A CG  1 
ATOM   17   O  OD1 . ASN A 1 16  ? -14.801 13.222  -5.758  1.00 107.62 ? -6  ASN A OD1 1 
ATOM   18   N  ND2 . ASN A 1 16  ? -13.876 14.398  -3.988  1.00 117.72 ? -6  ASN A ND2 1 
ATOM   19   N  N   . LEU A 1 17  ? -15.009 18.771  -5.998  1.00 85.09  ? -5  LEU A N   1 
ATOM   20   C  CA  . LEU A 1 17  ? -15.452 20.019  -5.512  1.00 75.33  ? -5  LEU A CA  1 
ATOM   21   C  C   . LEU A 1 17  ? -16.842 19.839  -4.903  1.00 78.56  ? -5  LEU A C   1 
ATOM   22   O  O   . LEU A 1 17  ? -17.438 20.833  -4.506  1.00 84.03  ? -5  LEU A O   1 
ATOM   23   C  CB  . LEU A 1 17  ? -15.370 21.156  -6.587  1.00 72.54  ? -5  LEU A CB  1 
ATOM   24   C  CG  . LEU A 1 17  ? -15.440 21.149  -8.133  1.00 36.48  ? -5  LEU A CG  1 
ATOM   25   N  N   . TYR A 1 18  ? -17.395 18.629  -4.771  1.00 75.94  ? -4  TYR A N   1 
ATOM   26   C  CA  . TYR A 1 18  ? -18.618 18.642  -3.942  1.00 75.12  ? -4  TYR A CA  1 
ATOM   27   C  C   . TYR A 1 18  ? -18.936 17.547  -2.997  1.00 75.67  ? -4  TYR A C   1 
ATOM   28   O  O   . TYR A 1 18  ? -20.095 17.374  -2.630  1.00 75.25  ? -4  TYR A O   1 
ATOM   29   C  CB  . TYR A 1 18  ? -19.856 18.783  -4.755  1.00 72.11  ? -4  TYR A CB  1 
ATOM   30   C  CG  . TYR A 1 18  ? -19.639 19.287  -6.109  1.00 74.30  ? -4  TYR A CG  1 
ATOM   31   C  CD1 . TYR A 1 18  ? -18.916 18.559  -7.053  1.00 88.99  ? -4  TYR A CD1 1 
ATOM   32   C  CD2 . TYR A 1 18  ? -20.192 20.485  -6.477  1.00 70.19  ? -4  TYR A CD2 1 
ATOM   33   C  CE1 . TYR A 1 18  ? -18.781 19.077  -8.337  1.00 92.29  ? -4  TYR A CE1 1 
ATOM   34   C  CE2 . TYR A 1 18  ? -20.063 20.984  -7.710  1.00 66.60  ? -4  TYR A CE2 1 
ATOM   35   C  CZ  . TYR A 1 18  ? -19.380 20.309  -8.644  1.00 69.49  ? -4  TYR A CZ  1 
ATOM   36   O  OH  . TYR A 1 18  ? -19.290 20.916  -9.867  1.00 67.28  ? -4  TYR A OH  1 
ATOM   37   N  N   . PHE A 1 19  ? -17.948 16.805  -2.571  1.00 75.55  ? -3  PHE A N   1 
ATOM   38   C  CA  . PHE A 1 19  ? -18.276 15.804  -1.620  1.00 78.93  ? -3  PHE A CA  1 
ATOM   39   C  C   . PHE A 1 19  ? -17.209 15.842  -0.571  1.00 84.80  ? -3  PHE A C   1 
ATOM   40   O  O   . PHE A 1 19  ? -16.029 15.976  -0.911  1.00 87.85  ? -3  PHE A O   1 
ATOM   41   C  CB  . PHE A 1 19  ? -18.362 14.454  -2.296  1.00 77.16  ? -3  PHE A CB  1 
ATOM   42   C  CG  . PHE A 1 19  ? -19.561 14.289  -3.168  1.00 69.90  ? -3  PHE A CG  1 
ATOM   43   C  CD1 . PHE A 1 19  ? -19.440 14.272  -4.531  1.00 68.81  ? -3  PHE A CD1 1 
ATOM   44   C  CD2 . PHE A 1 19  ? -20.814 14.107  -2.622  1.00 78.38  ? -3  PHE A CD2 1 
ATOM   45   C  CE1 . PHE A 1 19  ? -20.566 14.086  -5.349  1.00 65.60  ? -3  PHE A CE1 1 
ATOM   46   C  CE2 . PHE A 1 19  ? -21.967 13.927  -3.441  1.00 74.83  ? -3  PHE A CE2 1 
ATOM   47   C  CZ  . PHE A 1 19  ? -21.836 13.927  -4.795  1.00 70.61  ? -3  PHE A CZ  1 
ATOM   48   N  N   . GLN A 1 20  ? -17.606 15.743  0.702   1.00 88.49  ? -2  GLN A N   1 
ATOM   49   C  CA  . GLN A 1 20  ? -16.685 16.132  1.770   1.00 91.15  ? -2  GLN A CA  1 
ATOM   50   C  C   . GLN A 1 20  ? -15.701 15.026  1.840   1.00 93.28  ? -2  GLN A C   1 
ATOM   51   O  O   . GLN A 1 20  ? -16.123 13.916  2.057   1.00 96.06  ? -2  GLN A O   1 
ATOM   52   C  CB  . GLN A 1 20  ? -17.392 16.322  3.125   1.00 90.71  ? -2  GLN A CB  1 
ATOM   53   C  CG  . GLN A 1 20  ? -16.871 17.499  3.955   1.00 84.78  ? -2  GLN A CG  1 
ATOM   54   N  N   . GLY A 1 21  ? -14.436 15.306  1.522   1.00 95.38  ? -1  GLY A N   1 
ATOM   55   C  CA  . GLY A 1 21  ? -13.315 14.587  2.119   1.00 98.10  ? -1  GLY A CA  1 
ATOM   56   C  C   . GLY A 1 21  ? -12.759 13.281  1.602   1.00 100.16 ? -1  GLY A C   1 
ATOM   57   O  O   . GLY A 1 21  ? -13.434 12.481  0.912   1.00 103.17 ? -1  GLY A O   1 
ATOM   58   N  N   . HIS A 1 22  ? -11.548 13.017  2.080   1.00 99.98  ? 0   HIS A N   1 
ATOM   59   C  CA  . HIS A 1 22  ? -10.496 12.424  1.268   1.00 100.38 ? 0   HIS A CA  1 
ATOM   60   C  C   . HIS A 1 22  ? -10.147 10.938  1.337   1.00 95.27  ? 0   HIS A C   1 
ATOM   61   O  O   . HIS A 1 22  ? -9.038  10.542  0.998   1.00 94.78  ? 0   HIS A O   1 
ATOM   62   C  CB  . HIS A 1 22  ? -9.264  13.247  1.529   1.00 103.08 ? 0   HIS A CB  1 
ATOM   63   C  CG  . HIS A 1 22  ? -9.489  14.694  1.302   1.00 116.06 ? 0   HIS A CG  1 
ATOM   64   N  ND1 . HIS A 1 22  ? -9.517  15.245  0.041   1.00 130.90 ? 0   HIS A ND1 1 
ATOM   65   C  CD2 . HIS A 1 22  ? -9.730  15.703  2.169   1.00 132.75 ? 0   HIS A CD2 1 
ATOM   66   C  CE1 . HIS A 1 22  ? -9.746  16.542  0.141   1.00 141.21 ? 0   HIS A CE1 1 
ATOM   67   N  NE2 . HIS A 1 22  ? -9.880  16.845  1.422   1.00 145.74 ? 0   HIS A NE2 1 
HETATM 68   N  N   . MSE A 1 23  ? -11.066 10.092  1.726   1.00 90.34  ? 1   MSE A N   1 
HETATM 69   C  CA  . MSE A 1 23  ? -10.650 8.726   1.928   1.00 86.90  ? 1   MSE A CA  1 
HETATM 70   C  C   . MSE A 1 23  ? -9.893  8.079   0.748   1.00 85.60  ? 1   MSE A C   1 
HETATM 71   O  O   . MSE A 1 23  ? -8.859  7.387   0.889   1.00 79.30  ? 1   MSE A O   1 
HETATM 72   C  CB  . MSE A 1 23  ? -11.859 7.893   2.196   1.00 86.05  ? 1   MSE A CB  1 
HETATM 73   C  CG  . MSE A 1 23  ? -11.502 6.495   1.995   1.00 83.04  ? 1   MSE A CG  1 
HETATM 74   SE SE  . MSE A 1 23  ? -12.274 5.655   3.285   1.00 87.76  ? 1   MSE A SE  1 
HETATM 75   C  CE  . MSE A 1 23  ? -13.998 5.606   2.703   1.00 79.26  ? 1   MSE A CE  1 
ATOM   76   N  N   . ARG A 1 24  ? -10.478 8.285   -0.427  1.00 87.41  ? 2   ARG A N   1 
ATOM   77   C  CA  . ARG A 1 24  ? -9.982  7.691   -1.646  1.00 82.77  ? 2   ARG A CA  1 
ATOM   78   C  C   . ARG A 1 24  ? -8.578  8.222   -1.816  1.00 79.23  ? 2   ARG A C   1 
ATOM   79   O  O   . ARG A 1 24  ? -7.614  7.439   -1.893  1.00 77.13  ? 2   ARG A O   1 
ATOM   80   C  CB  . ARG A 1 24  ? -10.867 8.124   -2.796  1.00 81.58  ? 2   ARG A CB  1 
ATOM   81   C  CG  . ARG A 1 24  ? -12.330 7.812   -2.609  1.00 85.56  ? 2   ARG A CG  1 
ATOM   82   C  CD  . ARG A 1 24  ? -12.873 7.188   -3.898  1.00 95.10  ? 2   ARG A CD  1 
ATOM   83   N  NE  . ARG A 1 24  ? -14.311 6.899   -3.890  1.00 96.46  ? 2   ARG A NE  1 
ATOM   84   C  CZ  . ARG A 1 24  ? -14.978 6.519   -4.976  1.00 98.97  ? 2   ARG A CZ  1 
ATOM   85   N  NH1 . ARG A 1 24  ? -14.334 6.398   -6.131  1.00 106.41 ? 2   ARG A NH1 1 
ATOM   86   N  NH2 . ARG A 1 24  ? -16.280 6.278   -4.918  1.00 103.37 ? 2   ARG A NH2 1 
ATOM   87   N  N   . GLU A 1 25  ? -8.480  9.556   -1.815  1.00 74.56  ? 3   GLU A N   1 
ATOM   88   C  CA  . GLU A 1 25  ? -7.208  10.205  -1.936  1.00 73.08  ? 3   GLU A CA  1 
ATOM   89   C  C   . GLU A 1 25  ? -6.213  9.485   -0.981  1.00 73.65  ? 3   GLU A C   1 
ATOM   90   O  O   . GLU A 1 25  ? -5.182  8.951   -1.406  1.00 74.69  ? 3   GLU A O   1 
ATOM   91   C  CB  . GLU A 1 25  ? -7.344  11.728  -1.696  1.00 73.87  ? 3   GLU A CB  1 
ATOM   92   C  CG  . GLU A 1 25  ? -8.526  12.449  -2.433  1.00 77.86  ? 3   GLU A CG  1 
ATOM   93   N  N   . HIS A 1 26  ? -6.570  9.404   0.290   1.00 72.48  ? 4   HIS A N   1 
ATOM   94   C  CA  . HIS A 1 26  ? -5.790  8.729   1.315   1.00 74.40  ? 4   HIS A CA  1 
ATOM   95   C  C   . HIS A 1 26  ? -5.280  7.313   0.966   1.00 73.66  ? 4   HIS A C   1 
ATOM   96   O  O   . HIS A 1 26  ? -4.087  7.022   0.985   1.00 72.01  ? 4   HIS A O   1 
ATOM   97   C  CB  . HIS A 1 26  ? -6.740  8.584   2.475   1.00 78.89  ? 4   HIS A CB  1 
ATOM   98   C  CG  . HIS A 1 26  ? -6.111  8.714   3.824   1.00 87.53  ? 4   HIS A CG  1 
ATOM   99   N  ND1 . HIS A 1 26  ? -6.710  9.424   4.849   1.00 93.09  ? 4   HIS A ND1 1 
ATOM   100  C  CD2 . HIS A 1 26  ? -4.967  8.195   4.334   1.00 92.66  ? 4   HIS A CD2 1 
ATOM   101  C  CE1 . HIS A 1 26  ? -5.942  9.351   5.924   1.00 104.31 ? 4   HIS A CE1 1 
ATOM   102  N  NE2 . HIS A 1 26  ? -4.877  8.617   5.636   1.00 96.06  ? 4   HIS A NE2 1 
ATOM   103  N  N   . LEU A 1 27  ? -6.216  6.420   0.696   1.00 73.13  ? 5   LEU A N   1 
ATOM   104  C  CA  . LEU A 1 27  ? -5.902  5.159   0.050   1.00 72.12  ? 5   LEU A CA  1 
ATOM   105  C  C   . LEU A 1 27  ? -4.812  5.235   -1.037  1.00 71.82  ? 5   LEU A C   1 
ATOM   106  O  O   . LEU A 1 27  ? -3.775  4.577   -0.882  1.00 72.87  ? 5   LEU A O   1 
ATOM   107  C  CB  . LEU A 1 27  ? -7.178  4.562   -0.534  1.00 72.40  ? 5   LEU A CB  1 
ATOM   108  C  CG  . LEU A 1 27  ? -8.153  4.101   0.546   1.00 67.84  ? 5   LEU A CG  1 
ATOM   109  C  CD1 . LEU A 1 27  ? -9.459  3.576   -0.010  1.00 72.05  ? 5   LEU A CD1 1 
ATOM   110  C  CD2 . LEU A 1 27  ? -7.514  3.032   1.335   1.00 41.33  ? 5   LEU A CD2 1 
ATOM   111  N  N   . LYS A 1 28  ? -5.016  6.014   -2.114  1.00 68.27  ? 6   LYS A N   1 
ATOM   112  C  CA  . LYS A 1 28  ? -3.936  6.119   -3.115  1.00 69.40  ? 6   LYS A CA  1 
ATOM   113  C  C   . LYS A 1 28  ? -2.558  6.465   -2.479  1.00 70.17  ? 6   LYS A C   1 
ATOM   114  O  O   . LYS A 1 28  ? -1.542  5.808   -2.790  1.00 68.83  ? 6   LYS A O   1 
ATOM   115  C  CB  . LYS A 1 28  ? -4.272  6.973   -4.361  1.00 66.73  ? 6   LYS A CB  1 
ATOM   116  N  N   . LEU A 1 29  ? -2.528  7.425   -1.551  1.00 70.45  ? 7   LEU A N   1 
ATOM   117  C  CA  . LEU A 1 29  ? -1.284  7.668   -0.800  1.00 73.61  ? 7   LEU A CA  1 
ATOM   118  C  C   . LEU A 1 29  ? -0.743  6.326   -0.300  1.00 74.31  ? 7   LEU A C   1 
ATOM   119  O  O   . LEU A 1 29  ? 0.423   6.003   -0.511  1.00 75.51  ? 7   LEU A O   1 
ATOM   120  C  CB  . LEU A 1 29  ? -1.427  8.683   0.372   1.00 72.15  ? 7   LEU A CB  1 
ATOM   121  C  CG  . LEU A 1 29  ? -0.132  9.336   0.894   1.00 62.57  ? 7   LEU A CG  1 
ATOM   122  N  N   . PHE A 1 30  ? -1.579  5.526   0.337   1.00 75.15  ? 8   PHE A N   1 
ATOM   123  C  CA  . PHE A 1 30  ? -0.997  4.371   0.978   1.00 78.76  ? 8   PHE A CA  1 
ATOM   124  C  C   . PHE A 1 30  ? -0.487  3.449   -0.068  1.00 78.92  ? 8   PHE A C   1 
ATOM   125  O  O   . PHE A 1 30  ? 0.615   2.929   0.070   1.00 82.25  ? 8   PHE A O   1 
ATOM   126  C  CB  . PHE A 1 30  ? -1.937  3.657   1.951   1.00 81.64  ? 8   PHE A CB  1 
ATOM   127  C  CG  . PHE A 1 30  ? -1.952  4.264   3.344   1.00 79.97  ? 8   PHE A CG  1 
ATOM   128  C  CD1 . PHE A 1 30  ? -3.032  5.003   3.779   1.00 74.25  ? 8   PHE A CD1 1 
ATOM   129  C  CD2 . PHE A 1 30  ? -0.869  4.101   4.198   1.00 83.83  ? 8   PHE A CD2 1 
ATOM   130  C  CE1 . PHE A 1 30  ? -3.036  5.552   5.035   1.00 85.78  ? 8   PHE A CE1 1 
ATOM   131  C  CE2 . PHE A 1 30  ? -0.859  4.663   5.471   1.00 85.20  ? 8   PHE A CE2 1 
ATOM   132  C  CZ  . PHE A 1 30  ? -1.940  5.384   5.889   1.00 89.61  ? 8   PHE A CZ  1 
ATOM   133  N  N   . SER A 1 31  ? -1.244  3.298   -1.142  1.00 77.46  ? 9   SER A N   1 
ATOM   134  C  CA  . SER A 1 31  ? -0.770  2.499   -2.248  1.00 78.62  ? 9   SER A CA  1 
ATOM   135  C  C   . SER A 1 31  ? 0.601   2.963   -2.759  1.00 79.18  ? 9   SER A C   1 
ATOM   136  O  O   . SER A 1 31  ? 1.501   2.148   -3.008  1.00 79.49  ? 9   SER A O   1 
ATOM   137  C  CB  . SER A 1 31  ? -1.753  2.547   -3.382  1.00 79.83  ? 9   SER A CB  1 
ATOM   138  O  OG  . SER A 1 31  ? -1.131  2.020   -4.533  1.00 83.83  ? 9   SER A OG  1 
ATOM   139  N  N   . LEU A 1 32  ? 0.762   4.272   -2.921  1.00 77.84  ? 10  LEU A N   1 
ATOM   140  C  CA  . LEU A 1 32  ? 2.076   4.813   -3.246  1.00 75.73  ? 10  LEU A CA  1 
ATOM   141  C  C   . LEU A 1 32  ? 3.104   4.506   -2.192  1.00 80.22  ? 10  LEU A C   1 
ATOM   142  O  O   . LEU A 1 32  ? 4.247   4.110   -2.510  1.00 87.05  ? 10  LEU A O   1 
ATOM   143  C  CB  . LEU A 1 32  ? 2.008   6.309   -3.402  1.00 71.69  ? 10  LEU A CB  1 
ATOM   144  C  CG  . LEU A 1 32  ? 1.366   6.517   -4.755  1.00 70.22  ? 10  LEU A CG  1 
ATOM   145  C  CD1 . LEU A 1 32  ? 1.082   7.958   -5.090  1.00 78.19  ? 10  LEU A CD1 1 
ATOM   146  C  CD2 . LEU A 1 32  ? 2.260   5.946   -5.768  1.00 64.93  ? 10  LEU A CD2 1 
ATOM   147  N  N   . ILE A 1 33  ? 2.729   4.713   -0.930  1.00 78.80  ? 11  ILE A N   1 
ATOM   148  C  CA  . ILE A 1 33  ? 3.679   4.493   0.143   1.00 73.95  ? 11  ILE A CA  1 
ATOM   149  C  C   . ILE A 1 33  ? 4.143   3.035   0.103   1.00 73.40  ? 11  ILE A C   1 
ATOM   150  O  O   . ILE A 1 33  ? 5.305   2.751   0.339   1.00 75.78  ? 11  ILE A O   1 
ATOM   151  C  CB  . ILE A 1 33  ? 3.140   4.942   1.496   1.00 73.87  ? 11  ILE A CB  1 
ATOM   152  C  CG1 . ILE A 1 33  ? 2.967   6.467   1.511   1.00 53.20  ? 11  ILE A CG1 1 
ATOM   153  C  CG2 . ILE A 1 33  ? 4.081   4.499   2.575   1.00 69.72  ? 11  ILE A CG2 1 
ATOM   154  N  N   . PHE A 1 34  ? 3.297   2.132   -0.331  1.00 70.06  ? 12  PHE A N   1 
ATOM   155  C  CA  . PHE A 1 34  ? 3.766   0.785   -0.363  1.00 77.58  ? 12  PHE A CA  1 
ATOM   156  C  C   . PHE A 1 34  ? 4.129   0.125   -1.685  1.00 83.37  ? 12  PHE A C   1 
ATOM   157  O  O   . PHE A 1 34  ? 3.903   -1.068  -1.847  1.00 88.89  ? 12  PHE A O   1 
ATOM   158  C  CB  . PHE A 1 34  ? 2.781   -0.082  0.326   1.00 77.76  ? 12  PHE A CB  1 
ATOM   159  C  CG  . PHE A 1 34  ? 2.632   0.238   1.765   1.00 92.36  ? 12  PHE A CG  1 
ATOM   160  C  CD1 . PHE A 1 34  ? 1.708   1.203   2.188   1.00 104.12 ? 12  PHE A CD1 1 
ATOM   161  C  CD2 . PHE A 1 34  ? 3.395   -0.425  2.719   1.00 87.12  ? 12  PHE A CD2 1 
ATOM   162  C  CE1 . PHE A 1 34  ? 1.534   1.486   3.548   1.00 96.72  ? 12  PHE A CE1 1 
ATOM   163  C  CE2 . PHE A 1 34  ? 3.227   -0.144  4.049   1.00 74.73  ? 12  PHE A CE2 1 
ATOM   164  C  CZ  . PHE A 1 34  ? 2.294   0.815   4.475   1.00 81.18  ? 12  PHE A CZ  1 
ATOM   165  N  N   . SER A 1 35  ? 4.669   0.860   -2.638  1.00 84.34  ? 13  SER A N   1 
ATOM   166  C  CA  . SER A 1 35  ? 5.285   0.247   -3.802  1.00 84.76  ? 13  SER A CA  1 
ATOM   167  C  C   . SER A 1 35  ? 6.769   0.385   -3.582  1.00 87.19  ? 13  SER A C   1 
ATOM   168  O  O   . SER A 1 35  ? 7.180   0.948   -2.552  1.00 93.99  ? 13  SER A O   1 
ATOM   169  C  CB  . SER A 1 35  ? 4.917   1.077   -4.999  1.00 87.32  ? 13  SER A CB  1 
ATOM   170  O  OG  . SER A 1 35  ? 4.372   2.303   -4.539  1.00 89.24  ? 13  SER A OG  1 
ATOM   171  N  N   . TYR A 1 36  ? 7.586   -0.096  -4.518  1.00 83.95  ? 14  TYR A N   1 
ATOM   172  C  CA  . TYR A 1 36  ? 8.998   0.260   -4.542  1.00 80.77  ? 14  TYR A CA  1 
ATOM   173  C  C   . TYR A 1 36  ? 8.975   1.700   -4.959  1.00 80.68  ? 14  TYR A C   1 
ATOM   174  O  O   . TYR A 1 36  ? 8.250   2.065   -5.906  1.00 75.07  ? 14  TYR A O   1 
ATOM   175  C  CB  . TYR A 1 36  ? 9.747   -0.539  -5.571  1.00 84.68  ? 14  TYR A CB  1 
ATOM   176  C  CG  . TYR A 1 36  ? 11.214  -0.242  -5.689  1.00 89.93  ? 14  TYR A CG  1 
ATOM   177  C  CD1 . TYR A 1 36  ? 12.170  -1.037  -5.026  1.00 94.70  ? 14  TYR A CD1 1 
ATOM   178  C  CD2 . TYR A 1 36  ? 11.666  0.803   -6.479  1.00 99.14  ? 14  TYR A CD2 1 
ATOM   179  C  CE1 . TYR A 1 36  ? 13.565  -0.775  -5.119  1.00 90.99  ? 14  TYR A CE1 1 
ATOM   180  C  CE2 . TYR A 1 36  ? 13.065  1.084   -6.578  1.00 105.43 ? 14  TYR A CE2 1 
ATOM   181  C  CZ  . TYR A 1 36  ? 14.000  0.288   -5.898  1.00 94.24  ? 14  TYR A CZ  1 
ATOM   182  O  OH  . TYR A 1 36  ? 15.344  0.568   -6.017  1.00 91.92  ? 14  TYR A OH  1 
ATOM   183  N  N   . PRO A 1 37  ? 9.667   2.539   -4.159  1.00 84.18  ? 15  PRO A N   1 
ATOM   184  C  CA  . PRO A 1 37  ? 9.779   4.006   -4.210  1.00 84.83  ? 15  PRO A CA  1 
ATOM   185  C  C   . PRO A 1 37  ? 10.572  4.539   -5.367  1.00 85.47  ? 15  PRO A C   1 
ATOM   186  O  O   . PRO A 1 37  ? 11.455  3.879   -5.873  1.00 84.62  ? 15  PRO A O   1 
ATOM   187  C  CB  . PRO A 1 37  ? 10.535  4.332   -2.933  1.00 85.81  ? 15  PRO A CB  1 
ATOM   188  C  CG  . PRO A 1 37  ? 11.257  3.067   -2.551  1.00 81.83  ? 15  PRO A CG  1 
ATOM   189  C  CD  . PRO A 1 37  ? 10.342  1.987   -2.960  1.00 83.73  ? 15  PRO A CD  1 
ATOM   190  N  N   . ASP A 1 38  ? 10.247  5.749   -5.779  1.00 88.47  ? 16  ASP A N   1 
ATOM   191  C  CA  . ASP A 1 38  ? 11.057  6.423   -6.776  1.00 91.18  ? 16  ASP A CA  1 
ATOM   192  C  C   . ASP A 1 38  ? 10.777  7.914   -6.897  1.00 91.69  ? 16  ASP A C   1 
ATOM   193  O  O   . ASP A 1 38  ? 9.884   8.470   -6.240  1.00 86.93  ? 16  ASP A O   1 
ATOM   194  C  CB  . ASP A 1 38  ? 11.047  5.708   -8.136  1.00 92.25  ? 16  ASP A CB  1 
ATOM   195  C  CG  . ASP A 1 38  ? 9.738   5.875   -8.903  1.00 94.97  ? 16  ASP A CG  1 
ATOM   196  O  OD1 . ASP A 1 38  ? 9.166   7.002   -8.892  1.00 92.23  ? 16  ASP A OD1 1 
ATOM   197  O  OD2 . ASP A 1 38  ? 9.328   4.871   -9.559  1.00 91.04  ? 16  ASP A OD2 1 
ATOM   198  N  N   . GLU A 1 39  ? 11.590  8.563   -7.727  1.00 95.68  ? 17  GLU A N   1 
ATOM   199  C  CA  . GLU A 1 39  ? 11.652  10.005  -7.671  1.00 97.82  ? 17  GLU A CA  1 
ATOM   200  C  C   . GLU A 1 39  ? 10.211  10.376  -7.913  1.00 96.39  ? 17  GLU A C   1 
ATOM   201  O  O   . GLU A 1 39  ? 9.600   11.064  -7.100  1.00 97.41  ? 17  GLU A O   1 
ATOM   202  C  CB  . GLU A 1 39  ? 12.642  10.591  -8.694  1.00 98.92  ? 17  GLU A CB  1 
ATOM   203  N  N   . ASP A 1 40  ? 9.638   9.798   -8.961  1.00 93.45  ? 18  ASP A N   1 
ATOM   204  C  CA  . ASP A 1 40  ? 8.279   10.115  -9.297  1.00 89.77  ? 18  ASP A CA  1 
ATOM   205  C  C   . ASP A 1 40  ? 7.265   9.764   -8.172  1.00 89.16  ? 18  ASP A C   1 
ATOM   206  O  O   . ASP A 1 40  ? 6.637   10.692  -7.629  1.00 87.62  ? 18  ASP A O   1 
ATOM   207  C  CB  . ASP A 1 40  ? 7.925   9.499   -10.640 1.00 91.73  ? 18  ASP A CB  1 
ATOM   208  C  CG  . ASP A 1 40  ? 7.199   10.476  -11.538 1.00 97.66  ? 18  ASP A CG  1 
ATOM   209  N  N   . LYS A 1 41  ? 7.118   8.461   -7.830  1.00 86.50  ? 19  LYS A N   1 
ATOM   210  C  CA  . LYS A 1 41  ? 6.212   7.995   -6.738  1.00 80.83  ? 19  LYS A CA  1 
ATOM   211  C  C   . LYS A 1 41  ? 6.366   8.967   -5.534  1.00 84.84  ? 19  LYS A C   1 
ATOM   212  O  O   . LYS A 1 41  ? 5.373   9.629   -5.137  1.00 83.89  ? 19  LYS A O   1 
ATOM   213  C  CB  . LYS A 1 41  ? 6.414   6.484   -6.352  1.00 77.50  ? 19  LYS A CB  1 
ATOM   214  C  CG  . LYS A 1 41  ? 5.739   5.422   -7.337  1.00 64.19  ? 19  LYS A CG  1 
ATOM   215  C  CD  . LYS A 1 41  ? 5.931   3.857   -7.035  1.00 65.01  ? 19  LYS A CD  1 
ATOM   216  N  N   . LEU A 1 42  ? 7.620   9.109   -5.027  1.00 87.28  ? 20  LEU A N   1 
ATOM   217  C  CA  . LEU A 1 42  ? 7.969   10.041  -3.907  1.00 84.19  ? 20  LEU A CA  1 
ATOM   218  C  C   . LEU A 1 42  ? 7.407   11.410  -4.257  1.00 87.22  ? 20  LEU A C   1 
ATOM   219  O  O   . LEU A 1 42  ? 6.843   12.064  -3.395  1.00 90.26  ? 20  LEU A O   1 
ATOM   220  C  CB  . LEU A 1 42  ? 9.474   10.071  -3.518  1.00 76.17  ? 20  LEU A CB  1 
ATOM   221  N  N   . GLY A 1 43  ? 7.467   11.797  -5.535  1.00 88.83  ? 21  GLY A N   1 
ATOM   222  C  CA  . GLY A 1 43  ? 6.911   13.089  -5.988  1.00 89.86  ? 21  GLY A CA  1 
ATOM   223  C  C   . GLY A 1 43  ? 5.431   13.104  -5.721  1.00 90.82  ? 21  GLY A C   1 
ATOM   224  O  O   . GLY A 1 43  ? 4.926   13.775  -4.817  1.00 90.01  ? 21  GLY A O   1 
ATOM   225  N  N   . LYS A 1 44  ? 4.739   12.294  -6.494  1.00 93.18  ? 22  LYS A N   1 
ATOM   226  C  CA  . LYS A 1 44  ? 3.308   12.158  -6.348  1.00 92.09  ? 22  LYS A CA  1 
ATOM   227  C  C   . LYS A 1 44  ? 2.913   12.069  -4.883  1.00 89.43  ? 22  LYS A C   1 
ATOM   228  O  O   . LYS A 1 44  ? 2.058   12.812  -4.452  1.00 89.10  ? 22  LYS A O   1 
ATOM   229  C  CB  . LYS A 1 44  ? 2.813   10.957  -7.162  1.00 92.75  ? 22  LYS A CB  1 
ATOM   230  N  N   . ALA A 1 45  ? 3.567   11.211  -4.113  1.00 87.24  ? 23  ALA A N   1 
ATOM   231  C  CA  . ALA A 1 45  ? 3.153   10.999  -2.737  1.00 89.88  ? 23  ALA A CA  1 
ATOM   232  C  C   . ALA A 1 45  ? 3.262   12.246  -1.868  1.00 91.85  ? 23  ALA A C   1 
ATOM   233  O  O   . ALA A 1 45  ? 2.261   12.768  -1.390  1.00 91.28  ? 23  ALA A O   1 
ATOM   234  C  CB  . ALA A 1 45  ? 3.944   9.949   -2.161  1.00 90.05  ? 23  ALA A CB  1 
ATOM   235  N  N   . ILE A 1 46  ? 4.486   12.726  -1.669  1.00 94.83  ? 24  ILE A N   1 
ATOM   236  C  CA  . ILE A 1 46  ? 4.715   14.017  -0.994  1.00 96.48  ? 24  ILE A CA  1 
ATOM   237  C  C   . ILE A 1 46  ? 3.679   15.041  -1.475  1.00 97.11  ? 24  ILE A C   1 
ATOM   238  O  O   . ILE A 1 46  ? 3.442   16.026  -0.803  1.00 101.14 ? 24  ILE A O   1 
ATOM   239  C  CB  . ILE A 1 46  ? 6.206   14.575  -1.121  1.00 92.22  ? 24  ILE A CB  1 
ATOM   240  N  N   . ALA A 1 47  ? 3.034   14.796  -2.610  1.00 95.61  ? 25  ALA A N   1 
ATOM   241  C  CA  . ALA A 1 47  ? 2.078   15.761  -3.135  1.00 95.33  ? 25  ALA A CA  1 
ATOM   242  C  C   . ALA A 1 47  ? 0.641   15.455  -2.702  1.00 94.85  ? 25  ALA A C   1 
ATOM   243  O  O   . ALA A 1 47  ? -0.067  16.339  -2.184  1.00 93.27  ? 25  ALA A O   1 
ATOM   244  C  CB  . ALA A 1 47  ? 2.193   15.847  -4.655  1.00 95.62  ? 25  ALA A CB  1 
ATOM   245  N  N   . LEU A 1 48  ? 0.218   14.209  -2.954  1.00 94.76  ? 26  LEU A N   1 
ATOM   246  C  CA  . LEU A 1 48  ? -1.062  13.690  -2.489  1.00 92.93  ? 26  LEU A CA  1 
ATOM   247  C  C   . LEU A 1 48  ? -1.024  14.038  -0.992  1.00 98.66  ? 26  LEU A C   1 
ATOM   248  O  O   . LEU A 1 48  ? -1.780  14.874  -0.510  1.00 101.26 ? 26  LEU A O   1 
ATOM   249  C  CB  . LEU A 1 48  ? -1.181  12.168  -2.745  1.00 89.65  ? 26  LEU A CB  1 
ATOM   250  C  CG  . LEU A 1 48  ? -2.554  11.554  -3.050  1.00 63.56  ? 26  LEU A CG  1 
ATOM   251  N  N   . ALA A 1 49  ? -0.081  13.452  -0.275  1.00 101.14 ? 27  ALA A N   1 
ATOM   252  C  CA  . ALA A 1 49  ? 0.156   13.797  1.102   1.00 101.82 ? 27  ALA A CA  1 
ATOM   253  C  C   . ALA A 1 49  ? -0.205  15.231  1.419   1.00 104.00 ? 27  ALA A C   1 
ATOM   254  O  O   . ALA A 1 49  ? -0.979  15.475  2.345   1.00 105.47 ? 27  ALA A O   1 
ATOM   255  C  CB  . ALA A 1 49  ? 1.585   13.594  1.396   1.00 102.98 ? 27  ALA A CB  1 
ATOM   256  N  N   . GLU A 1 50  ? 0.372   16.179  0.671   1.00 106.05 ? 28  GLU A N   1 
ATOM   257  C  CA  . GLU A 1 50  ? 0.230   17.595  1.028   1.00 108.20 ? 28  GLU A CA  1 
ATOM   258  C  C   . GLU A 1 50  ? -1.186  18.025  0.716   1.00 110.34 ? 28  GLU A C   1 
ATOM   259  O  O   . GLU A 1 50  ? -1.882  18.497  1.617   1.00 111.66 ? 28  GLU A O   1 
ATOM   260  C  CB  . GLU A 1 50  ? 1.299   18.502  0.385   1.00 107.43 ? 28  GLU A CB  1 
ATOM   261  N  N   . GLY A 1 51  ? -1.623  17.817  -0.532  1.00 111.62 ? 29  GLY A N   1 
ATOM   262  C  CA  . GLY A 1 51  ? -3.038  18.000  -0.918  1.00 114.44 ? 29  GLY A CA  1 
ATOM   263  C  C   . GLY A 1 51  ? -4.073  17.530  0.120   1.00 115.65 ? 29  GLY A C   1 
ATOM   264  O  O   . GLY A 1 51  ? -4.780  18.351  0.716   1.00 116.74 ? 29  GLY A O   1 
ATOM   265  N  N   . ILE A 1 52  ? -4.159  16.212  0.349   1.00 115.54 ? 30  ILE A N   1 
ATOM   266  C  CA  . ILE A 1 52  ? -5.027  15.646  1.392   1.00 114.51 ? 30  ILE A CA  1 
ATOM   267  C  C   . ILE A 1 52  ? -4.632  16.166  2.790   1.00 115.50 ? 30  ILE A C   1 
ATOM   268  O  O   . ILE A 1 52  ? -5.304  15.897  3.774   1.00 117.07 ? 30  ILE A O   1 
ATOM   269  C  CB  . ILE A 1 52  ? -5.080  14.090  1.342   1.00 110.36 ? 30  ILE A CB  1 
ATOM   270  N  N   . GLY A 1 53  ? -3.548  16.931  2.867   1.00 115.33 ? 31  GLY A N   1 
ATOM   271  C  CA  . GLY A 1 53  ? -3.165  17.567  4.107   1.00 116.81 ? 31  GLY A CA  1 
ATOM   272  C  C   . GLY A 1 53  ? -2.520  16.701  5.175   1.00 119.44 ? 31  GLY A C   1 
ATOM   273  O  O   . GLY A 1 53  ? -2.050  17.240  6.165   1.00 121.84 ? 31  GLY A O   1 
ATOM   274  N  N   . LEU A 1 54  ? -2.496  15.375  5.021   1.00 120.34 ? 32  LEU A N   1 
ATOM   275  C  CA  . LEU A 1 54  ? -1.847  14.519  6.037   1.00 120.34 ? 32  LEU A CA  1 
ATOM   276  C  C   . LEU A 1 54  ? -0.367  14.948  6.127   1.00 121.57 ? 32  LEU A C   1 
ATOM   277  O  O   . LEU A 1 54  ? 0.362   14.854  5.150   1.00 118.98 ? 32  LEU A O   1 
ATOM   278  C  CB  . LEU A 1 54  ? -2.064  13.024  5.735   1.00 116.44 ? 32  LEU A CB  1 
ATOM   279  N  N   . THR A 1 55  ? 0.048   15.479  7.277   1.00 126.32 ? 33  THR A N   1 
ATOM   280  C  CA  . THR A 1 55  ? 1.193   16.432  7.292   1.00 131.19 ? 33  THR A CA  1 
ATOM   281  C  C   . THR A 1 55  ? 2.551   15.861  7.648   1.00 131.91 ? 33  THR A C   1 
ATOM   282  O  O   . THR A 1 55  ? 3.507   15.972  6.871   1.00 130.34 ? 33  THR A O   1 
ATOM   283  C  CB  . THR A 1 55  ? 1.003   17.635  8.279   1.00 132.56 ? 33  THR A CB  1 
ATOM   284  O  OG1 . THR A 1 55  ? -0.374  17.775  8.671   1.00 138.66 ? 33  THR A OG1 1 
ATOM   285  C  CG2 . THR A 1 55  ? 1.563   18.935  7.658   1.00 129.82 ? 33  THR A CG2 1 
ATOM   286  N  N   . GLU A 1 56  ? 2.641   15.336  8.871   1.00 133.46 ? 34  GLU A N   1 
ATOM   287  C  CA  . GLU A 1 56  ? 3.873   14.728  9.360   1.00 133.09 ? 34  GLU A CA  1 
ATOM   288  C  C   . GLU A 1 56  ? 4.306   13.618  8.350   1.00 131.46 ? 34  GLU A C   1 
ATOM   289  O  O   . GLU A 1 56  ? 5.475   13.568  7.905   1.00 130.39 ? 34  GLU A O   1 
ATOM   290  C  CB  . GLU A 1 56  ? 3.691   14.241  10.816  1.00 132.05 ? 34  GLU A CB  1 
ATOM   291  N  N   . ILE A 1 57  ? 3.334   12.789  7.940   1.00 128.71 ? 35  ILE A N   1 
ATOM   292  C  CA  . ILE A 1 57  ? 3.541   11.787  6.877   1.00 125.17 ? 35  ILE A CA  1 
ATOM   293  C  C   . ILE A 1 57  ? 4.084   12.402  5.585   1.00 121.89 ? 35  ILE A C   1 
ATOM   294  O  O   . ILE A 1 57  ? 4.429   11.673  4.652   1.00 120.37 ? 35  ILE A O   1 
ATOM   295  C  CB  . ILE A 1 57  ? 2.245   10.999  6.529   1.00 122.60 ? 35  ILE A CB  1 
ATOM   296  N  N   . ALA A 1 58  ? 4.164   13.731  5.529   1.00 117.53 ? 36  ALA A N   1 
ATOM   297  C  CA  . ALA A 1 58  ? 4.600   14.382  4.317   1.00 114.16 ? 36  ALA A CA  1 
ATOM   298  C  C   . ALA A 1 58  ? 6.036   14.765  4.462   1.00 113.18 ? 36  ALA A C   1 
ATOM   299  O  O   . ALA A 1 58  ? 6.826   14.610  3.535   1.00 113.11 ? 36  ALA A O   1 
ATOM   300  C  CB  . ALA A 1 58  ? 3.766   15.586  4.033   1.00 114.12 ? 36  ALA A CB  1 
ATOM   301  N  N   . GLN A 1 59  ? 6.380   15.287  5.628   1.00 113.03 ? 37  GLN A N   1 
ATOM   302  C  CA  . GLN A 1 59  ? 7.754   15.694  5.837   1.00 112.03 ? 37  GLN A CA  1 
ATOM   303  C  C   . GLN A 1 59  ? 8.507   14.372  5.822   1.00 108.36 ? 37  GLN A C   1 
ATOM   304  O  O   . GLN A 1 59  ? 9.432   14.171  5.022   1.00 104.37 ? 37  GLN A O   1 
ATOM   305  C  CB  . GLN A 1 59  ? 7.927   16.487  7.156   1.00 112.94 ? 37  GLN A CB  1 
ATOM   306  N  N   . THR A 1 60  ? 8.035   13.452  6.664   1.00 105.98 ? 38  THR A N   1 
ATOM   307  C  CA  . THR A 1 60  ? 8.686   12.183  6.820   1.00 104.85 ? 38  THR A CA  1 
ATOM   308  C  C   . THR A 1 60  ? 9.162   11.814  5.427   1.00 105.09 ? 38  THR A C   1 
ATOM   309  O  O   . THR A 1 60  ? 10.352  11.606  5.220   1.00 103.09 ? 38  THR A O   1 
ATOM   310  C  CB  . THR A 1 60  ? 7.748   11.132  7.458   1.00 103.20 ? 38  THR A CB  1 
ATOM   311  N  N   . LEU A 1 61  ? 8.231   11.829  4.463   1.00 110.15 ? 39  LEU A N   1 
ATOM   312  C  CA  . LEU A 1 61  ? 8.492   11.478  3.026   1.00 112.58 ? 39  LEU A CA  1 
ATOM   313  C  C   . LEU A 1 61  ? 9.429   12.530  2.377   1.00 113.02 ? 39  LEU A C   1 
ATOM   314  O  O   . LEU A 1 61  ? 10.600  12.215  2.023   1.00 109.00 ? 39  LEU A O   1 
ATOM   315  C  CB  . LEU A 1 61  ? 7.179   11.198  2.208   1.00 107.55 ? 39  LEU A CB  1 
ATOM   316  N  N   . LYS A 1 62  ? 8.908   13.764  2.294   1.00 116.57 ? 40  LYS A N   1 
ATOM   317  C  CA  . LYS A 1 62  ? 9.636   14.962  1.835   1.00 120.84 ? 40  LYS A CA  1 
ATOM   318  C  C   . LYS A 1 62  ? 11.161  14.864  2.086   1.00 123.49 ? 40  LYS A C   1 
ATOM   319  O  O   . LYS A 1 62  ? 11.973  15.124  1.176   1.00 124.01 ? 40  LYS A O   1 
ATOM   320  C  CB  . LYS A 1 62  ? 9.044   16.245  2.477   1.00 120.36 ? 40  LYS A CB  1 
ATOM   321  C  CG  . LYS A 1 62  ? 8.961   17.487  1.558   1.00 116.51 ? 40  LYS A CG  1 
ATOM   322  N  N   . GLN A 1 63  ? 11.538  14.446  3.299   1.00 124.84 ? 41  GLN A N   1 
ATOM   323  C  CA  . GLN A 1 63  ? 12.954  14.403  3.699   1.00 125.04 ? 41  GLN A CA  1 
ATOM   324  C  C   . GLN A 1 63  ? 13.572  12.993  3.941   1.00 124.34 ? 41  GLN A C   1 
ATOM   325  O  O   . GLN A 1 63  ? 14.044  12.713  5.061   1.00 125.77 ? 41  GLN A O   1 
ATOM   326  C  CB  . GLN A 1 63  ? 13.175  15.317  4.925   1.00 124.89 ? 41  GLN A CB  1 
ATOM   327  N  N   . VAL A 1 64  ? 13.592  12.114  2.922   1.00 120.15 ? 42  VAL A N   1 
ATOM   328  C  CA  . VAL A 1 64  ? 14.371  10.857  3.075   1.00 114.05 ? 42  VAL A CA  1 
ATOM   329  C  C   . VAL A 1 64  ? 15.331  10.504  1.920   1.00 109.44 ? 42  VAL A C   1 
ATOM   330  O  O   . VAL A 1 64  ? 15.089  10.876  0.757   1.00 107.47 ? 42  VAL A O   1 
ATOM   331  C  CB  . VAL A 1 64  ? 13.495  9.656   3.508   1.00 113.84 ? 42  VAL A CB  1 
ATOM   332  C  CG1 . VAL A 1 64  ? 12.965  8.915   2.308   1.00 105.33 ? 42  VAL A CG1 1 
ATOM   333  C  CG2 . VAL A 1 64  ? 14.316  8.730   4.432   1.00 116.42 ? 42  VAL A CG2 1 
ATOM   334  N  N   . ASP A 1 65  ? 16.426  9.811   2.243   1.00 104.12 ? 43  ASP A N   1 
ATOM   335  C  CA  . ASP A 1 65  ? 17.364  9.468   1.187   1.00 101.20 ? 43  ASP A CA  1 
ATOM   336  C  C   . ASP A 1 65  ? 16.810  8.324   0.405   1.00 95.28  ? 43  ASP A C   1 
ATOM   337  O  O   . ASP A 1 65  ? 16.801  7.188   0.889   1.00 92.86  ? 43  ASP A O   1 
ATOM   338  C  CB  . ASP A 1 65  ? 18.766  9.112   1.680   1.00 104.65 ? 43  ASP A CB  1 
ATOM   339  C  CG  . ASP A 1 65  ? 19.745  8.777   0.508   1.00 114.32 ? 43  ASP A CG  1 
ATOM   340  O  OD1 . ASP A 1 65  ? 19.279  8.701   -0.659  1.00 123.82 ? 43  ASP A OD1 1 
ATOM   341  O  OD2 . ASP A 1 65  ? 20.975  8.585   0.749   1.00 120.52 ? 43  ASP A OD2 1 
ATOM   342  N  N   . ILE A 1 66  ? 16.395  8.648   -0.824  1.00 89.97  ? 44  ILE A N   1 
ATOM   343  C  CA  . ILE A 1 66  ? 15.688  7.718   -1.724  1.00 81.73  ? 44  ILE A CA  1 
ATOM   344  C  C   . ILE A 1 66  ? 16.432  6.438   -1.776  1.00 78.05  ? 44  ILE A C   1 
ATOM   345  O  O   . ILE A 1 66  ? 15.831  5.407   -1.537  1.00 77.28  ? 44  ILE A O   1 
ATOM   346  C  CB  . ILE A 1 66  ? 15.544  8.258   -3.164  1.00 80.75  ? 44  ILE A CB  1 
ATOM   347  C  CG1 . ILE A 1 66  ? 15.734  9.790   -3.177  1.00 83.86  ? 44  ILE A CG1 1 
ATOM   348  C  CG2 . ILE A 1 66  ? 14.219  7.793   -3.788  1.00 62.75  ? 44  ILE A CG2 1 
ATOM   349  N  N   . GLU A 1 67  ? 17.740  6.521   -2.036  1.00 75.40  ? 45  GLU A N   1 
ATOM   350  C  CA  . GLU A 1 67  ? 18.588  5.337   -2.074  1.00 77.13  ? 45  GLU A CA  1 
ATOM   351  C  C   . GLU A 1 67  ? 18.248  4.483   -0.863  1.00 77.82  ? 45  GLU A C   1 
ATOM   352  O  O   . GLU A 1 67  ? 17.942  3.314   -1.016  1.00 79.82  ? 45  GLU A O   1 
ATOM   353  C  CB  . GLU A 1 67  ? 20.129  5.617   -2.213  1.00 77.73  ? 45  GLU A CB  1 
ATOM   354  N  N   . ALA A 1 68  ? 18.230  5.052   0.335   1.00 78.26  ? 46  ALA A N   1 
ATOM   355  C  CA  . ALA A 1 68  ? 18.127  4.188   1.510   1.00 79.28  ? 46  ALA A CA  1 
ATOM   356  C  C   . ALA A 1 68  ? 16.721  3.678   1.608   1.00 78.88  ? 46  ALA A C   1 
ATOM   357  O  O   . ALA A 1 68  ? 16.474  2.516   1.944   1.00 79.33  ? 46  ALA A O   1 
ATOM   358  C  CB  . ALA A 1 68  ? 18.507  4.920   2.750   1.00 82.03  ? 46  ALA A CB  1 
ATOM   359  N  N   . LEU A 1 69  ? 15.799  4.561   1.264   1.00 78.41  ? 47  LEU A N   1 
ATOM   360  C  CA  . LEU A 1 69  ? 14.407  4.224   1.336   1.00 77.22  ? 47  LEU A CA  1 
ATOM   361  C  C   . LEU A 1 69  ? 14.180  2.928   0.611   1.00 75.27  ? 47  LEU A C   1 
ATOM   362  O  O   . LEU A 1 69  ? 13.581  2.002   1.180   1.00 75.38  ? 47  LEU A O   1 
ATOM   363  C  CB  . LEU A 1 69  ? 13.530  5.332   0.769   1.00 76.67  ? 47  LEU A CB  1 
ATOM   364  C  CG  . LEU A 1 69  ? 12.053  4.920   0.791   1.00 73.85  ? 47  LEU A CG  1 
ATOM   365  C  CD1 . LEU A 1 69  ? 11.500  4.462   2.158   1.00 48.01  ? 47  LEU A CD1 1 
ATOM   366  C  CD2 . LEU A 1 69  ? 11.283  6.083   0.251   1.00 72.61  ? 47  LEU A CD2 1 
ATOM   367  N  N   . GLN A 1 70  ? 14.681  2.868   -0.622  1.00 73.54  ? 48  GLN A N   1 
ATOM   368  C  CA  . GLN A 1 70  ? 14.548  1.671   -1.443  1.00 75.52  ? 48  GLN A CA  1 
ATOM   369  C  C   . GLN A 1 70  ? 15.007  0.509   -0.633  1.00 75.31  ? 48  GLN A C   1 
ATOM   370  O  O   . GLN A 1 70  ? 14.334  -0.530  -0.521  1.00 77.04  ? 48  GLN A O   1 
ATOM   371  C  CB  . GLN A 1 70  ? 15.488  1.684   -2.630  1.00 73.68  ? 48  GLN A CB  1 
ATOM   372  C  CG  . GLN A 1 70  ? 15.878  3.017   -3.046  1.00 80.32  ? 48  GLN A CG  1 
ATOM   373  C  CD  . GLN A 1 70  ? 15.243  3.423   -4.324  1.00 88.40  ? 48  GLN A CD  1 
ATOM   374  O  OE1 . GLN A 1 70  ? 15.903  3.399   -5.366  1.00 92.63  ? 48  GLN A OE1 1 
ATOM   375  N  NE2 . GLN A 1 70  ? 13.961  3.821   -4.273  1.00 86.62  ? 48  GLN A NE2 1 
ATOM   376  N  N   . VAL A 1 71  ? 16.177  0.711   -0.072  1.00 71.91  ? 49  VAL A N   1 
ATOM   377  C  CA  . VAL A 1 71  ? 16.958  -0.383  0.360   1.00 73.42  ? 49  VAL A CA  1 
ATOM   378  C  C   . VAL A 1 71  ? 16.191  -1.177  1.385   1.00 74.48  ? 49  VAL A C   1 
ATOM   379  O  O   . VAL A 1 71  ? 16.252  -2.438  1.381   1.00 72.59  ? 49  VAL A O   1 
ATOM   380  C  CB  . VAL A 1 71  ? 18.245  0.135   0.928   1.00 74.35  ? 49  VAL A CB  1 
ATOM   381  C  CG1 . VAL A 1 71  ? 19.058  -0.999  1.501   1.00 81.96  ? 49  VAL A CG1 1 
ATOM   382  C  CG2 . VAL A 1 71  ? 19.003  0.813   -0.158  1.00 69.18  ? 49  VAL A CG2 1 
ATOM   383  N  N   . GLU A 1 72  ? 15.487  -0.426  2.251   1.00 76.38  ? 50  GLU A N   1 
ATOM   384  C  CA  . GLU A 1 72  ? 14.648  -1.002  3.313   1.00 78.21  ? 50  GLU A CA  1 
ATOM   385  C  C   . GLU A 1 72  ? 13.516  -1.676  2.597   1.00 75.09  ? 50  GLU A C   1 
ATOM   386  O  O   . GLU A 1 72  ? 13.266  -2.883  2.757   1.00 69.84  ? 50  GLU A O   1 
ATOM   387  C  CB  . GLU A 1 72  ? 14.112  0.066   4.269   1.00 78.88  ? 50  GLU A CB  1 
ATOM   388  C  CG  . GLU A 1 72  ? 13.670  -0.511  5.598   1.00 94.20  ? 50  GLU A CG  1 
ATOM   389  C  CD  . GLU A 1 72  ? 13.538  0.537   6.707   1.00 115.97 ? 50  GLU A CD  1 
ATOM   390  O  OE1 . GLU A 1 72  ? 14.575  1.128   7.090   1.00 123.44 ? 50  GLU A OE1 1 
ATOM   391  O  OE2 . GLU A 1 72  ? 12.408  0.755   7.218   1.00 116.51 ? 50  GLU A OE2 1 
ATOM   392  N  N   . TYR A 1 73  ? 12.876  -0.889  1.743   1.00 75.64  ? 51  TYR A N   1 
ATOM   393  C  CA  . TYR A 1 73  ? 11.814  -1.429  0.986   1.00 76.70  ? 51  TYR A CA  1 
ATOM   394  C  C   . TYR A 1 73  ? 12.270  -2.786  0.565   1.00 76.16  ? 51  TYR A C   1 
ATOM   395  O  O   . TYR A 1 73  ? 11.614  -3.781  0.831   1.00 80.21  ? 51  TYR A O   1 
ATOM   396  C  CB  . TYR A 1 73  ? 11.485  -0.614  -0.240  1.00 77.51  ? 51  TYR A CB  1 
ATOM   397  C  CG  . TYR A 1 73  ? 10.192  -1.138  -0.829  1.00 85.97  ? 51  TYR A CG  1 
ATOM   398  C  CD1 . TYR A 1 73  ? 8.979   -0.625  -0.427  1.00 97.00  ? 51  TYR A CD1 1 
ATOM   399  C  CD2 . TYR A 1 73  ? 10.176  -2.182  -1.711  1.00 82.71  ? 51  TYR A CD2 1 
ATOM   400  C  CE1 . TYR A 1 73  ? 7.800   -1.113  -0.903  1.00 86.75  ? 51  TYR A CE1 1 
ATOM   401  C  CE2 . TYR A 1 73  ? 9.020   -2.649  -2.192  1.00 88.21  ? 51  TYR A CE2 1 
ATOM   402  C  CZ  . TYR A 1 73  ? 7.826   -2.106  -1.785  1.00 88.00  ? 51  TYR A CZ  1 
ATOM   403  O  OH  . TYR A 1 73  ? 6.630   -2.560  -2.290  1.00 98.99  ? 51  TYR A OH  1 
ATOM   404  N  N   . THR A 1 74  ? 13.417  -2.831  -0.072  1.00 72.83  ? 52  THR A N   1 
ATOM   405  C  CA  . THR A 1 74  ? 13.901  -4.079  -0.574  1.00 73.71  ? 52  THR A CA  1 
ATOM   406  C  C   . THR A 1 74  ? 14.207  -5.055  0.529   1.00 74.21  ? 52  THR A C   1 
ATOM   407  O  O   . THR A 1 74  ? 13.967  -6.242  0.382   1.00 70.96  ? 52  THR A O   1 
ATOM   408  C  CB  . THR A 1 74  ? 15.152  -3.872  -1.373  1.00 75.69  ? 52  THR A CB  1 
ATOM   409  O  OG1 . THR A 1 74  ? 14.983  -2.726  -2.231  1.00 85.40  ? 52  THR A OG1 1 
ATOM   410  C  CG2 . THR A 1 74  ? 15.503  -5.141  -2.173  1.00 69.42  ? 52  THR A CG2 1 
ATOM   411  N  N   . SER A 1 75  ? 14.764  -4.587  1.634   1.00 78.07  ? 53  SER A N   1 
ATOM   412  C  CA  . SER A 1 75  ? 15.095  -5.559  2.642   1.00 84.16  ? 53  SER A CA  1 
ATOM   413  C  C   . SER A 1 75  ? 13.785  -6.083  3.160   1.00 83.27  ? 53  SER A C   1 
ATOM   414  O  O   . SER A 1 75  ? 13.676  -7.252  3.422   1.00 85.96  ? 53  SER A O   1 
ATOM   415  C  CB  . SER A 1 75  ? 15.988  -5.002  3.755   1.00 88.18  ? 53  SER A CB  1 
ATOM   416  O  OG  . SER A 1 75  ? 15.292  -4.702  4.984   1.00 108.08 ? 53  SER A OG  1 
ATOM   417  N  N   . LEU A 1 76  ? 12.780  -5.229  3.225   1.00 82.43  ? 54  LEU A N   1 
ATOM   418  C  CA  . LEU A 1 76  ? 11.486  -5.584  3.776   1.00 85.51  ? 54  LEU A CA  1 
ATOM   419  C  C   . LEU A 1 76  ? 10.540  -6.438  2.922   1.00 90.52  ? 54  LEU A C   1 
ATOM   420  O  O   . LEU A 1 76  ? 9.687   -7.173  3.433   1.00 94.18  ? 54  LEU A O   1 
ATOM   421  C  CB  . LEU A 1 76  ? 10.754  -4.303  4.013   1.00 83.92  ? 54  LEU A CB  1 
ATOM   422  C  CG  . LEU A 1 76  ? 11.055  -3.870  5.395   1.00 83.24  ? 54  LEU A CG  1 
ATOM   423  C  CD1 . LEU A 1 76  ? 10.722  -2.416  5.417   1.00 88.15  ? 54  LEU A CD1 1 
ATOM   424  C  CD2 . LEU A 1 76  ? 10.160  -4.695  6.255   1.00 81.82  ? 54  LEU A CD2 1 
ATOM   425  N  N   . PHE A 1 77  ? 10.632  -6.293  1.617   1.00 90.96  ? 55  PHE A N   1 
ATOM   426  C  CA  . PHE A 1 77  ? 9.571   -6.749  0.804   1.00 91.33  ? 55  PHE A CA  1 
ATOM   427  C  C   . PHE A 1 77  ? 10.092  -7.535  -0.359  1.00 97.39  ? 55  PHE A C   1 
ATOM   428  O  O   . PHE A 1 77  ? 9.467   -8.525  -0.694  1.00 103.96 ? 55  PHE A O   1 
ATOM   429  C  CB  . PHE A 1 77  ? 8.815   -5.563  0.263   1.00 89.53  ? 55  PHE A CB  1 
ATOM   430  C  CG  . PHE A 1 77  ? 8.217   -4.708  1.300   1.00 88.70  ? 55  PHE A CG  1 
ATOM   431  C  CD1 . PHE A 1 77  ? 8.572   -3.373  1.389   1.00 88.93  ? 55  PHE A CD1 1 
ATOM   432  C  CD2 . PHE A 1 77  ? 7.287   -5.222  2.186   1.00 86.62  ? 55  PHE A CD2 1 
ATOM   433  C  CE1 . PHE A 1 77  ? 8.021   -2.555  2.366   1.00 88.32  ? 55  PHE A CE1 1 
ATOM   434  C  CE2 . PHE A 1 77  ? 6.727   -4.422  3.150   1.00 86.27  ? 55  PHE A CE2 1 
ATOM   435  C  CZ  . PHE A 1 77  ? 7.088   -3.077  3.235   1.00 87.33  ? 55  PHE A CZ  1 
ATOM   436  N  N   . ILE A 1 78  ? 11.177  -7.088  -1.013  1.00 97.86  ? 56  ILE A N   1 
ATOM   437  C  CA  . ILE A 1 78  ? 11.697  -7.755  -2.209  1.00 99.20  ? 56  ILE A CA  1 
ATOM   438  C  C   . ILE A 1 78  ? 12.595  -8.966  -1.830  1.00 101.78 ? 56  ILE A C   1 
ATOM   439  O  O   . ILE A 1 78  ? 12.223  -10.087 -2.089  1.00 100.71 ? 56  ILE A O   1 
ATOM   440  C  CB  . ILE A 1 78  ? 12.285  -6.751  -3.257  1.00 86.36  ? 56  ILE A CB  1 
ATOM   441  N  N   . SER A 1 79  ? 13.732  -8.773  -1.150  1.00 112.04 ? 57  SER A N   1 
ATOM   442  C  CA  . SER A 1 79  ? 14.768  -9.861  -0.996  1.00 116.47 ? 57  SER A CA  1 
ATOM   443  C  C   . SER A 1 79  ? 14.574  -10.801 0.186   1.00 128.30 ? 57  SER A C   1 
ATOM   444  O  O   . SER A 1 79  ? 14.171  -10.385 1.301   1.00 128.02 ? 57  SER A O   1 
ATOM   445  C  CB  . SER A 1 79  ? 16.220  -9.324  -0.977  1.00 116.76 ? 57  SER A CB  1 
ATOM   446  N  N   . SER A 1 80  ? 14.900  -12.073 -0.082  1.00 139.53 ? 58  SER A N   1 
ATOM   447  C  CA  . SER A 1 80  ? 14.892  -13.151 0.928   1.00 148.62 ? 58  SER A CA  1 
ATOM   448  C  C   . SER A 1 80  ? 16.204  -13.204 1.755   1.00 154.99 ? 58  SER A C   1 
ATOM   449  O  O   . SER A 1 80  ? 17.182  -13.875 1.346   1.00 155.79 ? 58  SER A O   1 
ATOM   450  C  CB  . SER A 1 80  ? 14.598  -14.513 0.269   1.00 147.21 ? 58  SER A CB  1 
ATOM   451  N  N   . HIS A 1 81  ? 16.219  -12.471 2.891   1.00 161.16 ? 59  HIS A N   1 
ATOM   452  C  CA  . HIS A 1 81  ? 17.298  -12.565 3.913   1.00 165.21 ? 59  HIS A CA  1 
ATOM   453  C  C   . HIS A 1 81  ? 17.330  -14.032 4.475   1.00 168.16 ? 59  HIS A C   1 
ATOM   454  O  O   . HIS A 1 81  ? 18.262  -14.783 4.150   1.00 169.10 ? 59  HIS A O   1 
ATOM   455  C  CB  . HIS A 1 81  ? 17.199  -11.446 4.984   1.00 163.87 ? 59  HIS A CB  1 
ATOM   456  N  N   . PRO A 1 82  ? 16.322  -14.449 5.299   1.00 169.95 ? 60  PRO A N   1 
ATOM   457  C  CA  . PRO A 1 82  ? 15.901  -15.872 5.164   1.00 168.34 ? 60  PRO A CA  1 
ATOM   458  C  C   . PRO A 1 82  ? 14.843  -15.995 4.034   1.00 165.21 ? 60  PRO A C   1 
ATOM   459  O  O   . PRO A 1 82  ? 15.160  -16.476 2.930   1.00 164.85 ? 60  PRO A O   1 
ATOM   460  C  CB  . PRO A 1 82  ? 15.313  -16.223 6.554   1.00 169.04 ? 60  PRO A CB  1 
ATOM   461  C  CG  . PRO A 1 82  ? 15.122  -14.895 7.299   1.00 170.89 ? 60  PRO A CG  1 
ATOM   462  C  CD  . PRO A 1 82  ? 15.584  -13.757 6.384   1.00 171.42 ? 60  PRO A CD  1 
ATOM   463  N  N   . SER A 1 83  ? 13.607  -15.570 4.337   1.00 160.73 ? 61  SER A N   1 
ATOM   464  C  CA  . SER A 1 83  ? 12.603  -15.177 3.345   1.00 155.23 ? 61  SER A CA  1 
ATOM   465  C  C   . SER A 1 83  ? 12.361  -13.677 3.544   1.00 150.28 ? 61  SER A C   1 
ATOM   466  O  O   . SER A 1 83  ? 12.744  -13.120 4.590   1.00 150.50 ? 61  SER A O   1 
ATOM   467  C  CB  . SER A 1 83  ? 11.297  -15.957 3.547   1.00 155.22 ? 61  SER A CB  1 
ATOM   468  N  N   . VAL A 1 84  ? 11.745  -13.020 2.556   1.00 142.30 ? 62  VAL A N   1 
ATOM   469  C  CA  . VAL A 1 84  ? 11.301  -11.638 2.741   1.00 134.16 ? 62  VAL A CA  1 
ATOM   470  C  C   . VAL A 1 84  ? 10.517  -11.465 4.073   1.00 128.81 ? 62  VAL A C   1 
ATOM   471  O  O   . VAL A 1 84  ? 9.599   -12.218 4.380   1.00 128.23 ? 62  VAL A O   1 
ATOM   472  C  CB  . VAL A 1 84  ? 10.476  -11.143 1.561   1.00 131.76 ? 62  VAL A CB  1 
ATOM   473  N  N   . PRO A 1 85  ? 10.966  -10.533 4.912   1.00 122.90 ? 63  PRO A N   1 
ATOM   474  C  CA  . PRO A 1 85  ? 10.327  -10.021 6.109   1.00 117.73 ? 63  PRO A CA  1 
ATOM   475  C  C   . PRO A 1 85  ? 8.828   -9.919  6.001   1.00 111.87 ? 63  PRO A C   1 
ATOM   476  O  O   . PRO A 1 85  ? 8.152   -10.795 6.464   1.00 110.61 ? 63  PRO A O   1 
ATOM   477  C  CB  . PRO A 1 85  ? 10.899  -8.613  6.221   1.00 118.78 ? 63  PRO A CB  1 
ATOM   478  C  CG  . PRO A 1 85  ? 12.061  -8.568  5.286   1.00 121.59 ? 63  PRO A CG  1 
ATOM   479  C  CD  . PRO A 1 85  ? 12.286  -9.928  4.735   1.00 123.17 ? 63  PRO A CD  1 
ATOM   480  N  N   . CYS A 1 86  ? 8.322   -8.852  5.400   1.00 107.75 ? 64  CYS A N   1 
ATOM   481  C  CA  . CYS A 1 86  ? 6.890   -8.654  5.242   1.00 105.46 ? 64  CYS A CA  1 
ATOM   482  C  C   . CYS A 1 86  ? 6.428   -8.721  3.796   1.00 100.56 ? 64  CYS A C   1 
ATOM   483  O  O   . CYS A 1 86  ? 6.152   -7.677  3.219   1.00 102.24 ? 64  CYS A O   1 
ATOM   484  C  CB  . CYS A 1 86  ? 6.524   -7.272  5.743   1.00 105.85 ? 64  CYS A CB  1 
ATOM   485  S  SG  . CYS A 1 86  ? 6.695   -7.026  7.516   1.00 129.06 ? 64  CYS A SG  1 
ATOM   486  N  N   . PRO A 1 87  ? 6.347   -9.928  3.197   1.00 95.09  ? 65  PRO A N   1 
ATOM   487  C  CA  . PRO A 1 87  ? 5.892   -10.032 1.819   1.00 90.64  ? 65  PRO A CA  1 
ATOM   488  C  C   . PRO A 1 87  ? 4.494   -9.483  1.715   1.00 86.52  ? 65  PRO A C   1 
ATOM   489  O  O   . PRO A 1 87  ? 3.604   -9.915  2.464   1.00 89.69  ? 65  PRO A O   1 
ATOM   490  C  CB  . PRO A 1 87  ? 5.887   -11.535 1.545   1.00 90.03  ? 65  PRO A CB  1 
ATOM   491  C  CG  . PRO A 1 87  ? 5.923   -12.168 2.849   1.00 91.25  ? 65  PRO A CG  1 
ATOM   492  C  CD  . PRO A 1 87  ? 6.663   -11.251 3.744   1.00 95.43  ? 65  PRO A CD  1 
ATOM   493  N  N   . PRO A 1 88  ? 4.320   -8.505  0.824   1.00 80.06  ? 66  PRO A N   1 
ATOM   494  C  CA  . PRO A 1 88  ? 3.185   -7.644  0.633   1.00 78.17  ? 66  PRO A CA  1 
ATOM   495  C  C   . PRO A 1 88  ? 2.130   -8.244  -0.312  1.00 82.87  ? 66  PRO A C   1 
ATOM   496  O  O   . PRO A 1 88  ? 1.693   -7.635  -1.309  1.00 83.92  ? 66  PRO A O   1 
ATOM   497  C  CB  . PRO A 1 88  ? 3.830   -6.423  0.061   1.00 73.54  ? 66  PRO A CB  1 
ATOM   498  C  CG  . PRO A 1 88  ? 4.878   -6.971  -0.758  1.00 75.02  ? 66  PRO A CG  1 
ATOM   499  C  CD  . PRO A 1 88  ? 5.403   -8.158  -0.099  1.00 77.68  ? 66  PRO A CD  1 
ATOM   500  N  N   . TYR A 1 89  ? 1.690   -9.441  0.047   1.00 85.80  ? 67  TYR A N   1 
ATOM   501  C  CA  . TYR A 1 89  ? 0.739   -10.184 -0.746  1.00 85.74  ? 67  TYR A CA  1 
ATOM   502  C  C   . TYR A 1 89  ? -0.286  -10.820 0.124   1.00 84.39  ? 67  TYR A C   1 
ATOM   503  O  O   . TYR A 1 89  ? 0.044   -11.498 1.108   1.00 86.23  ? 67  TYR A O   1 
ATOM   504  C  CB  . TYR A 1 89  ? 1.469   -11.307 -1.396  1.00 86.91  ? 67  TYR A CB  1 
ATOM   505  C  CG  . TYR A 1 89  ? 2.528   -10.807 -2.240  1.00 83.73  ? 67  TYR A CG  1 
ATOM   506  C  CD1 . TYR A 1 89  ? 3.827   -10.865 -1.845  1.00 79.10  ? 67  TYR A CD1 1 
ATOM   507  C  CD2 . TYR A 1 89  ? 2.226   -10.241 -3.445  1.00 92.74  ? 67  TYR A CD2 1 
ATOM   508  C  CE1 . TYR A 1 89  ? 4.820   -10.396 -2.668  1.00 91.22  ? 67  TYR A CE1 1 
ATOM   509  C  CE2 . TYR A 1 89  ? 3.206   -9.769  -4.276  1.00 95.88  ? 67  TYR A CE2 1 
ATOM   510  C  CZ  . TYR A 1 89  ? 4.497   -9.848  -3.891  1.00 87.99  ? 67  TYR A CZ  1 
ATOM   511  O  OH  . TYR A 1 89  ? 5.456   -9.353  -4.748  1.00 101.50 ? 67  TYR A OH  1 
ATOM   512  N  N   . GLN A 1 90  ? -1.529  -10.686 -0.268  1.00 80.28  ? 68  GLN A N   1 
ATOM   513  C  CA  . GLN A 1 90  ? -2.506  -11.182 0.601   1.00 82.04  ? 68  GLN A CA  1 
ATOM   514  C  C   . GLN A 1 90  ? -2.682  -12.666 0.463   1.00 82.17  ? 68  GLN A C   1 
ATOM   515  O  O   . GLN A 1 90  ? -3.573  -13.249 1.071   1.00 83.32  ? 68  GLN A O   1 
ATOM   516  C  CB  . GLN A 1 90  ? -3.768  -10.431 0.402   1.00 83.26  ? 68  GLN A CB  1 
ATOM   517  C  CG  . GLN A 1 90  ? -4.620  -10.930 -0.657  1.00 92.29  ? 68  GLN A CG  1 
ATOM   518  C  CD  . GLN A 1 90  ? -6.035  -10.739 -0.240  1.00 95.00  ? 68  GLN A CD  1 
ATOM   519  O  OE1 . GLN A 1 90  ? -6.288  -10.151 0.815   1.00 73.36  ? 68  GLN A OE1 1 
ATOM   520  N  NE2 . GLN A 1 90  ? -6.977  -11.236 -1.049  1.00 103.07 ? 68  GLN A NE2 1 
ATOM   521  N  N   . SER A 1 91  ? -1.811  -13.276 -0.322  1.00 82.75  ? 69  SER A N   1 
ATOM   522  C  CA  . SER A 1 91  ? -1.682  -14.714 -0.303  1.00 83.07  ? 69  SER A CA  1 
ATOM   523  C  C   . SER A 1 91  ? -0.721  -15.064 0.751   1.00 84.13  ? 69  SER A C   1 
ATOM   524  O  O   . SER A 1 91  ? -1.144  -15.654 1.715   1.00 85.51  ? 69  SER A O   1 
ATOM   525  C  CB  . SER A 1 91  ? -1.232  -15.266 -1.618  1.00 83.17  ? 69  SER A CB  1 
ATOM   526  O  OG  . SER A 1 91  ? -2.380  -15.506 -2.392  1.00 92.11  ? 69  SER A OG  1 
ATOM   527  N  N   . TYR A 1 92  ? 0.560   -14.694 0.631   1.00 87.81  ? 70  TYR A N   1 
ATOM   528  C  CA  . TYR A 1 92  ? 1.483   -15.077 1.712   1.00 89.27  ? 70  TYR A CA  1 
ATOM   529  C  C   . TYR A 1 92  ? 0.730   -14.896 3.028   1.00 89.60  ? 70  TYR A C   1 
ATOM   530  O  O   . TYR A 1 92  ? 0.612   -15.857 3.814   1.00 90.26  ? 70  TYR A O   1 
ATOM   531  C  CB  . TYR A 1 92  ? 2.845   -14.349 1.742   1.00 89.39  ? 70  TYR A CB  1 
ATOM   532  C  CG  . TYR A 1 92  ? 3.691   -14.635 3.033   1.00 90.58  ? 70  TYR A CG  1 
ATOM   533  C  CD1 . TYR A 1 92  ? 4.651   -15.658 3.077   1.00 91.29  ? 70  TYR A CD1 1 
ATOM   534  C  CD2 . TYR A 1 92  ? 3.533   -13.869 4.191   1.00 84.68  ? 70  TYR A CD2 1 
ATOM   535  N  N   . PHE A 1 93  ? 0.176   -13.703 3.251   1.00 88.23  ? 71  PHE A N   1 
ATOM   536  C  CA  . PHE A 1 93  ? -0.462  -13.476 4.538   1.00 88.09  ? 71  PHE A CA  1 
ATOM   537  C  C   . PHE A 1 93  ? -1.630  -14.403 4.803   1.00 90.05  ? 71  PHE A C   1 
ATOM   538  O  O   . PHE A 1 93  ? -1.636  -15.095 5.824   1.00 91.92  ? 71  PHE A O   1 
ATOM   539  C  CB  . PHE A 1 93  ? -0.785  -12.024 4.796   1.00 85.73  ? 71  PHE A CB  1 
ATOM   540  C  CG  . PHE A 1 93  ? 0.435   -11.156 4.886   1.00 80.72  ? 71  PHE A CG  1 
ATOM   541  C  CD2 . PHE A 1 93  ? 0.782   -10.542 6.067   1.00 67.70  ? 71  PHE A CD2 1 
ATOM   542  C  CE2 . PHE A 1 93  ? 1.878   -9.721  6.097   1.00 66.55  ? 71  PHE A CE2 1 
ATOM   543  N  N   . GLU A 1 94  ? -2.591  -14.474 3.889   1.00 90.84  ? 72  GLU A N   1 
ATOM   544  C  CA  . GLU A 1 94  ? -3.704  -15.395 4.117   1.00 91.54  ? 72  GLU A CA  1 
ATOM   545  C  C   . GLU A 1 94  ? -3.300  -16.829 4.035   1.00 93.28  ? 72  GLU A C   1 
ATOM   546  O  O   . GLU A 1 94  ? -3.615  -17.591 4.911   1.00 96.17  ? 72  GLU A O   1 
ATOM   547  C  CB  . GLU A 1 94  ? -4.833  -15.191 3.140   1.00 90.28  ? 72  GLU A CB  1 
ATOM   548  C  CG  . GLU A 1 94  ? -5.837  -14.199 3.601   1.00 95.83  ? 72  GLU A CG  1 
ATOM   549  C  CD  . GLU A 1 94  ? -6.684  -13.752 2.461   1.00 100.84 ? 72  GLU A CD  1 
ATOM   550  O  OE1 . GLU A 1 94  ? -6.932  -12.540 2.355   1.00 89.80  ? 72  GLU A OE1 1 
ATOM   551  O  OE2 . GLU A 1 94  ? -7.071  -14.627 1.648   1.00 111.79 ? 72  GLU A OE2 1 
ATOM   552  N  N   . GLU A 1 95  ? -2.606  -17.209 2.979   1.00 95.95  ? 73  GLU A N   1 
ATOM   553  C  CA  . GLU A 1 95  ? -2.542  -18.613 2.638   1.00 98.09  ? 73  GLU A CA  1 
ATOM   554  C  C   . GLU A 1 95  ? -1.157  -19.160 2.773   1.00 98.69  ? 73  GLU A C   1 
ATOM   555  O  O   . GLU A 1 95  ? -0.997  -20.347 2.723   1.00 103.60 ? 73  GLU A O   1 
ATOM   556  C  CB  . GLU A 1 95  ? -3.076  -18.883 1.217   1.00 98.04  ? 73  GLU A CB  1 
ATOM   557  C  CG  . GLU A 1 95  ? -4.294  -18.010 0.825   1.00 105.12 ? 73  GLU A CG  1 
ATOM   558  C  CD  . GLU A 1 95  ? -4.595  -18.000 -0.672  1.00 99.33  ? 73  GLU A CD  1 
ATOM   559  O  OE1 . GLU A 1 95  ? -5.403  -17.142 -1.117  1.00 89.86  ? 73  GLU A OE1 1 
ATOM   560  O  OE2 . GLU A 1 95  ? -4.038  -18.873 -1.379  1.00 98.19  ? 73  GLU A OE2 1 
ATOM   561  N  N   . GLY A 1 96  ? -0.134  -18.353 2.934   1.00 97.79  ? 74  GLY A N   1 
ATOM   562  C  CA  . GLY A 1 96  ? 1.145   -19.001 3.087   1.00 100.99 ? 74  GLY A CA  1 
ATOM   563  C  C   . GLY A 1 96  ? 2.091   -18.723 1.956   1.00 104.69 ? 74  GLY A C   1 
ATOM   564  O  O   . GLY A 1 96  ? 3.121   -18.092 2.183   1.00 110.34 ? 74  GLY A O   1 
ATOM   565  N  N   . SER A 1 97  ? 1.791   -19.161 0.737   1.00 104.11 ? 75  SER A N   1 
ATOM   566  C  CA  . SER A 1 97  ? 2.680   -18.772 -0.378  1.00 103.96 ? 75  SER A CA  1 
ATOM   567  C  C   . SER A 1 97  ? 2.189   -17.544 -1.130  1.00 103.16 ? 75  SER A C   1 
ATOM   568  O  O   . SER A 1 97  ? 1.055   -17.119 -0.955  1.00 102.79 ? 75  SER A O   1 
ATOM   569  C  CB  . SER A 1 97  ? 2.953   -19.929 -1.343  1.00 104.35 ? 75  SER A CB  1 
ATOM   570  N  N   . VAL A 1 98  ? 3.076   -16.972 -1.944  1.00 103.75 ? 76  VAL A N   1 
ATOM   571  C  CA  . VAL A 1 98  ? 2.715   -15.966 -2.958  1.00 102.77 ? 76  VAL A CA  1 
ATOM   572  C  C   . VAL A 1 98  ? 2.071   -16.577 -4.177  1.00 101.07 ? 76  VAL A C   1 
ATOM   573  O  O   . VAL A 1 98  ? 2.414   -17.701 -4.589  1.00 102.07 ? 76  VAL A O   1 
ATOM   574  C  CB  . VAL A 1 98  ? 3.915   -15.328 -3.564  1.00 100.39 ? 76  VAL A CB  1 
ATOM   575  C  CG1 . VAL A 1 98  ? 3.464   -14.153 -4.360  1.00 105.08 ? 76  VAL A CG1 1 
ATOM   576  C  CG2 . VAL A 1 98  ? 4.814   -14.871 -2.499  1.00 111.11 ? 76  VAL A CG2 1 
ATOM   577  N  N   . TYR A 1 99  ? 1.183   -15.807 -4.795  1.00 96.66  ? 77  TYR A N   1 
ATOM   578  C  CA  . TYR A 1 99  ? 0.527   -16.289 -5.993  1.00 94.07  ? 77  TYR A CA  1 
ATOM   579  C  C   . TYR A 1 99  ? -0.487  -17.381 -5.688  1.00 90.10  ? 77  TYR A C   1 
ATOM   580  O  O   . TYR A 1 99  ? -0.462  -18.390 -6.343  1.00 93.85  ? 77  TYR A O   1 
ATOM   581  C  CB  . TYR A 1 99  ? 1.545   -16.790 -7.069  1.00 95.29  ? 77  TYR A CB  1 
ATOM   582  C  CG  . TYR A 1 99  ? 2.040   -15.680 -7.989  1.00 99.01  ? 77  TYR A CG  1 
ATOM   583  C  CD1 . TYR A 1 99  ? 3.344   -15.152 -7.895  1.00 103.85 ? 77  TYR A CD1 1 
ATOM   584  C  CD2 . TYR A 1 99  ? 1.192   -15.124 -8.916  1.00 103.65 ? 77  TYR A CD2 1 
ATOM   585  C  CE1 . TYR A 1 99  ? 3.777   -14.086 -8.729  1.00 105.07 ? 77  TYR A CE1 1 
ATOM   586  C  CE2 . TYR A 1 99  ? 1.601   -14.067 -9.742  1.00 114.90 ? 77  TYR A CE2 1 
ATOM   587  C  CZ  . TYR A 1 99  ? 2.876   -13.545 -9.656  1.00 109.03 ? 77  TYR A CZ  1 
ATOM   588  O  OH  . TYR A 1 99  ? 3.176   -12.486 -10.517 1.00 110.32 ? 77  TYR A OH  1 
ATOM   589  N  N   . GLY A 1 100 ? -1.398  -17.164 -4.739  1.00 83.86  ? 78  GLY A N   1 
ATOM   590  C  CA  . GLY A 1 100 ? -2.427  -18.156 -4.395  1.00 76.48  ? 78  GLY A CA  1 
ATOM   591  C  C   . GLY A 1 100 ? -3.882  -17.777 -4.628  1.00 71.19  ? 78  GLY A C   1 
ATOM   592  O  O   . GLY A 1 100 ? -4.170  -16.933 -5.481  1.00 69.47  ? 78  GLY A O   1 
ATOM   593  N  N   . LYS A 1 101 ? -4.796  -18.421 -3.880  1.00 68.09  ? 79  LYS A N   1 
ATOM   594  C  CA  . LYS A 1 101 ? -6.235  -18.269 -4.122  1.00 68.66  ? 79  LYS A CA  1 
ATOM   595  C  C   . LYS A 1 101 ? -6.551  -16.760 -4.064  1.00 70.24  ? 79  LYS A C   1 
ATOM   596  O  O   . LYS A 1 101 ? -7.248  -16.213 -4.951  1.00 69.93  ? 79  LYS A O   1 
ATOM   597  C  CB  . LYS A 1 101 ? -7.153  -19.188 -3.236  1.00 63.60  ? 79  LYS A CB  1 
ATOM   598  N  N   . ALA A 1 102 ? -5.974  -16.088 -3.063  1.00 70.60  ? 80  ALA A N   1 
ATOM   599  C  CA  . ALA A 1 102 ? -6.117  -14.635 -2.900  1.00 71.54  ? 80  ALA A CA  1 
ATOM   600  C  C   . ALA A 1 102 ? -5.981  -13.918 -4.236  1.00 72.05  ? 80  ALA A C   1 
ATOM   601  O  O   . ALA A 1 102 ? -6.845  -13.105 -4.662  1.00 71.71  ? 80  ALA A O   1 
ATOM   602  C  CB  . ALA A 1 102 ? -5.059  -14.125 -1.942  1.00 71.15  ? 80  ALA A CB  1 
ATOM   603  N  N   . SER A 1 103 ? -4.872  -14.252 -4.886  1.00 70.49  ? 81  SER A N   1 
ATOM   604  C  CA  . SER A 1 103 ? -4.528  -13.680 -6.147  1.00 70.30  ? 81  SER A CA  1 
ATOM   605  C  C   . SER A 1 103 ? -5.603  -13.915 -7.130  1.00 69.60  ? 81  SER A C   1 
ATOM   606  O  O   . SER A 1 103 ? -6.072  -12.929 -7.666  1.00 72.34  ? 81  SER A O   1 
ATOM   607  C  CB  . SER A 1 103 ? -3.232  -14.230 -6.632  1.00 70.50  ? 81  SER A CB  1 
ATOM   608  O  OG  . SER A 1 103 ? -2.285  -14.065 -5.585  1.00 89.90  ? 81  SER A OG  1 
ATOM   609  N  N   . LEU A 1 104 ? -6.034  -15.176 -7.358  1.00 69.53  ? 82  LEU A N   1 
ATOM   610  C  CA  . LEU A 1 104 ? -7.222  -15.426 -8.258  1.00 66.29  ? 82  LEU A CA  1 
ATOM   611  C  C   . LEU A 1 104 ? -8.405  -14.468 -7.768  1.00 65.93  ? 82  LEU A C   1 
ATOM   612  O  O   . LEU A 1 104 ? -8.937  -13.621 -8.515  1.00 58.86  ? 82  LEU A O   1 
ATOM   613  C  CB  . LEU A 1 104 ? -7.557  -16.952 -8.502  1.00 55.41  ? 82  LEU A CB  1 
ATOM   614  N  N   . ARG A 1 105 ? -8.705  -14.510 -6.480  1.00 69.13  ? 83  ARG A N   1 
ATOM   615  C  CA  . ARG A 1 105 ? -9.858  -13.787 -6.003  1.00 77.71  ? 83  ARG A CA  1 
ATOM   616  C  C   . ARG A 1 105 ? -9.784  -12.260 -6.252  1.00 73.39  ? 83  ARG A C   1 
ATOM   617  O  O   . ARG A 1 105 ? -10.761 -11.627 -6.743  1.00 70.71  ? 83  ARG A O   1 
ATOM   618  C  CB  . ARG A 1 105 ? -10.068 -14.119 -4.531  1.00 78.85  ? 83  ARG A CB  1 
ATOM   619  C  CG  . ARG A 1 105 ? -10.819 -15.426 -4.268  1.00 88.91  ? 83  ARG A CG  1 
ATOM   620  C  CD  . ARG A 1 105 ? -11.318 -15.452 -2.789  1.00 90.65  ? 83  ARG A CD  1 
ATOM   621  N  NE  . ARG A 1 105 ? -10.255 -15.770 -1.805  1.00 115.75 ? 83  ARG A NE  1 
ATOM   622  C  CZ  . ARG A 1 105 ? -9.388  -14.905 -1.257  1.00 110.83 ? 83  ARG A CZ  1 
ATOM   623  N  NH1 . ARG A 1 105 ? -9.408  -13.604 -1.571  1.00 115.72 ? 83  ARG A NH1 1 
ATOM   624  N  NH2 . ARG A 1 105 ? -8.481  -15.359 -0.388  1.00 103.81 ? 83  ARG A NH2 1 
ATOM   625  N  N   . ALA A 1 106 ? -8.631  -11.703 -5.881  1.00 68.93  ? 84  ALA A N   1 
ATOM   626  C  CA  . ALA A 1 106 ? -8.310  -10.337 -6.181  1.00 67.76  ? 84  ALA A CA  1 
ATOM   627  C  C   . ALA A 1 106 ? -8.744  -10.030 -7.601  1.00 70.03  ? 84  ALA A C   1 
ATOM   628  O  O   . ALA A 1 106 ? -9.722  -9.320  -7.878  1.00 68.51  ? 84  ALA A O   1 
ATOM   629  C  CB  . ALA A 1 106 ? -6.820  -10.135 -6.062  1.00 63.93  ? 84  ALA A CB  1 
ATOM   630  N  N   . ALA A 1 107 ? -7.976  -10.633 -8.493  1.00 72.76  ? 85  ALA A N   1 
ATOM   631  C  CA  . ALA A 1 107 ? -8.102  -10.506 -9.915  1.00 71.43  ? 85  ALA A CA  1 
ATOM   632  C  C   . ALA A 1 107 ? -9.500  -10.717 -10.349 1.00 72.50  ? 85  ALA A C   1 
ATOM   633  O  O   . ALA A 1 107 ? -10.006 -9.921  -11.112 1.00 74.29  ? 85  ALA A O   1 
ATOM   634  C  CB  . ALA A 1 107 ? -7.223  -11.484 -10.562 1.00 69.18  ? 85  ALA A CB  1 
ATOM   635  N  N   . GLU A 1 108 ? -10.127 -11.773 -9.849  1.00 76.01  ? 86  GLU A N   1 
ATOM   636  C  CA  . GLU A 1 108 ? -11.528 -12.054 -10.190 1.00 80.14  ? 86  GLU A CA  1 
ATOM   637  C  C   . GLU A 1 108 ? -12.318 -10.783 -10.025 1.00 77.88  ? 86  GLU A C   1 
ATOM   638  O  O   . GLU A 1 108 ? -12.992 -10.316 -10.944 1.00 77.25  ? 86  GLU A O   1 
ATOM   639  C  CB  . GLU A 1 108 ? -12.155 -13.155 -9.292  1.00 83.75  ? 86  GLU A CB  1 
ATOM   640  N  N   . LEU A 1 109 ? -12.197 -10.211 -8.842  1.00 75.81  ? 87  LEU A N   1 
ATOM   641  C  CA  . LEU A 1 109 ? -13.025 -9.086  -8.476  1.00 73.04  ? 87  LEU A CA  1 
ATOM   642  C  C   . LEU A 1 109 ? -12.662 -7.807  -9.216  1.00 70.30  ? 87  LEU A C   1 
ATOM   643  O  O   . LEU A 1 109 ? -13.521 -6.969  -9.468  1.00 65.17  ? 87  LEU A O   1 
ATOM   644  C  CB  . LEU A 1 109 ? -12.928 -8.894  -6.972  1.00 73.29  ? 87  LEU A CB  1 
ATOM   645  C  CG  . LEU A 1 109 ? -12.986 -7.456  -6.496  1.00 68.22  ? 87  LEU A CG  1 
ATOM   646  C  CD1 . LEU A 1 109 ? -14.257 -7.249  -5.755  1.00 60.70  ? 87  LEU A CD1 1 
ATOM   647  C  CD2 . LEU A 1 109 ? -11.777 -7.174  -5.624  1.00 47.68  ? 87  LEU A CD2 1 
ATOM   648  N  N   . TYR A 1 110 ? -11.384 -7.637  -9.535  1.00 71.86  ? 88  TYR A N   1 
ATOM   649  C  CA  . TYR A 1 110 ? -11.019 -6.444  -10.254 1.00 74.75  ? 88  TYR A CA  1 
ATOM   650  C  C   . TYR A 1 110 ? -11.851 -6.496  -11.512 1.00 76.10  ? 88  TYR A C   1 
ATOM   651  O  O   . TYR A 1 110 ? -12.612 -5.605  -11.799 1.00 79.43  ? 88  TYR A O   1 
ATOM   652  C  CB  . TYR A 1 110 ? -9.531  -6.388  -10.585 1.00 75.39  ? 88  TYR A CB  1 
ATOM   653  C  CG  . TYR A 1 110 ? -8.599  -6.312  -9.397  1.00 75.11  ? 88  TYR A CG  1 
ATOM   654  C  CD1 . TYR A 1 110 ? -7.310  -6.824  -9.484  1.00 81.42  ? 88  TYR A CD1 1 
ATOM   655  C  CD2 . TYR A 1 110 ? -8.997  -5.739  -8.194  1.00 75.52  ? 88  TYR A CD2 1 
ATOM   656  C  CE1 . TYR A 1 110 ? -6.436  -6.793  -8.409  1.00 85.72  ? 88  TYR A CE1 1 
ATOM   657  C  CE2 . TYR A 1 110 ? -8.119  -5.658  -7.111  1.00 75.35  ? 88  TYR A CE2 1 
ATOM   658  C  CZ  . TYR A 1 110 ? -6.841  -6.208  -7.223  1.00 83.59  ? 88  TYR A CZ  1 
ATOM   659  O  OH  . TYR A 1 110 ? -5.952  -6.167  -6.170  1.00 79.87  ? 88  TYR A OH  1 
ATOM   660  N  N   . SER A 1 111 ? -11.745 -7.588  -12.227 1.00 75.94  ? 89  SER A N   1 
ATOM   661  C  CA  . SER A 1 111 ? -12.554 -7.787  -13.374 1.00 78.15  ? 89  SER A CA  1 
ATOM   662  C  C   . SER A 1 111 ? -14.023 -7.757  -13.061 1.00 79.05  ? 89  SER A C   1 
ATOM   663  O  O   . SER A 1 111 ? -14.763 -7.279  -13.890 1.00 80.25  ? 89  SER A O   1 
ATOM   664  C  CB  . SER A 1 111 ? -12.231 -9.137  -13.977 1.00 82.31  ? 89  SER A CB  1 
ATOM   665  O  OG  . SER A 1 111 ? -12.755 -9.228  -15.287 1.00 95.90  ? 89  SER A OG  1 
ATOM   666  N  N   . LYS A 1 112 ? -14.479 -8.283  -11.911 1.00 80.83  ? 90  LYS A N   1 
ATOM   667  C  CA  . LYS A 1 112 ? -15.921 -8.111  -11.542 1.00 80.11  ? 90  LYS A CA  1 
ATOM   668  C  C   . LYS A 1 112 ? -16.222 -6.631  -11.575 1.00 78.72  ? 90  LYS A C   1 
ATOM   669  O  O   . LYS A 1 112 ? -17.239 -6.256  -12.082 1.00 78.40  ? 90  LYS A O   1 
ATOM   670  C  CB  . LYS A 1 112 ? -16.374 -8.723  -10.188 1.00 79.23  ? 90  LYS A CB  1 
ATOM   671  N  N   . TYR A 1 113 ? -15.314 -5.786  -11.083 1.00 79.43  ? 91  TYR A N   1 
ATOM   672  C  CA  . TYR A 1 113 ? -15.545 -4.340  -11.121 1.00 79.73  ? 91  TYR A CA  1 
ATOM   673  C  C   . TYR A 1 113 ? -15.201 -3.758  -12.465 1.00 79.32  ? 91  TYR A C   1 
ATOM   674  O  O   . TYR A 1 113 ? -15.123 -2.534  -12.637 1.00 83.42  ? 91  TYR A O   1 
ATOM   675  C  CB  . TYR A 1 113 ? -14.844 -3.606  -9.966  1.00 80.11  ? 91  TYR A CB  1 
ATOM   676  C  CG  . TYR A 1 113 ? -15.669 -3.782  -8.718  1.00 87.04  ? 91  TYR A CG  1 
ATOM   677  C  CD1 . TYR A 1 113 ? -15.643 -5.020  -8.032  1.00 90.27  ? 91  TYR A CD1 1 
ATOM   678  C  CD2 . TYR A 1 113 ? -16.544 -2.774  -8.264  1.00 82.94  ? 91  TYR A CD2 1 
ATOM   679  C  CE1 . TYR A 1 113 ? -16.426 -5.256  -6.911  1.00 82.75  ? 91  TYR A CE1 1 
ATOM   680  C  CE2 . TYR A 1 113 ? -17.343 -2.991  -7.124  1.00 88.07  ? 91  TYR A CE2 1 
ATOM   681  C  CZ  . TYR A 1 113 ? -17.269 -4.253  -6.448  1.00 92.04  ? 91  TYR A CZ  1 
ATOM   682  O  OH  . TYR A 1 113 ? -18.018 -4.556  -5.310  1.00 91.45  ? 91  TYR A OH  1 
ATOM   683  N  N   . GLY A 1 114 ? -14.997 -4.637  -13.430 1.00 74.91  ? 92  GLY A N   1 
ATOM   684  C  CA  . GLY A 1 114 ? -14.541 -4.201  -14.727 1.00 72.06  ? 92  GLY A CA  1 
ATOM   685  C  C   . GLY A 1 114 ? -13.410 -3.201  -14.784 1.00 69.16  ? 92  GLY A C   1 
ATOM   686  O  O   . GLY A 1 114 ? -13.340 -2.418  -15.715 1.00 63.85  ? 92  GLY A O   1 
ATOM   687  N  N   . LEU A 1 115 ? -12.551 -3.201  -13.762 1.00 75.60  ? 93  LEU A N   1 
ATOM   688  C  CA  . LEU A 1 115 ? -11.247 -2.484  -13.797 1.00 76.85  ? 93  LEU A CA  1 
ATOM   689  C  C   . LEU A 1 115 ? -10.400 -3.459  -14.731 1.00 80.76  ? 93  LEU A C   1 
ATOM   690  O  O   . LEU A 1 115 ? -10.661 -4.686  -14.776 1.00 79.72  ? 93  LEU A O   1 
ATOM   691  C  CB  . LEU A 1 115 ? -10.724 -2.091  -12.349 1.00 60.11  ? 93  LEU A CB  1 
ATOM   692  N  N   . ASN A 1 116 ? -9.496  -2.940  -15.554 1.00 85.57  ? 94  ASN A N   1 
ATOM   693  C  CA  . ASN A 1 116 ? -8.627  -3.862  -16.311 1.00 90.81  ? 94  ASN A CA  1 
ATOM   694  C  C   . ASN A 1 116 ? -7.153  -3.985  -15.782 1.00 87.84  ? 94  ASN A C   1 
ATOM   695  O  O   . ASN A 1 116 ? -6.341  -3.067  -15.971 1.00 86.07  ? 94  ASN A O   1 
ATOM   696  C  CB  . ASN A 1 116 ? -8.714  -3.515  -17.819 1.00 96.17  ? 94  ASN A CB  1 
ATOM   697  C  CG  . ASN A 1 116 ? -7.434  -3.883  -18.610 1.00 108.60 ? 94  ASN A CG  1 
ATOM   698  O  OD1 . ASN A 1 116 ? -6.817  -4.942  -18.397 1.00 126.49 ? 94  ASN A OD1 1 
ATOM   699  N  ND2 . ASN A 1 116 ? -7.035  -2.996  -19.524 1.00 117.57 ? 94  ASN A ND2 1 
ATOM   700  N  N   . TYR A 1 117 ? -6.796  -5.103  -15.148 1.00 85.96  ? 95  TYR A N   1 
ATOM   701  C  CA  . TYR A 1 117 ? -5.498  -5.131  -14.428 1.00 87.36  ? 95  TYR A CA  1 
ATOM   702  C  C   . TYR A 1 117 ? -4.345  -5.198  -15.336 1.00 89.42  ? 95  TYR A C   1 
ATOM   703  O  O   . TYR A 1 117 ? -3.836  -6.267  -15.634 1.00 89.68  ? 95  TYR A O   1 
ATOM   704  C  CB  . TYR A 1 117 ? -5.380  -6.295  -13.460 1.00 88.76  ? 95  TYR A CB  1 
ATOM   705  C  CG  . TYR A 1 117 ? -4.059  -6.372  -12.742 1.00 83.32  ? 95  TYR A CG  1 
ATOM   706  C  CD1 . TYR A 1 117 ? -3.528  -5.259  -12.141 1.00 91.48  ? 95  TYR A CD1 1 
ATOM   707  C  CD2 . TYR A 1 117 ? -3.351  -7.576  -12.646 1.00 89.80  ? 95  TYR A CD2 1 
ATOM   708  C  CE1 . TYR A 1 117 ? -2.317  -5.312  -11.443 1.00 95.64  ? 95  TYR A CE1 1 
ATOM   709  C  CE2 . TYR A 1 117 ? -2.123  -7.655  -11.951 1.00 96.90  ? 95  TYR A CE2 1 
ATOM   710  C  CZ  . TYR A 1 117 ? -1.617  -6.498  -11.343 1.00 96.34  ? 95  TYR A CZ  1 
ATOM   711  O  OH  . TYR A 1 117 ? -0.419  -6.474  -10.651 1.00 90.22  ? 95  TYR A OH  1 
ATOM   712  N  N   . VAL A 1 118 ? -3.897  -4.048  -15.772 1.00 94.99  ? 96  VAL A N   1 
ATOM   713  C  CA  . VAL A 1 118 ? -2.953  -4.077  -16.862 1.00 101.33 ? 96  VAL A CA  1 
ATOM   714  C  C   . VAL A 1 118 ? -1.557  -4.261  -16.356 1.00 105.18 ? 96  VAL A C   1 
ATOM   715  O  O   . VAL A 1 118 ? -0.646  -3.661  -16.882 1.00 105.92 ? 96  VAL A O   1 
ATOM   716  C  CB  . VAL A 1 118 ? -3.024  -2.818  -17.741 1.00 101.20 ? 96  VAL A CB  1 
ATOM   717  N  N   . TYR A 1 119 ? -1.355  -5.105  -15.354 1.00 111.12 ? 97  TYR A N   1 
ATOM   718  C  CA  . TYR A 1 119 ? -0.021  -5.118  -14.766 1.00 115.19 ? 97  TYR A CA  1 
ATOM   719  C  C   . TYR A 1 119 ? 0.811   -6.369  -14.867 1.00 117.46 ? 97  TYR A C   1 
ATOM   720  O  O   . TYR A 1 119 ? 0.335   -7.507  -15.071 1.00 119.89 ? 97  TYR A O   1 
ATOM   721  C  CB  . TYR A 1 119 ? -0.006  -4.558  -13.360 1.00 114.93 ? 97  TYR A CB  1 
ATOM   722  C  CG  . TYR A 1 119 ? 1.345   -4.098  -12.917 1.00 115.79 ? 97  TYR A CG  1 
ATOM   723  C  CD1 . TYR A 1 119 ? 2.097   -3.245  -13.705 1.00 114.86 ? 97  TYR A CD1 1 
ATOM   724  C  CD2 . TYR A 1 119 ? 1.864   -4.490  -11.677 1.00 121.60 ? 97  TYR A CD2 1 
ATOM   725  C  CE1 . TYR A 1 119 ? 3.337   -2.804  -13.283 1.00 119.14 ? 97  TYR A CE1 1 
ATOM   726  C  CE2 . TYR A 1 119 ? 3.098   -4.034  -11.235 1.00 116.13 ? 97  TYR A CE2 1 
ATOM   727  C  CZ  . TYR A 1 119 ? 3.822   -3.194  -12.049 1.00 115.26 ? 97  TYR A CZ  1 
ATOM   728  O  OH  . TYR A 1 119 ? 5.051   -2.765  -11.646 1.00 120.07 ? 97  TYR A OH  1 
ATOM   729  N  N   . GLU A 1 120 ? 2.088   -6.098  -14.703 1.00 117.93 ? 98  GLU A N   1 
ATOM   730  C  CA  . GLU A 1 120 ? 3.095   -6.932  -15.244 1.00 121.25 ? 98  GLU A CA  1 
ATOM   731  C  C   . GLU A 1 120 ? 3.816   -7.603  -14.093 1.00 121.37 ? 98  GLU A C   1 
ATOM   732  O  O   . GLU A 1 120 ? 3.410   -8.714  -13.723 1.00 122.94 ? 98  GLU A O   1 
ATOM   733  C  CB  . GLU A 1 120 ? 4.029   -6.093  -16.131 1.00 123.39 ? 98  GLU A CB  1 
ATOM   734  N  N   . SER A 1 121 ? 4.849   -6.929  -13.535 1.00 119.73 ? 99  SER A N   1 
ATOM   735  C  CA  . SER A 1 121 ? 5.729   -7.452  -12.432 1.00 117.17 ? 99  SER A CA  1 
ATOM   736  C  C   . SER A 1 121 ? 4.981   -8.265  -11.333 1.00 114.41 ? 99  SER A C   1 
ATOM   737  O  O   . SER A 1 121 ? 5.412   -9.362  -10.913 1.00 115.01 ? 99  SER A O   1 
ATOM   738  C  CB  . SER A 1 121 ? 6.565   -6.307  -11.784 1.00 114.66 ? 99  SER A CB  1 
ATOM   739  N  N   . GLU A 1 122 ? 3.829   -7.734  -10.930 1.00 108.19 ? 100 GLU A N   1 
ATOM   740  C  CA  . GLU A 1 122 ? 3.231   -8.078  -9.685  1.00 101.10 ? 100 GLU A CA  1 
ATOM   741  C  C   . GLU A 1 122 ? 1.946   -8.814  -9.791  1.00 94.68  ? 100 GLU A C   1 
ATOM   742  O  O   . GLU A 1 122 ? 1.159   -8.544  -10.666 1.00 97.58  ? 100 GLU A O   1 
ATOM   743  C  CB  . GLU A 1 122 ? 3.032   -6.794  -8.924  1.00 103.07 ? 100 GLU A CB  1 
ATOM   744  C  CG  . GLU A 1 122 ? 4.362   -6.226  -8.474  1.00 114.83 ? 100 GLU A CG  1 
ATOM   745  C  CD  . GLU A 1 122 ? 5.340   -7.321  -7.973  1.00 127.16 ? 100 GLU A CD  1 
ATOM   746  O  OE1 . GLU A 1 122 ? 4.915   -8.236  -7.221  1.00 123.37 ? 100 GLU A OE1 1 
ATOM   747  O  OE2 . GLU A 1 122 ? 6.540   -7.255  -8.330  1.00 133.22 ? 100 GLU A OE2 1 
ATOM   748  N  N   . PRO A 1 123 ? 1.716   -9.743  -8.873  1.00 88.91  ? 101 PRO A N   1 
ATOM   749  C  CA  . PRO A 1 123 ? 0.421   -10.377 -8.753  1.00 85.14  ? 101 PRO A CA  1 
ATOM   750  C  C   . PRO A 1 123 ? -0.588  -9.332  -8.337  1.00 80.45  ? 101 PRO A C   1 
ATOM   751  O  O   . PRO A 1 123 ? -0.217  -8.355  -7.673  1.00 79.22  ? 101 PRO A O   1 
ATOM   752  C  CB  . PRO A 1 123 ? 0.602   -11.331 -7.568  1.00 86.27  ? 101 PRO A CB  1 
ATOM   753  C  CG  . PRO A 1 123 ? 1.775   -10.858 -6.849  1.00 82.87  ? 101 PRO A CG  1 
ATOM   754  C  CD  . PRO A 1 123 ? 2.659   -10.218 -7.853  1.00 88.76  ? 101 PRO A CD  1 
ATOM   755  N  N   . PRO A 1 124 ? -1.853  -9.544  -8.695  1.00 75.22  ? 102 PRO A N   1 
ATOM   756  C  CA  . PRO A 1 124 ? -2.941  -8.659  -8.357  1.00 74.46  ? 102 PRO A CA  1 
ATOM   757  C  C   . PRO A 1 124 ? -3.207  -8.577  -6.851  1.00 75.50  ? 102 PRO A C   1 
ATOM   758  O  O   . PRO A 1 124 ? -3.783  -7.571  -6.412  1.00 75.10  ? 102 PRO A O   1 
ATOM   759  C  CB  . PRO A 1 124 ? -4.134  -9.312  -9.033  1.00 73.04  ? 102 PRO A CB  1 
ATOM   760  C  CG  . PRO A 1 124 ? -3.771  -10.722 -9.134  1.00 72.95  ? 102 PRO A CG  1 
ATOM   761  C  CD  . PRO A 1 124 ? -2.318  -10.701 -9.454  1.00 74.03  ? 102 PRO A CD  1 
ATOM   762  N  N   . ASP A 1 125 ? -2.802  -9.592  -6.072  1.00 74.41  ? 103 ASP A N   1 
ATOM   763  C  CA  . ASP A 1 125 ? -3.080  -9.575  -4.623  1.00 77.97  ? 103 ASP A CA  1 
ATOM   764  C  C   . ASP A 1 125 ? -2.067  -8.799  -3.749  1.00 79.72  ? 103 ASP A C   1 
ATOM   765  O  O   . ASP A 1 125 ? -2.244  -8.623  -2.557  1.00 82.91  ? 103 ASP A O   1 
ATOM   766  C  CB  . ASP A 1 125 ? -3.372  -10.978 -4.074  1.00 78.55  ? 103 ASP A CB  1 
ATOM   767  C  CG  . ASP A 1 125 ? -2.166  -11.897 -4.125  1.00 93.42  ? 103 ASP A CG  1 
ATOM   768  O  OD1 . ASP A 1 125 ? -2.003  -12.696 -3.174  1.00 104.20 ? 103 ASP A OD1 1 
ATOM   769  O  OD2 . ASP A 1 125 ? -1.382  -11.838 -5.112  1.00 104.19 ? 103 ASP A OD2 1 
ATOM   770  N  N   . HIS A 1 126 ? -0.987  -8.356  -4.352  1.00 80.79  ? 104 HIS A N   1 
ATOM   771  C  CA  . HIS A 1 126 ? -0.120  -7.344  -3.782  1.00 80.92  ? 104 HIS A CA  1 
ATOM   772  C  C   . HIS A 1 126 ? -0.849  -6.149  -3.147  1.00 79.13  ? 104 HIS A C   1 
ATOM   773  O  O   . HIS A 1 126 ? -1.723  -5.568  -3.806  1.00 82.12  ? 104 HIS A O   1 
ATOM   774  C  CB  . HIS A 1 126 ? 0.679   -6.742  -4.943  1.00 82.98  ? 104 HIS A CB  1 
ATOM   775  C  CG  . HIS A 1 126 ? 1.814   -5.902  -4.478  1.00 87.22  ? 104 HIS A CG  1 
ATOM   776  N  ND1 . HIS A 1 126 ? 1.635   -4.833  -3.620  1.00 90.27  ? 104 HIS A ND1 1 
ATOM   777  C  CD2 . HIS A 1 126 ? 3.147   -6.021  -4.672  1.00 72.55  ? 104 HIS A CD2 1 
ATOM   778  C  CE1 . HIS A 1 126 ? 2.812   -4.316  -3.327  1.00 87.25  ? 104 HIS A CE1 1 
ATOM   779  N  NE2 . HIS A 1 126 ? 3.746   -5.022  -3.945  1.00 82.14  ? 104 HIS A NE2 1 
ATOM   780  N  N   . ILE A 1 127 ? -0.434  -5.705  -1.954  1.00 72.78  ? 105 ILE A N   1 
ATOM   781  C  CA  . ILE A 1 127 ? -1.115  -4.563  -1.286  1.00 69.82  ? 105 ILE A CA  1 
ATOM   782  C  C   . ILE A 1 127 ? -1.235  -3.328  -2.151  1.00 69.95  ? 105 ILE A C   1 
ATOM   783  O  O   . ILE A 1 127 ? -2.327  -2.721  -2.257  1.00 67.79  ? 105 ILE A O   1 
ATOM   784  C  CB  . ILE A 1 127 ? -0.390  -4.061  -0.042  1.00 69.66  ? 105 ILE A CB  1 
ATOM   785  C  CG1 . ILE A 1 127 ? 0.733   -5.015  0.296   1.00 78.04  ? 105 ILE A CG1 1 
ATOM   786  C  CG2 . ILE A 1 127 ? -1.361  -3.761  1.159   1.00 53.06  ? 105 ILE A CG2 1 
ATOM   787  N  N   . SER A 1 128 ? -0.121  -2.917  -2.743  1.00 70.10  ? 106 SER A N   1 
ATOM   788  C  CA  . SER A 1 128 ? -0.142  -1.617  -3.411  1.00 72.08  ? 106 SER A CA  1 
ATOM   789  C  C   . SER A 1 128 ? -1.291  -1.573  -4.433  1.00 72.85  ? 106 SER A C   1 
ATOM   790  O  O   . SER A 1 128 ? -1.962  -0.535  -4.631  1.00 70.22  ? 106 SER A O   1 
ATOM   791  C  CB  . SER A 1 128 ? 1.206   -1.282  -4.059  1.00 72.22  ? 106 SER A CB  1 
ATOM   792  O  OG  . SER A 1 128 ? 1.169   -0.004  -4.679  1.00 62.00  ? 106 SER A OG  1 
ATOM   793  N  N   . VAL A 1 129 ? -1.530  -2.722  -5.057  1.00 73.20  ? 107 VAL A N   1 
ATOM   794  C  CA  . VAL A 1 129 ? -2.562  -2.775  -6.073  1.00 73.72  ? 107 VAL A CA  1 
ATOM   795  C  C   . VAL A 1 129 ? -3.933  -2.697  -5.432  1.00 72.67  ? 107 VAL A C   1 
ATOM   796  O  O   . VAL A 1 129 ? -4.745  -1.847  -5.805  1.00 72.70  ? 107 VAL A O   1 
ATOM   797  C  CB  . VAL A 1 129 ? -2.387  -3.994  -7.003  1.00 75.09  ? 107 VAL A CB  1 
ATOM   798  C  CG1 . VAL A 1 129 ? -3.707  -4.438  -7.622  1.00 66.75  ? 107 VAL A CG1 1 
ATOM   799  C  CG2 . VAL A 1 129 ? -1.393  -3.631  -8.087  1.00 74.89  ? 107 VAL A CG2 1 
ATOM   800  N  N   . GLU A 1 130 ? -4.158  -3.556  -4.440  1.00 71.05  ? 108 GLU A N   1 
ATOM   801  C  CA  . GLU A 1 130 ? -5.468  -3.703  -3.836  1.00 68.89  ? 108 GLU A CA  1 
ATOM   802  C  C   . GLU A 1 130 ? -5.854  -2.312  -3.386  1.00 68.15  ? 108 GLU A C   1 
ATOM   803  O  O   . GLU A 1 130 ? -7.032  -1.914  -3.425  1.00 66.90  ? 108 GLU A O   1 
ATOM   804  C  CB  . GLU A 1 130 ? -5.417  -4.677  -2.659  1.00 65.25  ? 108 GLU A CB  1 
ATOM   805  C  CG  . GLU A 1 130 ? -4.846  -6.080  -2.961  1.00 68.61  ? 108 GLU A CG  1 
ATOM   806  C  CD  . GLU A 1 130 ? -5.428  -7.210  -2.056  1.00 74.69  ? 108 GLU A CD  1 
ATOM   807  O  OE1 . GLU A 1 130 ? -6.210  -6.947  -1.102  1.00 91.34  ? 108 GLU A OE1 1 
ATOM   808  O  OE2 . GLU A 1 130 ? -5.112  -8.396  -2.310  1.00 86.15  ? 108 GLU A OE2 1 
ATOM   809  N  N   . LEU A 1 131 ? -4.834  -1.549  -3.006  1.00 69.37  ? 109 LEU A N   1 
ATOM   810  C  CA  . LEU A 1 131 ? -5.064  -0.189  -2.558  1.00 71.52  ? 109 LEU A CA  1 
ATOM   811  C  C   . LEU A 1 131 ? -5.601  0.687   -3.661  1.00 71.71  ? 109 LEU A C   1 
ATOM   812  O  O   . LEU A 1 131 ? -6.763  1.095   -3.506  1.00 75.41  ? 109 LEU A O   1 
ATOM   813  C  CB  . LEU A 1 131 ? -3.830  0.389   -1.914  1.00 73.89  ? 109 LEU A CB  1 
ATOM   814  C  CG  . LEU A 1 131 ? -3.782  -0.171  -0.495  1.00 74.42  ? 109 LEU A CG  1 
ATOM   815  C  CD1 . LEU A 1 131 ? -2.406  -0.645  -0.080  1.00 75.28  ? 109 LEU A CD1 1 
ATOM   816  C  CD2 . LEU A 1 131 ? -4.268  0.903   0.406   1.00 71.55  ? 109 LEU A CD2 1 
ATOM   817  N  N   . GLU A 1 132 ? -4.834  0.918   -4.760  1.00 65.54  ? 110 GLU A N   1 
ATOM   818  C  CA  . GLU A 1 132 ? -5.399  1.544   -5.982  1.00 61.51  ? 110 GLU A CA  1 
ATOM   819  C  C   . GLU A 1 132 ? -6.832  1.027   -6.157  1.00 63.21  ? 110 GLU A C   1 
ATOM   820  O  O   . GLU A 1 132 ? -7.748  1.825   -6.305  1.00 66.01  ? 110 GLU A O   1 
ATOM   821  C  CB  . GLU A 1 132 ? -4.534  1.415   -7.318  1.00 60.16  ? 110 GLU A CB  1 
ATOM   822  N  N   . PHE A 1 133 ? -7.063  -0.285  -6.101  1.00 63.98  ? 111 PHE A N   1 
ATOM   823  C  CA  . PHE A 1 133 ? -8.424  -0.751  -6.316  1.00 67.18  ? 111 PHE A CA  1 
ATOM   824  C  C   . PHE A 1 133 ? -9.389  -0.134  -5.268  1.00 68.98  ? 111 PHE A C   1 
ATOM   825  O  O   . PHE A 1 133 ? -10.465 0.359   -5.625  1.00 69.28  ? 111 PHE A O   1 
ATOM   826  C  CB  . PHE A 1 133 ? -8.536  -2.295  -6.360  1.00 68.22  ? 111 PHE A CB  1 
ATOM   827  C  CG  . PHE A 1 133 ? -9.993  -2.802  -6.377  1.00 74.41  ? 111 PHE A CG  1 
ATOM   828  C  CD1 . PHE A 1 133 ? -10.730 -2.932  -5.203  1.00 86.16  ? 111 PHE A CD1 1 
ATOM   829  C  CD2 . PHE A 1 133 ? -10.641 -3.098  -7.552  1.00 72.96  ? 111 PHE A CD2 1 
ATOM   830  C  CE1 . PHE A 1 133 ? -12.080 -3.392  -5.218  1.00 78.31  ? 111 PHE A CE1 1 
ATOM   831  C  CE2 . PHE A 1 133 ? -11.970 -3.547  -7.561  1.00 76.18  ? 111 PHE A CE2 1 
ATOM   832  C  CZ  . PHE A 1 133 ? -12.685 -3.687  -6.386  1.00 71.25  ? 111 PHE A CZ  1 
ATOM   833  N  N   . LEU A 1 134 ? -9.028  -0.169  -3.985  1.00 70.10  ? 112 LEU A N   1 
ATOM   834  C  CA  . LEU A 1 134 ? -9.959  0.322   -2.970  1.00 70.76  ? 112 LEU A CA  1 
ATOM   835  C  C   . LEU A 1 134 ? -10.105 1.883   -3.094  1.00 71.38  ? 112 LEU A C   1 
ATOM   836  O  O   . LEU A 1 134 ? -11.173 2.491   -2.873  1.00 72.20  ? 112 LEU A O   1 
ATOM   837  C  CB  . LEU A 1 134 ? -9.539  -0.172  -1.566  1.00 71.74  ? 112 LEU A CB  1 
ATOM   838  C  CG  . LEU A 1 134 ? -9.976  -1.545  -1.024  1.00 57.88  ? 112 LEU A CG  1 
ATOM   839  N  N   . SER A 1 135 ? -9.037  2.537   -3.496  1.00 68.46  ? 113 SER A N   1 
ATOM   840  C  CA  . SER A 1 135 ? -9.116  3.953   -3.723  1.00 70.04  ? 113 SER A CA  1 
ATOM   841  C  C   . SER A 1 135 ? -10.154 4.258   -4.795  1.00 69.69  ? 113 SER A C   1 
ATOM   842  O  O   . SER A 1 135 ? -10.487 5.406   -5.063  1.00 71.61  ? 113 SER A O   1 
ATOM   843  C  CB  . SER A 1 135 ? -7.790  4.411   -4.258  1.00 72.08  ? 113 SER A CB  1 
ATOM   844  O  OG  . SER A 1 135 ? -7.765  4.116   -5.665  1.00 82.82  ? 113 SER A OG  1 
HETATM 845  N  N   . MSE A 1 136 ? -10.597 3.238   -5.490  1.00 68.99  ? 114 MSE A N   1 
HETATM 846  C  CA  . MSE A 1 136 ? -11.612 3.483   -6.480  1.00 69.30  ? 114 MSE A CA  1 
HETATM 847  C  C   . MSE A 1 136 ? -12.935 3.009   -5.935  1.00 73.26  ? 114 MSE A C   1 
HETATM 848  O  O   . MSE A 1 136 ? -13.951 3.631   -6.164  1.00 74.32  ? 114 MSE A O   1 
HETATM 849  C  CB  . MSE A 1 136 ? -11.298 2.795   -7.808  1.00 69.87  ? 114 MSE A CB  1 
HETATM 850  C  CG  . MSE A 1 136 ? -10.236 3.478   -8.627  1.00 67.61  ? 114 MSE A CG  1 
HETATM 851  SE SE  . MSE A 1 136 ? -9.884  2.628   -10.167 1.00 58.75  ? 114 MSE A SE  1 
HETATM 852  C  CE  . MSE A 1 136 ? -11.036 3.335   -11.286 1.00 65.23  ? 114 MSE A CE  1 
ATOM   853  N  N   . ASN A 1 137 ? -12.913 1.895   -5.218  1.00 75.55  ? 115 ASN A N   1 
ATOM   854  C  CA  . ASN A 1 137 ? -14.103 1.346   -4.634  1.00 77.80  ? 115 ASN A CA  1 
ATOM   855  C  C   . ASN A 1 137 ? -13.866 1.102   -3.186  1.00 80.68  ? 115 ASN A C   1 
ATOM   856  O  O   . ASN A 1 137 ? -13.607 -0.020  -2.767  1.00 83.97  ? 115 ASN A O   1 
ATOM   857  C  CB  . ASN A 1 137 ? -14.401 0.078   -5.328  1.00 77.74  ? 115 ASN A CB  1 
ATOM   858  C  CG  . ASN A 1 137 ? -14.288 0.235   -6.785  1.00 90.69  ? 115 ASN A CG  1 
ATOM   859  O  OD1 . ASN A 1 137 ? -14.687 1.264   -7.348  1.00 102.90 ? 115 ASN A OD1 1 
ATOM   860  N  ND2 . ASN A 1 137 ? -13.731 -0.767  -7.432  1.00 104.21 ? 115 ASN A ND2 1 
ATOM   861  N  N   . PRO A 1 138 ? -13.877 2.177   -2.406  1.00 80.79  ? 116 PRO A N   1 
ATOM   862  C  CA  . PRO A 1 138 ? -13.582 2.096   -0.993  1.00 79.86  ? 116 PRO A CA  1 
ATOM   863  C  C   . PRO A 1 138 ? -14.646 1.374   -0.189  1.00 80.34  ? 116 PRO A C   1 
ATOM   864  O  O   . PRO A 1 138 ? -14.357 0.916   0.921   1.00 80.43  ? 116 PRO A O   1 
ATOM   865  C  CB  . PRO A 1 138 ? -13.527 3.544   -0.599  1.00 78.90  ? 116 PRO A CB  1 
ATOM   866  C  CG  . PRO A 1 138 ? -14.471 4.199   -1.578  1.00 84.94  ? 116 PRO A CG  1 
ATOM   867  C  CD  . PRO A 1 138 ? -14.111 3.557   -2.838  1.00 79.96  ? 116 PRO A CD  1 
ATOM   868  N  N   . GLU A 1 139 ? -15.859 1.276   -0.736  1.00 82.30  ? 117 GLU A N   1 
ATOM   869  C  CA  . GLU A 1 139 ? -16.919 0.460   -0.128  1.00 85.66  ? 117 GLU A CA  1 
ATOM   870  C  C   . GLU A 1 139 ? -16.252 -0.806  0.407   1.00 88.26  ? 117 GLU A C   1 
ATOM   871  O  O   . GLU A 1 139 ? -16.373 -1.168  1.612   1.00 92.98  ? 117 GLU A O   1 
ATOM   872  C  CB  . GLU A 1 139 ? -17.978 0.045   -1.140  1.00 83.21  ? 117 GLU A CB  1 
ATOM   873  C  CG  . GLU A 1 139 ? -18.388 1.124   -2.093  1.00 96.98  ? 117 GLU A CG  1 
ATOM   874  C  CD  . GLU A 1 139 ? -17.505 1.220   -3.342  1.00 116.13 ? 117 GLU A CD  1 
ATOM   875  O  OE1 . GLU A 1 139 ? -17.547 0.292   -4.183  1.00 124.15 ? 117 GLU A OE1 1 
ATOM   876  O  OE2 . GLU A 1 139 ? -16.801 2.245   -3.501  1.00 118.73 ? 117 GLU A OE2 1 
ATOM   877  N  N   . LEU A 1 140 ? -15.499 -1.457  -0.475  1.00 84.22  ? 118 LEU A N   1 
ATOM   878  C  CA  . LEU A 1 140 ? -14.983 -2.750  -0.143  1.00 81.41  ? 118 LEU A CA  1 
ATOM   879  C  C   . LEU A 1 140 ? -13.779 -2.797  0.798   1.00 82.46  ? 118 LEU A C   1 
ATOM   880  O  O   . LEU A 1 140 ? -13.133 -3.854  0.918   1.00 87.80  ? 118 LEU A O   1 
ATOM   881  C  CB  . LEU A 1 140 ? -14.646 -3.496  -1.395  1.00 78.28  ? 118 LEU A CB  1 
ATOM   882  C  CG  . LEU A 1 140 ? -15.743 -3.593  -2.391  1.00 77.28  ? 118 LEU A CG  1 
ATOM   883  C  CD1 . LEU A 1 140 ? -14.995 -3.689  -3.682  1.00 87.38  ? 118 LEU A CD1 1 
ATOM   884  C  CD2 . LEU A 1 140 ? -16.560 -4.853  -2.152  1.00 90.38  ? 118 LEU A CD2 1 
ATOM   885  N  N   . LEU A 1 141 ? -13.451 -1.715  1.482   1.00 77.11  ? 119 LEU A N   1 
ATOM   886  C  CA  . LEU A 1 141 ? -12.362 -1.864  2.426   1.00 74.81  ? 119 LEU A CA  1 
ATOM   887  C  C   . LEU A 1 141 ? -12.648 -2.926  3.512   1.00 75.94  ? 119 LEU A C   1 
ATOM   888  O  O   . LEU A 1 141 ? -11.792 -3.816  3.810   1.00 68.62  ? 119 LEU A O   1 
ATOM   889  C  CB  . LEU A 1 141 ? -12.043 -0.521  3.031   1.00 74.12  ? 119 LEU A CB  1 
ATOM   890  C  CG  . LEU A 1 141 ? -10.895 -0.400  4.036   1.00 69.53  ? 119 LEU A CG  1 
ATOM   891  C  CD1 . LEU A 1 141 ? -10.006 -1.648  4.176   1.00 75.36  ? 119 LEU A CD1 1 
ATOM   892  C  CD2 . LEU A 1 141 ? -10.083 0.834   3.698   1.00 58.93  ? 119 LEU A CD2 1 
ATOM   893  N  N   . SER A 1 142 ? -13.864 -2.810  4.073   1.00 82.03  ? 120 SER A N   1 
ATOM   894  C  CA  . SER A 1 142 ? -14.383 -3.707  5.103   1.00 85.86  ? 120 SER A CA  1 
ATOM   895  C  C   . SER A 1 142 ? -13.834 -5.092  4.887   1.00 87.24  ? 120 SER A C   1 
ATOM   896  O  O   . SER A 1 142 ? -13.558 -5.778  5.860   1.00 88.04  ? 120 SER A O   1 
ATOM   897  C  CB  . SER A 1 142 ? -15.906 -3.772  5.056   1.00 88.36  ? 120 SER A CB  1 
ATOM   898  N  N   . ASP A 1 143 ? -13.662 -5.467  3.606   1.00 87.62  ? 121 ASP A N   1 
ATOM   899  C  CA  . ASP A 1 143 ? -13.199 -6.801  3.165   1.00 86.75  ? 121 ASP A CA  1 
ATOM   900  C  C   . ASP A 1 143 ? -11.750 -6.955  3.326   1.00 85.39  ? 121 ASP A C   1 
ATOM   901  O  O   . ASP A 1 143 ? -11.293 -7.767  4.115   1.00 86.36  ? 121 ASP A O   1 
ATOM   902  C  CB  . ASP A 1 143 ? -13.426 -7.003  1.686   1.00 85.20  ? 121 ASP A CB  1 
ATOM   903  C  CG  . ASP A 1 143 ? -14.785 -7.544  1.372   1.00 100.13 ? 121 ASP A CG  1 
ATOM   904  O  OD1 . ASP A 1 143 ? -15.774 -7.190  2.075   1.00 116.94 ? 121 ASP A OD1 1 
ATOM   905  O  OD2 . ASP A 1 143 ? -14.870 -8.326  0.391   1.00 118.24 ? 121 ASP A OD2 1 
ATOM   906  N  N   . PHE A 1 144 ? -11.025 -6.163  2.542   1.00 86.27  ? 122 PHE A N   1 
ATOM   907  C  CA  . PHE A 1 144 ? -9.573  -6.346  2.360   1.00 82.70  ? 122 PHE A CA  1 
ATOM   908  C  C   . PHE A 1 144 ? -8.793  -5.968  3.716   1.00 83.69  ? 122 PHE A C   1 
ATOM   909  O  O   . PHE A 1 144 ? -7.585  -6.256  3.866   1.00 81.05  ? 122 PHE A O   1 
ATOM   910  C  CB  . PHE A 1 144 ? -9.064  -5.727  0.969   1.00 80.86  ? 122 PHE A CB  1 
ATOM   911  C  CG  . PHE A 1 144 ? -9.597  -6.455  -0.339  1.00 38.74  ? 122 PHE A CG  1 
ATOM   912  N  N   . ARG A 1 145 ? -9.522  -5.458  4.733   1.00 83.75  ? 123 ARG A N   1 
ATOM   913  C  CA  . ARG A 1 145 ? -8.885  -4.899  5.972   1.00 85.79  ? 123 ARG A CA  1 
ATOM   914  C  C   . ARG A 1 145 ? -7.906  -5.695  6.861   1.00 84.42  ? 123 ARG A C   1 
ATOM   915  O  O   . ARG A 1 145 ? -6.883  -5.175  7.288   1.00 82.16  ? 123 ARG A O   1 
ATOM   916  C  CB  . ARG A 1 145 ? -9.914  -4.277  6.912   1.00 83.76  ? 123 ARG A CB  1 
ATOM   917  C  CG  . ARG A 1 145 ? -9.253  -3.656  8.179   1.00 84.41  ? 123 ARG A CG  1 
ATOM   918  C  CD  . ARG A 1 145 ? -10.281 -3.325  9.263   1.00 93.53  ? 123 ARG A CD  1 
ATOM   919  N  NE  . ARG A 1 145 ? -11.506 -2.893  8.597   1.00 127.25 ? 123 ARG A NE  1 
ATOM   920  C  CZ  . ARG A 1 145 ? -11.853 -1.625  8.377   1.00 137.82 ? 123 ARG A CZ  1 
ATOM   921  N  NH1 . ARG A 1 145 ? -11.090 -0.630  8.832   1.00 142.77 ? 123 ARG A NH1 1 
ATOM   922  N  NH2 . ARG A 1 145 ? -12.984 -1.355  7.710   1.00 142.37 ? 123 ARG A NH2 1 
ATOM   923  N  N   . ASP A 1 146 ? -8.235  -6.901  7.243   1.00 85.95  ? 124 ASP A N   1 
ATOM   924  C  CA  . ASP A 1 146 ? -7.441  -7.430  8.322   1.00 91.09  ? 124 ASP A CA  1 
ATOM   925  C  C   . ASP A 1 146 ? -6.148  -7.832  7.713   1.00 91.77  ? 124 ASP A C   1 
ATOM   926  O  O   . ASP A 1 146 ? -5.101  -7.620  8.315   1.00 94.46  ? 124 ASP A O   1 
ATOM   927  C  CB  . ASP A 1 146 ? -8.114  -8.598  9.017   1.00 94.44  ? 124 ASP A CB  1 
ATOM   928  C  CG  . ASP A 1 146 ? -9.631  -8.424  9.108   1.00 113.22 ? 124 ASP A CG  1 
ATOM   929  O  OD1 . ASP A 1 146 ? -10.142 -7.342  8.709   1.00 133.73 ? 124 ASP A OD1 1 
ATOM   930  O  OD2 . ASP A 1 146 ? -10.322 -9.369  9.566   1.00 128.46 ? 124 ASP A OD2 1 
ATOM   931  N  N   . TRP A 1 147 ? -6.204  -8.377  6.499   1.00 89.96  ? 125 TRP A N   1 
ATOM   932  C  CA  . TRP A 1 147 ? -4.971  -8.684  5.786   1.00 88.06  ? 125 TRP A CA  1 
ATOM   933  C  C   . TRP A 1 147 ? -4.125  -7.433  5.735   1.00 88.05  ? 125 TRP A C   1 
ATOM   934  O  O   . TRP A 1 147 ? -2.932  -7.456  6.104   1.00 85.58  ? 125 TRP A O   1 
ATOM   935  C  CB  . TRP A 1 147 ? -5.285  -9.242  4.405   1.00 87.61  ? 125 TRP A CB  1 
ATOM   936  C  CG  . TRP A 1 147 ? -4.661  -8.595  3.190   1.00 85.73  ? 125 TRP A CG  1 
ATOM   937  C  CD1 . TRP A 1 147 ? -5.328  -7.985  2.165   1.00 89.65  ? 125 TRP A CD1 1 
ATOM   938  C  CD2 . TRP A 1 147 ? -3.288  -8.532  2.851   1.00 81.66  ? 125 TRP A CD2 1 
ATOM   939  N  NE1 . TRP A 1 147 ? -4.455  -7.534  1.218   1.00 83.32  ? 125 TRP A NE1 1 
ATOM   940  C  CE2 . TRP A 1 147 ? -3.192  -7.852  1.614   1.00 77.76  ? 125 TRP A CE2 1 
ATOM   941  C  CE3 . TRP A 1 147 ? -2.129  -8.973  3.464   1.00 88.69  ? 125 TRP A CE3 1 
ATOM   942  C  CZ2 . TRP A 1 147 ? -1.991  -7.627  0.973   1.00 78.85  ? 125 TRP A CZ2 1 
ATOM   943  C  CZ3 . TRP A 1 147 ? -0.913  -8.730  2.817   1.00 91.64  ? 125 TRP A CZ3 1 
ATOM   944  C  CH2 . TRP A 1 147 ? -0.865  -8.074  1.581   1.00 83.07  ? 125 TRP A CH2 1 
ATOM   945  N  N   . PHE A 1 148 ? -4.796  -6.336  5.340   1.00 87.51  ? 126 PHE A N   1 
ATOM   946  C  CA  . PHE A 1 148 ? -4.211  -4.982  5.275   1.00 82.69  ? 126 PHE A CA  1 
ATOM   947  C  C   . PHE A 1 148 ? -3.679  -4.589  6.665   1.00 81.28  ? 126 PHE A C   1 
ATOM   948  O  O   . PHE A 1 148 ? -3.553  -3.431  6.963   1.00 83.45  ? 126 PHE A O   1 
ATOM   949  C  CB  . PHE A 1 148 ? -5.245  -3.942  4.732   1.00 76.51  ? 126 PHE A CB  1 
ATOM   950  C  CG  . PHE A 1 148 ? -5.306  -3.831  3.200   1.00 70.40  ? 126 PHE A CG  1 
ATOM   951  C  CD1 . PHE A 1 148 ? -4.840  -4.835  2.353   1.00 58.94  ? 126 PHE A CD1 1 
ATOM   952  C  CD2 . PHE A 1 148 ? -5.862  -2.724  2.601   1.00 59.09  ? 126 PHE A CD2 1 
ATOM   953  N  N   . LEU A 1 149 ? -3.346  -5.542  7.513   1.00 78.54  ? 127 LEU A N   1 
ATOM   954  C  CA  . LEU A 1 149 ? -3.273  -5.173  8.874   1.00 80.47  ? 127 LEU A CA  1 
ATOM   955  C  C   . LEU A 1 149 ? -2.349  -6.052  9.592   1.00 84.41  ? 127 LEU A C   1 
ATOM   956  O  O   . LEU A 1 149 ? -1.446  -5.554  10.253  1.00 84.58  ? 127 LEU A O   1 
ATOM   957  C  CB  . LEU A 1 149 ? -4.639  -5.288  9.502   1.00 80.50  ? 127 LEU A CB  1 
ATOM   958  C  CG  . LEU A 1 149 ? -5.021  -3.997  10.182  1.00 80.58  ? 127 LEU A CG  1 
ATOM   959  C  CD1 . LEU A 1 149 ? -6.251  -4.201  10.997  1.00 88.66  ? 127 LEU A CD1 1 
ATOM   960  C  CD2 . LEU A 1 149 ? -3.903  -3.518  11.043  1.00 79.37  ? 127 LEU A CD2 1 
ATOM   961  N  N   . GLU A 1 150 ? -2.596  -7.363  9.498   1.00 88.90  ? 128 GLU A N   1 
ATOM   962  C  CA  . GLU A 1 150 ? -1.608  -8.365  9.901   1.00 92.03  ? 128 GLU A CA  1 
ATOM   963  C  C   . GLU A 1 150 ? -0.340  -7.885  9.182   1.00 94.33  ? 128 GLU A C   1 
ATOM   964  O  O   . GLU A 1 150 ? 0.751   -7.820  9.748   1.00 96.16  ? 128 GLU A O   1 
ATOM   965  C  CB  . GLU A 1 150 ? -2.034  -9.793  9.485   1.00 90.95  ? 128 GLU A CB  1 
ATOM   966  N  N   . PHE A 1 151 ? -0.519  -7.450  7.945   1.00 95.14  ? 129 PHE A N   1 
ATOM   967  C  CA  . PHE A 1 151 ? 0.547   -6.800  7.231   1.00 93.86  ? 129 PHE A CA  1 
ATOM   968  C  C   . PHE A 1 151 ? 1.030   -5.576  7.967   1.00 90.33  ? 129 PHE A C   1 
ATOM   969  O  O   . PHE A 1 151 ? 2.175   -5.488  8.350   1.00 86.63  ? 129 PHE A O   1 
ATOM   970  C  CB  . PHE A 1 151 ? 0.065   -6.369  5.844   1.00 95.38  ? 129 PHE A CB  1 
ATOM   971  C  CG  . PHE A 1 151 ? 1.128   -5.670  5.058   1.00 98.78  ? 129 PHE A CG  1 
ATOM   972  C  CD1 . PHE A 1 151 ? 2.153   -6.395  4.463   1.00 101.09 ? 129 PHE A CD1 1 
ATOM   973  C  CD2 . PHE A 1 151 ? 1.150   -4.292  4.966   1.00 92.14  ? 129 PHE A CD2 1 
ATOM   974  C  CE1 . PHE A 1 151 ? 3.154   -5.746  3.773   1.00 92.61  ? 129 PHE A CE1 1 
ATOM   975  C  CE2 . PHE A 1 151 ? 2.141   -3.655  4.273   1.00 74.33  ? 129 PHE A CE2 1 
ATOM   976  C  CZ  . PHE A 1 151 ? 3.142   -4.376  3.691   1.00 84.68  ? 129 PHE A CZ  1 
ATOM   977  N  N   . ALA A 1 152 ? 0.127   -4.629  8.126   1.00 91.35  ? 130 ALA A N   1 
ATOM   978  C  CA  . ALA A 1 152 ? 0.436   -3.356  8.731   1.00 96.22  ? 130 ALA A CA  1 
ATOM   979  C  C   . ALA A 1 152 ? 1.319   -3.446  9.971   1.00 98.74  ? 130 ALA A C   1 
ATOM   980  O  O   . ALA A 1 152 ? 2.181   -2.570  10.180  1.00 98.42  ? 130 ALA A O   1 
ATOM   981  C  CB  . ALA A 1 152 ? -0.848  -2.637  9.082   1.00 98.39  ? 130 ALA A CB  1 
ATOM   982  N  N   . LYS A 1 153 ? 1.066   -4.475  10.795  1.00 100.13 ? 131 LYS A N   1 
ATOM   983  C  CA  . LYS A 1 153 ? 1.828   -4.735  12.030  1.00 100.12 ? 131 LYS A CA  1 
ATOM   984  C  C   . LYS A 1 153 ? 3.188   -5.349  11.693  1.00 99.72  ? 131 LYS A C   1 
ATOM   985  O  O   . LYS A 1 153 ? 4.212   -4.772  12.016  1.00 99.42  ? 131 LYS A O   1 
ATOM   986  C  CB  . LYS A 1 153 ? 1.032   -5.597  13.029  1.00 99.39  ? 131 LYS A CB  1 
ATOM   987  N  N   . CYS A 1 154 ? 3.207   -6.494  11.021  1.00 101.65 ? 132 CYS A N   1 
ATOM   988  C  CA  . CYS A 1 154 ? 4.448   -7.022  10.492  1.00 98.42  ? 132 CYS A CA  1 
ATOM   989  C  C   . CYS A 1 154 ? 5.395   -5.888  10.129  1.00 95.05  ? 132 CYS A C   1 
ATOM   990  O  O   . CYS A 1 154 ? 6.436   -5.780  10.731  1.00 94.09  ? 132 CYS A O   1 
ATOM   991  C  CB  . CYS A 1 154 ? 4.186   -7.875  9.256   1.00 101.54 ? 132 CYS A CB  1 
ATOM   992  S  SG  . CYS A 1 154 ? 5.686   -8.588  8.468   1.00 113.30 ? 132 CYS A SG  1 
ATOM   993  N  N   . VAL A 1 155 ? 5.058   -5.046  9.148   1.00 93.58  ? 133 VAL A N   1 
ATOM   994  C  CA  . VAL A 1 155 ? 5.971   -3.978  8.770   1.00 92.91  ? 133 VAL A CA  1 
ATOM   995  C  C   . VAL A 1 155 ? 6.268   -3.128  10.001  1.00 98.31  ? 133 VAL A C   1 
ATOM   996  O  O   . VAL A 1 155 ? 7.442   -2.914  10.308  1.00 101.48 ? 133 VAL A O   1 
ATOM   997  C  CB  . VAL A 1 155 ? 5.489   -3.121  7.614   1.00 87.11  ? 133 VAL A CB  1 
ATOM   998  N  N   . GLU A 1 156 ? 5.245   -2.682  10.745  1.00 101.91 ? 134 GLU A N   1 
ATOM   999  C  CA  . GLU A 1 156 ? 5.506   -1.813  11.927  1.00 103.70 ? 134 GLU A CA  1 
ATOM   1000 C  C   . GLU A 1 156 ? 6.595   -2.440  12.786  1.00 104.75 ? 134 GLU A C   1 
ATOM   1001 O  O   . GLU A 1 156 ? 7.590   -1.781  13.036  1.00 106.71 ? 134 GLU A O   1 
ATOM   1002 C  CB  . GLU A 1 156 ? 4.253   -1.400  12.754  1.00 102.93 ? 134 GLU A CB  1 
ATOM   1003 N  N   . GLU A 1 157 ? 6.455   -3.710  13.187  1.00 105.90 ? 135 GLU A N   1 
ATOM   1004 C  CA  . GLU A 1 157 ? 7.528   -4.392  13.966  1.00 106.48 ? 135 GLU A CA  1 
ATOM   1005 C  C   . GLU A 1 157 ? 8.796   -4.618  13.114  1.00 106.22 ? 135 GLU A C   1 
ATOM   1006 O  O   . GLU A 1 157 ? 9.874   -4.120  13.443  1.00 109.00 ? 135 GLU A O   1 
ATOM   1007 C  CB  . GLU A 1 157 ? 7.062   -5.700  14.661  1.00 105.02 ? 135 GLU A CB  1 
ATOM   1008 N  N   . LYS A 1 158 ? 8.669   -5.305  11.992  1.00 103.08 ? 136 LYS A N   1 
ATOM   1009 C  CA  . LYS A 1 158 ? 9.857   -5.766  11.329  1.00 100.34 ? 136 LYS A CA  1 
ATOM   1010 C  C   . LYS A 1 158 ? 10.807  -4.724  10.684  1.00 101.26 ? 136 LYS A C   1 
ATOM   1011 O  O   . LYS A 1 158 ? 11.767  -5.165  10.083  1.00 105.81 ? 136 LYS A O   1 
ATOM   1012 C  CB  . LYS A 1 158 ? 9.560   -6.959  10.398  1.00 98.15  ? 136 LYS A CB  1 
ATOM   1013 N  N   . SER A 1 159 ? 10.610  -3.397  10.782  1.00 99.54  ? 137 SER A N   1 
ATOM   1014 C  CA  . SER A 1 159 ? 11.706  -2.448  10.341  1.00 99.88  ? 137 SER A CA  1 
ATOM   1015 C  C   . SER A 1 159 ? 11.437  -0.962  10.168  1.00 98.70  ? 137 SER A C   1 
ATOM   1016 O  O   . SER A 1 159 ? 10.313  -0.551  9.878   1.00 97.99  ? 137 SER A O   1 
ATOM   1017 C  CB  . SER A 1 159 ? 12.466  -2.926  9.078   1.00 101.47 ? 137 SER A CB  1 
ATOM   1018 N  N   . GLU A 1 160 ? 12.547  -0.215  10.186  1.00 97.91  ? 138 GLU A N   1 
ATOM   1019 C  CA  . GLU A 1 160 ? 12.630  1.145   10.737  1.00 97.83  ? 138 GLU A CA  1 
ATOM   1020 C  C   . GLU A 1 160 ? 12.174  2.350   9.916   1.00 97.22  ? 138 GLU A C   1 
ATOM   1021 O  O   . GLU A 1 160 ? 11.298  3.082   10.374  1.00 98.96  ? 138 GLU A O   1 
ATOM   1022 C  CB  . GLU A 1 160 ? 14.035  1.404   11.321  1.00 98.81  ? 138 GLU A CB  1 
ATOM   1023 N  N   . ILE A 1 161 ? 12.751  2.620   8.749   1.00 95.72  ? 139 ILE A N   1 
ATOM   1024 C  CA  . ILE A 1 161 ? 12.315  3.833   8.039   1.00 95.92  ? 139 ILE A CA  1 
ATOM   1025 C  C   . ILE A 1 161 ? 10.790  3.724   7.902   1.00 95.83  ? 139 ILE A C   1 
ATOM   1026 O  O   . ILE A 1 161 ? 10.013  4.585   8.376   1.00 93.34  ? 139 ILE A O   1 
ATOM   1027 C  CB  . ILE A 1 161 ? 13.004  4.050   6.633   1.00 95.52  ? 139 ILE A CB  1 
ATOM   1028 C  CG1 . ILE A 1 161 ? 14.491  4.381   6.757   1.00 90.72  ? 139 ILE A CG1 1 
ATOM   1029 C  CG2 . ILE A 1 161 ? 12.350  5.210   5.888   1.00 94.58  ? 139 ILE A CG2 1 
ATOM   1030 N  N   . TYR A 1 162 ? 10.396  2.597   7.311   1.00 97.37  ? 140 TYR A N   1 
ATOM   1031 C  CA  . TYR A 1 162 ? 9.025   2.364   6.862   1.00 98.07  ? 140 TYR A CA  1 
ATOM   1032 C  C   . TYR A 1 162 ? 8.038   2.396   7.994   1.00 99.68  ? 140 TYR A C   1 
ATOM   1033 O  O   . TYR A 1 162 ? 7.003   3.038   7.888   1.00 102.45 ? 140 TYR A O   1 
ATOM   1034 C  CB  . TYR A 1 162 ? 8.907   1.090   6.013   1.00 96.30  ? 140 TYR A CB  1 
ATOM   1035 C  CG  . TYR A 1 162 ? 9.176   1.399   4.554   1.00 92.75  ? 140 TYR A CG  1 
ATOM   1036 C  CD1 . TYR A 1 162 ? 10.415  1.141   3.965   1.00 102.25 ? 140 TYR A CD1 1 
ATOM   1037 C  CD2 . TYR A 1 162 ? 8.217   2.018   3.789   1.00 78.35  ? 140 TYR A CD2 1 
ATOM   1038 C  CE1 . TYR A 1 162 ? 10.661  1.481   2.623   1.00 101.03 ? 140 TYR A CE1 1 
ATOM   1039 C  CE2 . TYR A 1 162 ? 8.438   2.350   2.485   1.00 84.51  ? 140 TYR A CE2 1 
ATOM   1040 C  CZ  . TYR A 1 162 ? 9.650   2.093   1.888   1.00 96.37  ? 140 TYR A CZ  1 
ATOM   1041 O  OH  . TYR A 1 162 ? 9.815   2.452   0.553   1.00 99.94  ? 140 TYR A OH  1 
ATOM   1042 N  N   . ALA A 1 163 ? 8.387   1.746   9.089   1.00 98.67  ? 141 ALA A N   1 
ATOM   1043 C  CA  . ALA A 1 163 ? 7.582   1.794   10.279  1.00 97.93  ? 141 ALA A CA  1 
ATOM   1044 C  C   . ALA A 1 163 ? 6.638   2.995   10.393  1.00 98.61  ? 141 ALA A C   1 
ATOM   1045 O  O   . ALA A 1 163 ? 5.438   2.783   10.634  1.00 99.75  ? 141 ALA A O   1 
ATOM   1046 C  CB  . ALA A 1 163 ? 8.449   1.752   11.442  1.00 99.65  ? 141 ALA A CB  1 
ATOM   1047 N  N   . THR A 1 164 ? 7.122   4.234   10.227  1.00 96.42  ? 142 THR A N   1 
ATOM   1048 C  CA  . THR A 1 164 ? 6.210   5.386   10.432  1.00 97.61  ? 142 THR A CA  1 
ATOM   1049 C  C   . THR A 1 164 ? 4.878   5.140   9.774   1.00 93.11  ? 142 THR A C   1 
ATOM   1050 O  O   . THR A 1 164 ? 3.821   5.096   10.378  1.00 90.73  ? 142 THR A O   1 
ATOM   1051 C  CB  . THR A 1 164 ? 6.692   6.679   9.780   1.00 98.67  ? 142 THR A CB  1 
ATOM   1052 O  OG1 . THR A 1 164 ? 8.063   6.938   10.210  1.00 117.09 ? 142 THR A OG1 1 
ATOM   1053 C  CG2 . THR A 1 164 ? 5.790   7.875   10.261  1.00 102.03 ? 142 THR A CG2 1 
ATOM   1054 N  N   . PHE A 1 165 ? 4.970   4.999   8.478   1.00 91.43  ? 143 PHE A N   1 
ATOM   1055 C  CA  . PHE A 1 165 ? 3.823   4.802   7.662   1.00 88.18  ? 143 PHE A CA  1 
ATOM   1056 C  C   . PHE A 1 165 ? 3.051   3.641   8.170   1.00 84.54  ? 143 PHE A C   1 
ATOM   1057 O  O   . PHE A 1 165 ? 1.830   3.720   8.348   1.00 83.17  ? 143 PHE A O   1 
ATOM   1058 C  CB  . PHE A 1 165 ? 4.314   4.447   6.280   1.00 88.36  ? 143 PHE A CB  1 
ATOM   1059 C  CG  . PHE A 1 165 ? 5.371   5.377   5.747   1.00 87.22  ? 143 PHE A CG  1 
ATOM   1060 C  CD1 . PHE A 1 165 ? 6.654   4.899   5.464   1.00 89.02  ? 143 PHE A CD1 1 
ATOM   1061 C  CD2 . PHE A 1 165 ? 5.079   6.714   5.496   1.00 76.00  ? 143 PHE A CD2 1 
ATOM   1062 C  CE1 . PHE A 1 165 ? 7.635   5.735   4.921   1.00 84.23  ? 143 PHE A CE1 1 
ATOM   1063 C  CE2 . PHE A 1 165 ? 6.060   7.569   4.956   1.00 82.52  ? 143 PHE A CE2 1 
ATOM   1064 C  CZ  . PHE A 1 165 ? 7.332   7.081   4.657   1.00 79.13  ? 143 PHE A CZ  1 
ATOM   1065 N  N   . ALA A 1 166 ? 3.789   2.556   8.373   1.00 82.30  ? 144 ALA A N   1 
ATOM   1066 C  CA  . ALA A 1 166 ? 3.187   1.293   8.690   1.00 84.53  ? 144 ALA A CA  1 
ATOM   1067 C  C   . ALA A 1 166 ? 2.237   1.508   9.875   1.00 87.61  ? 144 ALA A C   1 
ATOM   1068 O  O   . ALA A 1 166 ? 1.077   1.027   9.854   1.00 87.75  ? 144 ALA A O   1 
ATOM   1069 C  CB  . ALA A 1 166 ? 4.246   0.212   8.953   1.00 81.98  ? 144 ALA A CB  1 
ATOM   1070 N  N   . ARG A 1 167 ? 2.691   2.277   10.875  1.00 87.82  ? 145 ARG A N   1 
ATOM   1071 C  CA  . ARG A 1 167 ? 1.805   2.622   11.982  1.00 87.21  ? 145 ARG A CA  1 
ATOM   1072 C  C   . ARG A 1 167 ? 0.658   3.478   11.413  1.00 85.76  ? 145 ARG A C   1 
ATOM   1073 O  O   . ARG A 1 167 ? -0.384  2.944   11.075  1.00 83.77  ? 145 ARG A O   1 
ATOM   1074 C  CB  . ARG A 1 167 ? 2.566   3.242   13.165  1.00 87.60  ? 145 ARG A CB  1 
ATOM   1075 N  N   . ALA A 1 168 ? 0.874   4.778   11.248  1.00 87.61  ? 146 ALA A N   1 
ATOM   1076 C  CA  . ALA A 1 168 ? -0.020  5.663   10.457  1.00 89.48  ? 146 ALA A CA  1 
ATOM   1077 C  C   . ALA A 1 168 ? -1.096  4.962   9.605   1.00 87.52  ? 146 ALA A C   1 
ATOM   1078 O  O   . ALA A 1 168 ? -2.274  5.362   9.583   1.00 86.36  ? 146 ALA A O   1 
ATOM   1079 C  CB  . ALA A 1 168 ? 0.823   6.572   9.562   1.00 91.30  ? 146 ALA A CB  1 
ATOM   1080 N  N   . PHE A 1 169 ? -0.662  3.930   8.900   1.00 84.18  ? 147 PHE A N   1 
ATOM   1081 C  CA  . PHE A 1 169 ? -1.566  3.094   8.186   1.00 83.07  ? 147 PHE A CA  1 
ATOM   1082 C  C   . PHE A 1 169 ? -2.542  2.385   9.080   1.00 81.15  ? 147 PHE A C   1 
ATOM   1083 O  O   . PHE A 1 169 ? -3.731  2.582   8.913   1.00 77.16  ? 147 PHE A O   1 
ATOM   1084 C  CB  . PHE A 1 169 ? -0.783  2.070   7.407   1.00 85.65  ? 147 PHE A CB  1 
ATOM   1085 C  CG  . PHE A 1 169 ? -1.617  1.286   6.443   1.00 86.27  ? 147 PHE A CG  1 
ATOM   1086 C  CD1 . PHE A 1 169 ? -2.564  1.932   5.635   1.00 78.04  ? 147 PHE A CD1 1 
ATOM   1087 C  CD2 . PHE A 1 169 ? -1.441  -0.100  6.325   1.00 76.18  ? 147 PHE A CD2 1 
ATOM   1088 C  CE1 . PHE A 1 169 ? -3.311  1.206   4.725   1.00 81.16  ? 147 PHE A CE1 1 
ATOM   1089 C  CE2 . PHE A 1 169 ? -2.195  -0.854  5.413   1.00 75.53  ? 147 PHE A CE2 1 
ATOM   1090 C  CZ  . PHE A 1 169 ? -3.132  -0.213  4.612   1.00 81.80  ? 147 PHE A CZ  1 
ATOM   1091 N  N   . ARG A 1 170 ? -2.030  1.531   9.985   1.00 82.93  ? 148 ARG A N   1 
ATOM   1092 C  CA  . ARG A 1 170 ? -2.854  0.855   11.019  1.00 84.30  ? 148 ARG A CA  1 
ATOM   1093 C  C   . ARG A 1 170 ? -3.735  1.921   11.630  1.00 87.17  ? 148 ARG A C   1 
ATOM   1094 O  O   . ARG A 1 170 ? -4.952  1.910   11.416  1.00 88.59  ? 148 ARG A O   1 
ATOM   1095 C  CB  . ARG A 1 170 ? -2.000  0.137   12.080  1.00 82.41  ? 148 ARG A CB  1 
ATOM   1096 C  CG  . ARG A 1 170 ? -2.500  0.176   13.559  1.00 84.28  ? 148 ARG A CG  1 
ATOM   1097 N  N   . LYS A 1 171 ? -3.108  2.884   12.311  1.00 89.67  ? 149 LYS A N   1 
ATOM   1098 C  CA  . LYS A 1 171 ? -3.805  4.070   12.817  1.00 91.52  ? 149 LYS A CA  1 
ATOM   1099 C  C   . LYS A 1 171 ? -4.947  4.462   11.869  1.00 92.23  ? 149 LYS A C   1 
ATOM   1100 O  O   . LYS A 1 171 ? -6.098  4.645   12.297  1.00 93.06  ? 149 LYS A O   1 
ATOM   1101 C  CB  . LYS A 1 171 ? -2.828  5.227   13.019  1.00 90.62  ? 149 LYS A CB  1 
ATOM   1102 N  N   . PHE A 1 172 ? -4.644  4.514   10.578  1.00 91.76  ? 150 PHE A N   1 
ATOM   1103 C  CA  . PHE A 1 172 ? -5.675  4.771   9.583   1.00 91.34  ? 150 PHE A CA  1 
ATOM   1104 C  C   . PHE A 1 172 ? -6.860  3.812   9.551   1.00 90.38  ? 150 PHE A C   1 
ATOM   1105 O  O   . PHE A 1 172 ? -7.997  4.215   9.621   1.00 90.81  ? 150 PHE A O   1 
ATOM   1106 C  CB  . PHE A 1 172 ? -5.076  4.805   8.193   1.00 90.21  ? 150 PHE A CB  1 
ATOM   1107 C  CG  . PHE A 1 172 ? -6.095  4.765   7.114   1.00 81.94  ? 150 PHE A CG  1 
ATOM   1108 C  CD1 . PHE A 1 172 ? -6.818  5.877   6.797   1.00 83.17  ? 150 PHE A CD1 1 
ATOM   1109 C  CD2 . PHE A 1 172 ? -6.332  3.613   6.410   1.00 90.49  ? 150 PHE A CD2 1 
ATOM   1110 C  CE1 . PHE A 1 172 ? -7.774  5.858   5.757   1.00 88.90  ? 150 PHE A CE1 1 
ATOM   1111 C  CE2 . PHE A 1 172 ? -7.286  3.573   5.384   1.00 88.33  ? 150 PHE A CE2 1 
ATOM   1112 C  CZ  . PHE A 1 172 ? -8.001  4.711   5.052   1.00 85.65  ? 150 PHE A CZ  1 
ATOM   1113 N  N   . LEU A 1 173 ? -6.619  2.546   9.364   1.00 91.32  ? 151 LEU A N   1 
ATOM   1114 C  CA  . LEU A 1 173 ? -7.751  1.741   9.042   1.00 96.50  ? 151 LEU A CA  1 
ATOM   1115 C  C   . LEU A 1 173 ? -8.342  1.254   10.354  1.00 105.97 ? 151 LEU A C   1 
ATOM   1116 O  O   . LEU A 1 173 ? -9.443  0.677   10.398  1.00 105.97 ? 151 LEU A O   1 
ATOM   1117 C  CB  . LEU A 1 173 ? -7.322  0.629   8.101   1.00 93.20  ? 151 LEU A CB  1 
ATOM   1118 C  CG  . LEU A 1 173 ? -6.061  -0.050  8.604   1.00 80.73  ? 151 LEU A CG  1 
ATOM   1119 C  CD1 . LEU A 1 173 ? -6.447  -1.386  9.139   1.00 85.37  ? 151 LEU A CD1 1 
ATOM   1120 C  CD2 . LEU A 1 173 ? -5.124  -0.239  7.521   1.00 57.54  ? 151 LEU A CD2 1 
ATOM   1121 N  N   . GLU A 1 174 ? -7.597  1.518   11.431  1.00 117.15 ? 152 GLU A N   1 
ATOM   1122 C  CA  . GLU A 1 174 ? -8.072  1.243   12.802  1.00 127.52 ? 152 GLU A CA  1 
ATOM   1123 C  C   . GLU A 1 174 ? -9.241  2.193   13.149  1.00 134.14 ? 152 GLU A C   1 
ATOM   1124 O  O   . GLU A 1 174 ? -10.170 1.787   13.869  1.00 136.74 ? 152 GLU A O   1 
ATOM   1125 C  CB  . GLU A 1 174 ? -6.934  1.290   13.860  1.00 127.08 ? 152 GLU A CB  1 
ATOM   1126 N  N   . LYS A 1 175 ? -9.209  3.427   12.616  1.00 138.31 ? 153 LYS A N   1 
ATOM   1127 C  CA  . LYS A 1 175 ? -10.343 4.380   12.727  1.00 141.45 ? 153 LYS A CA  1 
ATOM   1128 C  C   . LYS A 1 175 ? -11.610 3.902   11.982  1.00 143.53 ? 153 LYS A C   1 
ATOM   1129 O  O   . LYS A 1 175 ? -12.729 3.942   12.521  1.00 145.56 ? 153 LYS A O   1 
ATOM   1130 C  CB  . LYS A 1 175 ? -9.946  5.789   12.246  1.00 140.71 ? 153 LYS A CB  1 
# 
